data_5VVD
#
_entry.id   5VVD
#
_cell.length_a   59.335
_cell.length_b   153.135
_cell.length_c   109.241
_cell.angle_alpha   90.00
_cell.angle_beta   90.78
_cell.angle_gamma   90.00
#
_symmetry.space_group_name_H-M   'P 1 21 1'
#
loop_
_entity.id
_entity.type
_entity.pdbx_description
1 polymer 'Nitric oxide synthase, endothelial'
2 non-polymer 'PROTOPORPHYRIN IX CONTAINING FE'
3 non-polymer 5,6,7,8-TETRAHYDROBIOPTERIN
4 non-polymer 4-(2-{[(2-amino-4-methylquinolin-7-yl)methyl]amino}ethyl)benzonitrile
5 non-polymer 2-[BIS-(2-HYDROXY-ETHYL)-AMINO]-2-HYDROXYMETHYL-PROPANE-1,3-DIOL
6 non-polymer 'ZINC ION'
7 non-polymer GLYCEROL
8 non-polymer 'CHLORIDE ION'
9 non-polymer 'GADOLINIUM ATOM'
10 water water
#
_entity_poly.entity_id   1
_entity_poly.type   'polypeptide(L)'
_entity_poly.pdbx_seq_one_letter_code
;APASLLPPAPEHSPPSSPLTQPPEGPKFPRVKNWEVGSITYDTLSAQAQQDGPCTPRRCLGSLVFPRKLQGRPSPGPPAP
EQLLSQARDFINQYYSSIKRSGSQAHEQRLQEVEAEVAATGTYQLRESELVFGAKQAWRNAPRCVGRIQWGKLQVFDARD
CRSAQEMFTYICNHIKYATNRGNLRSAITVFPQRCPGRGDFRIWNSQLVRYAGYRQQDGSVRGDPANVEITELCIQHGWT
PGNGRFDVLPLLLQAPDEPPELFLLPPELVLEVPLEHPTLEWFAALGLRWYALPAVSNMLLEIGGLEFPAAPFSGWYMST
EIGTRNLCDPHRYNILEDVAVCMDLDTRTTSSLWKDKAAVEINVAVLHSYQLAKVTIVDHHAATASFMKHLENEQKARGG
CPADWAWIVPPISGSLTPVFHQEMVNYFLSPAFRYQPDPW
;
_entity_poly.pdbx_strand_id   A,B,C,D
#
loop_
_chem_comp.id
_chem_comp.type
_chem_comp.name
_chem_comp.formula
9OG non-polymer 4-(2-{[(2-amino-4-methylquinolin-7-yl)methyl]amino}ethyl)benzonitrile 'C20 H20 N4'
BTB non-polymer 2-[BIS-(2-HYDROXY-ETHYL)-AMINO]-2-HYDROXYMETHYL-PROPANE-1,3-DIOL 'C8 H19 N O5'
CL non-polymer 'CHLORIDE ION' 'Cl -1'
GD non-polymer 'GADOLINIUM ATOM' Gd
GOL non-polymer GLYCEROL 'C3 H8 O3'
H4B non-polymer 5,6,7,8-TETRAHYDROBIOPTERIN 'C9 H15 N5 O3'
HEM non-polymer 'PROTOPORPHYRIN IX CONTAINING FE' 'C34 H32 Fe N4 O4'
ZN non-polymer 'ZINC ION' 'Zn 2'
#
# COMPACT_ATOMS: atom_id res chain seq x y z
N PHE A 28 32.97 38.36 4.36
CA PHE A 28 31.71 37.97 3.70
C PHE A 28 31.38 36.51 3.95
N PRO A 29 30.19 36.24 4.52
CA PRO A 29 29.80 34.88 4.97
C PRO A 29 29.75 33.83 3.85
N ARG A 30 30.47 32.73 4.07
CA ARG A 30 30.46 31.53 3.21
C ARG A 30 29.18 30.70 3.44
N VAL A 31 28.36 30.60 2.40
CA VAL A 31 27.09 29.88 2.50
C VAL A 31 27.09 28.64 1.62
N LYS A 32 26.94 27.48 2.23
CA LYS A 32 27.00 26.24 1.48
C LYS A 32 25.63 25.60 1.33
N ASN A 33 25.41 24.96 0.19
CA ASN A 33 24.28 24.06 0.03
C ASN A 33 24.74 22.62 0.18
N TRP A 34 24.14 21.89 1.10
CA TRP A 34 24.64 20.55 1.39
C TRP A 34 23.96 19.44 0.57
N GLU A 35 23.01 19.79 -0.28
CA GLU A 35 22.43 18.78 -1.16
C GLU A 35 23.31 18.67 -2.39
N VAL A 36 23.90 19.80 -2.77
CA VAL A 36 24.67 19.90 -4.01
C VAL A 36 26.18 20.13 -3.78
N GLY A 37 26.53 21.05 -2.88
CA GLY A 37 27.91 21.37 -2.60
C GLY A 37 28.33 22.72 -3.14
N SER A 38 27.33 23.49 -3.57
CA SER A 38 27.60 24.81 -4.12
C SER A 38 27.86 25.81 -3.00
N ILE A 39 28.72 26.78 -3.28
CA ILE A 39 29.12 27.78 -2.32
C ILE A 39 28.81 29.18 -2.86
N THR A 40 28.12 30.01 -2.07
CA THR A 40 27.96 31.42 -2.40
C THR A 40 28.43 32.31 -1.24
N TYR A 41 28.84 33.53 -1.58
CA TYR A 41 29.19 34.52 -0.57
C TYR A 41 28.13 35.62 -0.53
N ASP A 42 27.58 35.85 0.66
CA ASP A 42 26.53 36.86 0.84
C ASP A 42 27.14 38.23 1.04
N THR A 43 27.43 38.92 -0.06
CA THR A 43 27.97 40.28 0.00
C THR A 43 26.91 41.29 0.41
N LEU A 44 25.65 40.89 0.36
CA LEU A 44 24.53 41.78 0.63
C LEU A 44 24.37 42.03 2.13
N SER A 45 24.83 41.09 2.94
CA SER A 45 24.70 41.21 4.39
C SER A 45 25.47 42.43 4.93
N ALA A 46 26.37 42.96 4.12
CA ALA A 46 27.25 44.07 4.52
C ALA A 46 26.54 45.42 4.54
N GLN A 47 25.40 45.48 3.86
CA GLN A 47 24.56 46.67 3.81
C GLN A 47 23.45 46.58 4.88
N ALA A 48 23.50 45.52 5.68
CA ALA A 48 22.48 45.26 6.70
C ALA A 48 22.69 46.11 7.94
N GLN A 49 22.06 47.28 8.00
CA GLN A 49 22.51 48.28 8.96
C GLN A 49 21.72 48.34 10.28
N GLN A 50 20.48 47.87 10.31
CA GLN A 50 19.80 47.76 11.60
C GLN A 50 20.12 46.40 12.21
N ASP A 51 20.46 46.38 13.50
CA ASP A 51 20.98 45.19 14.15
C ASP A 51 19.89 44.28 14.76
N GLY A 52 20.06 42.98 14.55
CA GLY A 52 19.16 41.96 15.10
C GLY A 52 19.58 41.51 16.49
N PRO A 53 18.97 40.42 16.97
CA PRO A 53 19.06 40.02 18.39
C PRO A 53 20.28 39.22 18.79
N CYS A 54 21.07 38.72 17.84
CA CYS A 54 22.19 37.81 18.14
C CYS A 54 23.54 38.51 18.43
N THR A 55 24.37 37.84 19.24
CA THR A 55 25.73 38.29 19.58
C THR A 55 26.75 37.15 19.47
N PRO A 56 28.06 37.46 19.46
CA PRO A 56 29.06 36.39 19.51
C PRO A 56 28.82 35.36 20.62
N ARG A 57 28.28 35.80 21.76
CA ARG A 57 28.12 34.93 22.92
C ARG A 57 26.90 34.00 22.88
N ARG A 58 25.79 34.45 22.29
CA ARG A 58 24.54 33.66 22.27
C ARG A 58 23.89 33.78 20.91
N CYS A 59 22.97 32.87 20.59
CA CYS A 59 22.17 33.01 19.38
C CYS A 59 20.69 33.03 19.74
N LEU A 60 19.95 34.01 19.21
CA LEU A 60 18.53 34.13 19.51
C LEU A 60 17.68 34.13 18.25
N GLY A 61 18.18 33.52 17.19
CA GLY A 61 17.46 33.44 15.93
C GLY A 61 16.15 32.68 15.95
N SER A 62 15.87 31.98 17.06
CA SER A 62 14.63 31.22 17.19
C SER A 62 13.56 32.06 17.88
N LEU A 63 13.93 33.23 18.35
CA LEU A 63 12.96 34.14 18.97
C LEU A 63 11.98 34.64 17.92
N VAL A 64 10.69 34.57 18.24
CA VAL A 64 9.66 35.06 17.32
C VAL A 64 9.74 36.58 17.22
N PHE A 65 9.73 37.23 18.38
CA PHE A 65 9.95 38.66 18.46
C PHE A 65 11.35 38.98 18.96
N PRO A 66 12.24 39.40 18.05
CA PRO A 66 13.40 40.10 18.58
C PRO A 66 12.92 41.46 19.07
N ARG A 67 12.13 41.48 20.14
CA ARG A 67 11.32 42.67 20.40
C ARG A 67 11.92 43.60 21.44
N LYS A 68 12.41 44.70 20.91
CA LYS A 68 12.42 45.96 21.61
C LYS A 68 11.00 46.50 21.42
N LEU A 69 10.53 46.42 20.17
CA LEU A 69 9.14 46.71 19.82
C LEU A 69 8.70 48.10 20.26
N ALA A 79 13.40 63.34 14.75
CA ALA A 79 14.07 64.60 14.41
C ALA A 79 14.48 64.60 12.93
N PRO A 80 14.91 65.76 12.39
CA PRO A 80 15.41 65.75 11.01
C PRO A 80 16.66 64.87 10.83
N GLU A 81 17.56 64.91 11.81
CA GLU A 81 18.72 64.03 11.91
C GLU A 81 19.03 63.14 10.70
N GLN A 82 18.54 61.90 10.76
CA GLN A 82 18.88 60.87 9.79
C GLN A 82 17.62 60.30 9.15
N LEU A 83 16.46 60.88 9.47
CA LEU A 83 15.26 60.69 8.64
C LEU A 83 15.66 61.11 7.24
N LEU A 84 16.33 62.27 7.19
CA LEU A 84 17.07 62.72 6.03
C LEU A 84 17.89 61.59 5.43
N SER A 85 18.85 61.08 6.20
CA SER A 85 19.80 60.07 5.75
C SER A 85 19.14 58.73 5.42
N GLN A 86 18.01 58.46 6.07
CA GLN A 86 17.20 57.29 5.73
C GLN A 86 16.51 57.51 4.39
N ALA A 87 16.30 58.76 4.01
CA ALA A 87 15.60 59.05 2.76
C ALA A 87 16.55 59.10 1.56
N ARG A 88 17.79 59.55 1.81
CA ARG A 88 18.73 59.79 0.74
C ARG A 88 19.22 58.48 0.08
N ASP A 89 19.38 57.42 0.86
CA ASP A 89 19.84 56.16 0.30
C ASP A 89 18.67 55.36 -0.26
N PHE A 90 17.49 55.56 0.32
CA PHE A 90 16.31 54.97 -0.30
C PHE A 90 16.13 55.55 -1.68
N ILE A 91 16.19 56.88 -1.76
CA ILE A 91 16.05 57.58 -3.04
C ILE A 91 17.08 57.07 -4.05
N ASN A 92 18.31 56.91 -3.59
CA ASN A 92 19.43 56.53 -4.45
C ASN A 92 19.37 55.06 -4.83
N GLN A 93 18.89 54.24 -3.89
CA GLN A 93 18.59 52.84 -4.15
C GLN A 93 17.57 52.77 -5.29
N TYR A 94 16.57 53.64 -5.22
CA TYR A 94 15.54 53.72 -6.25
C TYR A 94 16.08 54.11 -7.62
N TYR A 95 17.01 55.06 -7.66
CA TYR A 95 17.50 55.54 -8.95
C TYR A 95 18.53 54.61 -9.55
N SER A 96 19.27 53.91 -8.70
CA SER A 96 20.15 52.85 -9.19
CA SER A 96 20.14 52.83 -9.17
C SER A 96 19.29 51.74 -9.78
N SER A 97 18.17 51.45 -9.14
CA SER A 97 17.24 50.41 -9.60
C SER A 97 16.67 50.71 -10.99
N ILE A 98 16.36 51.97 -11.27
CA ILE A 98 15.90 52.34 -12.61
C ILE A 98 17.04 52.94 -13.41
N LYS A 99 18.18 52.27 -13.35
CA LYS A 99 19.52 52.73 -13.81
C LYS A 99 19.61 54.19 -14.28
N ARG A 100 19.35 55.09 -13.35
CA ARG A 100 19.50 56.52 -13.62
C ARG A 100 20.05 57.20 -12.36
N SER A 101 20.88 56.46 -11.62
CA SER A 101 21.60 57.01 -10.47
C SER A 101 22.75 57.87 -10.93
N GLY A 102 23.00 58.96 -10.22
CA GLY A 102 24.10 59.85 -10.55
C GLY A 102 23.87 60.65 -11.81
N SER A 103 22.86 60.25 -12.59
CA SER A 103 22.51 60.94 -13.82
C SER A 103 21.95 62.32 -13.50
N GLN A 104 21.30 62.95 -14.47
CA GLN A 104 20.61 64.18 -14.16
C GLN A 104 19.38 63.83 -13.32
N ALA A 105 18.25 63.51 -13.95
CA ALA A 105 17.03 62.99 -13.28
C ALA A 105 17.13 62.71 -11.76
N HIS A 106 18.19 62.02 -11.35
CA HIS A 106 18.53 61.81 -9.94
C HIS A 106 18.75 63.14 -9.19
N GLU A 107 19.21 64.15 -9.94
CA GLU A 107 19.31 65.55 -9.51
C GLU A 107 18.37 65.97 -8.39
N GLN A 108 17.27 66.53 -8.87
CA GLN A 108 16.31 67.30 -8.12
C GLN A 108 15.58 66.50 -7.05
N ARG A 109 15.35 65.22 -7.34
CA ARG A 109 14.66 64.34 -6.41
C ARG A 109 15.49 64.34 -5.13
N LEU A 110 16.76 63.99 -5.23
CA LEU A 110 17.65 64.20 -4.10
C LEU A 110 17.60 65.67 -3.71
N GLN A 111 17.77 66.54 -4.71
CA GLN A 111 18.04 67.96 -4.49
C GLN A 111 16.86 68.77 -3.97
N GLU A 112 15.90 68.08 -3.36
CA GLU A 112 15.19 68.53 -2.16
C GLU A 112 13.97 67.66 -1.85
N VAL A 113 14.30 66.41 -1.50
CA VAL A 113 13.52 65.67 -0.53
C VAL A 113 13.70 66.43 0.78
N GLU A 114 14.85 67.07 0.92
CA GLU A 114 15.18 67.74 2.18
C GLU A 114 14.50 69.11 2.42
N ALA A 115 13.99 69.79 1.38
CA ALA A 115 13.19 71.01 1.65
C ALA A 115 11.85 70.62 2.24
N GLU A 116 11.26 69.57 1.68
CA GLU A 116 10.10 68.94 2.27
C GLU A 116 10.36 68.67 3.75
N VAL A 117 11.52 68.12 4.07
CA VAL A 117 11.89 67.83 5.45
C VAL A 117 12.19 69.12 6.22
N ALA A 118 12.99 70.01 5.62
CA ALA A 118 13.30 71.30 6.24
C ALA A 118 12.06 72.07 6.64
N ALA A 119 11.14 72.24 5.70
CA ALA A 119 9.92 73.01 5.90
C ALA A 119 8.96 72.38 6.91
N THR A 120 8.53 71.14 6.64
CA THR A 120 7.45 70.49 7.41
C THR A 120 7.86 69.29 8.27
N GLY A 121 9.13 68.89 8.23
CA GLY A 121 9.62 67.84 9.10
C GLY A 121 9.56 66.44 8.53
N THR A 122 8.81 66.29 7.46
CA THR A 122 8.67 64.99 6.79
C THR A 122 8.58 65.21 5.30
N TYR A 123 8.63 64.14 4.52
CA TYR A 123 8.44 64.26 3.09
C TYR A 123 7.37 63.28 2.63
N GLN A 124 6.90 63.43 1.39
CA GLN A 124 5.93 62.51 0.83
C GLN A 124 6.58 61.77 -0.34
N LEU A 125 6.28 60.48 -0.49
CA LEU A 125 6.82 59.71 -1.60
C LEU A 125 5.94 59.87 -2.84
N ARG A 126 6.55 60.17 -3.98
CA ARG A 126 5.80 60.13 -5.23
C ARG A 126 5.47 58.66 -5.53
N GLU A 127 4.38 58.44 -6.25
CA GLU A 127 3.77 57.11 -6.32
C GLU A 127 4.71 56.00 -6.81
N SER A 128 5.64 56.32 -7.71
CA SER A 128 6.53 55.29 -8.23
C SER A 128 7.39 54.75 -7.10
N GLU A 129 7.80 55.65 -6.22
CA GLU A 129 8.64 55.31 -5.08
C GLU A 129 7.90 54.49 -4.05
N LEU A 130 6.58 54.68 -3.95
CA LEU A 130 5.78 53.94 -2.99
C LEU A 130 5.60 52.52 -3.49
N VAL A 131 5.54 52.37 -4.81
CA VAL A 131 5.44 51.05 -5.44
C VAL A 131 6.73 50.27 -5.27
N PHE A 132 7.83 50.96 -5.53
CA PHE A 132 9.17 50.40 -5.40
C PHE A 132 9.45 49.95 -3.97
N GLY A 133 9.24 50.87 -3.03
CA GLY A 133 9.41 50.59 -1.62
C GLY A 133 8.62 49.38 -1.12
N ALA A 134 7.35 49.34 -1.48
CA ALA A 134 6.48 48.24 -1.06
C ALA A 134 7.05 46.91 -1.54
N LYS A 135 7.40 46.84 -2.82
CA LYS A 135 7.98 45.63 -3.39
C LYS A 135 9.32 45.24 -2.75
N GLN A 136 10.09 46.23 -2.30
CA GLN A 136 11.40 45.95 -1.72
C GLN A 136 11.24 45.33 -0.35
N ALA A 137 10.31 45.87 0.42
CA ALA A 137 10.02 45.39 1.77
C ALA A 137 9.60 43.92 1.74
N TRP A 138 8.83 43.56 0.72
CA TRP A 138 8.47 42.16 0.54
C TRP A 138 9.72 41.36 0.19
N ARG A 139 10.50 41.89 -0.74
CA ARG A 139 11.72 41.25 -1.23
C ARG A 139 12.75 41.01 -0.11
N ASN A 140 12.73 41.90 0.88
CA ASN A 140 13.66 41.84 2.01
C ASN A 140 13.06 41.10 3.21
N ALA A 141 11.83 40.63 3.10
CA ALA A 141 11.19 39.90 4.21
C ALA A 141 11.85 38.53 4.40
N PRO A 142 12.59 38.34 5.50
CA PRO A 142 13.40 37.13 5.65
C PRO A 142 12.58 35.88 5.92
N ARG A 143 11.42 36.03 6.57
CA ARG A 143 10.62 34.88 6.93
C ARG A 143 9.64 34.43 5.86
N CYS A 144 9.53 35.21 4.78
CA CYS A 144 8.56 34.89 3.71
C CYS A 144 9.11 34.01 2.59
N VAL A 145 8.52 32.82 2.43
CA VAL A 145 8.99 31.83 1.47
C VAL A 145 8.54 32.07 0.02
N GLY A 146 7.61 32.99 -0.20
CA GLY A 146 7.04 33.15 -1.53
C GLY A 146 7.63 34.30 -2.32
N ARG A 147 8.79 34.79 -1.90
CA ARG A 147 9.36 35.99 -2.48
C ARG A 147 9.74 35.87 -3.96
N ILE A 148 9.63 34.67 -4.54
CA ILE A 148 9.83 34.54 -5.98
C ILE A 148 8.83 35.46 -6.70
N GLN A 149 7.76 35.79 -5.99
CA GLN A 149 6.67 36.61 -6.49
C GLN A 149 6.84 38.12 -6.32
N TRP A 150 7.95 38.55 -5.72
CA TRP A 150 8.01 39.90 -5.16
C TRP A 150 7.81 41.02 -6.18
N GLY A 151 8.12 40.75 -7.45
CA GLY A 151 7.89 41.73 -8.51
C GLY A 151 6.45 41.87 -9.02
N LYS A 152 5.60 40.94 -8.64
CA LYS A 152 4.18 41.02 -8.94
C LYS A 152 3.42 41.40 -7.67
N LEU A 153 3.22 42.69 -7.47
CA LEU A 153 2.51 43.19 -6.31
C LEU A 153 1.66 44.40 -6.68
N GLN A 154 0.37 44.34 -6.42
CA GLN A 154 -0.51 45.47 -6.67
C GLN A 154 -0.52 46.40 -5.47
N VAL A 155 -0.17 47.66 -5.72
CA VAL A 155 -0.12 48.68 -4.67
C VAL A 155 -1.27 49.67 -4.78
N PHE A 156 -2.10 49.74 -3.75
CA PHE A 156 -3.23 50.65 -3.73
C PHE A 156 -2.94 51.84 -2.83
N ASP A 157 -2.94 53.03 -3.42
CA ASP A 157 -2.55 54.24 -2.73
C ASP A 157 -3.70 54.84 -1.90
N ALA A 158 -3.83 54.41 -0.65
CA ALA A 158 -4.92 54.88 0.19
C ALA A 158 -4.49 56.02 1.09
N ARG A 159 -3.46 56.75 0.65
CA ARG A 159 -2.90 57.84 1.45
C ARG A 159 -3.81 59.07 1.54
N ASP A 160 -4.79 59.21 0.65
CA ASP A 160 -5.71 60.35 0.73
C ASP A 160 -6.83 60.08 1.73
N CYS A 161 -6.83 58.88 2.31
CA CYS A 161 -7.85 58.47 3.27
C CYS A 161 -7.82 59.33 4.52
N ARG A 162 -8.97 59.44 5.19
CA ARG A 162 -9.07 60.32 6.35
C ARG A 162 -10.15 59.88 7.34
N SER A 163 -11.01 58.96 6.94
CA SER A 163 -12.06 58.48 7.84
C SER A 163 -12.09 56.95 7.89
N ALA A 164 -12.68 56.42 8.96
CA ALA A 164 -12.68 54.99 9.22
C ALA A 164 -13.45 54.21 8.15
N GLN A 165 -14.53 54.82 7.66
CA GLN A 165 -15.39 54.17 6.69
C GLN A 165 -14.81 54.33 5.28
N GLU A 166 -13.96 55.33 5.11
CA GLU A 166 -13.16 55.44 3.89
C GLU A 166 -12.10 54.35 3.90
N MET A 167 -11.56 54.12 5.09
CA MET A 167 -10.61 53.04 5.27
C MET A 167 -11.31 51.73 4.98
N PHE A 168 -12.49 51.55 5.57
CA PHE A 168 -13.23 50.30 5.41
C PHE A 168 -13.61 50.06 3.94
N THR A 169 -13.73 51.14 3.18
CA THR A 169 -14.04 51.04 1.76
C THR A 169 -12.78 50.59 1.00
N TYR A 170 -11.64 51.17 1.36
CA TYR A 170 -10.36 50.78 0.75
C TYR A 170 -10.02 49.32 1.02
N ILE A 171 -10.44 48.82 2.16
CA ILE A 171 -10.17 47.42 2.55
C ILE A 171 -10.98 46.47 1.69
N CYS A 172 -12.23 46.83 1.44
CA CYS A 172 -13.16 45.97 0.72
C CYS A 172 -12.85 45.92 -0.79
N ASN A 173 -12.29 46.99 -1.34
CA ASN A 173 -11.76 46.94 -2.70
C ASN A 173 -10.59 45.96 -2.76
N HIS A 174 -9.75 46.01 -1.71
CA HIS A 174 -8.58 45.16 -1.59
C HIS A 174 -8.94 43.68 -1.61
N ILE A 175 -9.73 43.28 -0.62
CA ILE A 175 -10.27 41.92 -0.55
C ILE A 175 -10.86 41.48 -1.88
N LYS A 176 -11.70 42.33 -2.46
CA LYS A 176 -12.36 42.02 -3.71
C LYS A 176 -11.33 41.83 -4.83
N TYR A 177 -10.37 42.74 -4.93
CA TYR A 177 -9.35 42.62 -5.95
C TYR A 177 -8.43 41.43 -5.65
N ALA A 178 -8.01 41.29 -4.40
CA ALA A 178 -7.07 40.22 -4.06
C ALA A 178 -7.69 38.83 -4.22
N THR A 179 -8.94 38.66 -3.74
CA THR A 179 -9.63 37.37 -3.86
C THR A 179 -9.87 37.00 -5.31
N ASN A 180 -10.41 37.95 -6.08
CA ASN A 180 -10.53 37.80 -7.54
C ASN A 180 -11.19 36.48 -7.92
N ARG A 181 -12.24 36.12 -7.18
CA ARG A 181 -12.99 34.88 -7.40
C ARG A 181 -12.11 33.61 -7.24
N GLY A 182 -11.07 33.69 -6.42
CA GLY A 182 -10.28 32.50 -6.14
C GLY A 182 -8.98 32.42 -6.91
N ASN A 183 -8.86 33.19 -7.98
CA ASN A 183 -7.58 33.35 -8.66
C ASN A 183 -6.82 34.48 -8.00
N LEU A 184 -6.31 34.20 -6.81
CA LEU A 184 -5.78 35.23 -5.91
C LEU A 184 -4.64 36.03 -6.53
N ARG A 185 -4.50 37.27 -6.05
CA ARG A 185 -3.50 38.19 -6.55
C ARG A 185 -2.85 38.93 -5.39
N SER A 186 -1.52 38.92 -5.35
CA SER A 186 -0.78 39.66 -4.32
C SER A 186 -1.22 41.11 -4.33
N ALA A 187 -1.66 41.62 -3.19
CA ALA A 187 -1.97 43.05 -3.08
C ALA A 187 -1.64 43.62 -1.71
N ILE A 188 -1.32 44.91 -1.73
CA ILE A 188 -1.11 45.71 -0.52
C ILE A 188 -1.90 47.03 -0.63
N THR A 189 -2.41 47.52 0.50
CA THR A 189 -3.07 48.84 0.53
C THR A 189 -2.36 49.74 1.56
N VAL A 190 -1.82 50.86 1.10
CA VAL A 190 -1.06 51.78 1.95
C VAL A 190 -1.90 52.98 2.42
N PHE A 191 -2.10 53.08 3.73
CA PHE A 191 -2.81 54.22 4.31
C PHE A 191 -1.80 55.30 4.74
N PRO A 192 -2.27 56.51 5.10
CA PRO A 192 -1.35 57.61 5.37
C PRO A 192 -0.19 57.31 6.31
N GLN A 193 0.91 58.04 6.09
CA GLN A 193 2.06 57.91 6.94
C GLN A 193 1.87 58.66 8.25
N ARG A 194 2.17 57.95 9.34
CA ARG A 194 2.24 58.54 10.67
C ARG A 194 3.03 59.85 10.69
N CYS A 195 2.60 60.78 11.54
CA CYS A 195 3.42 61.94 11.86
C CYS A 195 3.03 62.48 13.23
N PRO A 196 4.03 62.92 14.01
CA PRO A 196 3.72 63.58 15.29
C PRO A 196 2.74 64.73 15.06
N GLY A 197 1.88 64.99 16.05
CA GLY A 197 0.86 66.01 15.91
C GLY A 197 -0.50 65.38 15.64
N ARG A 198 -0.49 64.09 15.28
CA ARG A 198 -1.71 63.34 15.01
C ARG A 198 -1.53 61.83 15.22
N GLY A 199 -2.65 61.13 15.38
CA GLY A 199 -2.62 59.70 15.64
C GLY A 199 -2.31 58.86 14.43
N ASP A 200 -2.21 57.56 14.65
CA ASP A 200 -1.92 56.59 13.60
C ASP A 200 -3.20 56.06 12.95
N PHE A 201 -3.12 55.75 11.67
CA PHE A 201 -4.06 54.82 11.08
C PHE A 201 -3.67 53.41 11.54
N ARG A 202 -4.62 52.69 12.13
CA ARG A 202 -4.34 51.35 12.63
C ARG A 202 -5.53 50.40 12.46
N ILE A 203 -5.32 49.35 11.67
CA ILE A 203 -6.24 48.21 11.63
C ILE A 203 -5.95 47.35 12.85
N TRP A 204 -7.00 46.90 13.54
CA TRP A 204 -6.81 46.26 14.84
C TRP A 204 -6.80 44.73 14.79
N ASN A 205 -7.54 44.14 13.85
CA ASN A 205 -7.46 42.70 13.66
C ASN A 205 -6.08 42.36 13.13
N SER A 206 -5.58 41.17 13.44
CA SER A 206 -4.25 40.75 13.02
C SER A 206 -4.26 40.36 11.55
N GLN A 207 -5.43 39.93 11.08
CA GLN A 207 -5.67 39.68 9.68
C GLN A 207 -7.02 40.26 9.29
N LEU A 208 -7.26 40.42 8.00
CA LEU A 208 -8.56 40.91 7.55
C LEU A 208 -9.61 39.85 7.82
N VAL A 209 -9.27 38.61 7.50
CA VAL A 209 -10.17 37.50 7.75
C VAL A 209 -9.68 36.65 8.90
N ARG A 210 -10.45 36.63 9.98
CA ARG A 210 -10.12 35.82 11.17
C ARG A 210 -11.38 35.26 11.85
N TYR A 211 -11.26 34.01 12.29
CA TYR A 211 -12.34 33.33 13.00
C TYR A 211 -12.32 33.64 14.51
N ALA A 212 -13.48 34.04 15.02
CA ALA A 212 -13.68 34.32 16.42
C ALA A 212 -13.24 33.16 17.33
N GLY A 213 -12.78 33.51 18.52
CA GLY A 213 -12.46 32.54 19.55
C GLY A 213 -13.20 32.92 20.82
N TYR A 214 -14.08 32.03 21.28
CA TYR A 214 -14.95 32.33 22.41
C TYR A 214 -14.52 31.59 23.68
N ARG A 215 -14.22 32.34 24.73
CA ARG A 215 -13.84 31.75 26.01
C ARG A 215 -15.02 30.97 26.60
N GLN A 216 -14.74 29.83 27.22
CA GLN A 216 -15.80 28.90 27.59
C GLN A 216 -16.02 28.76 29.09
N GLN A 217 -17.01 27.94 29.42
CA GLN A 217 -17.26 27.56 30.81
C GLN A 217 -15.99 26.95 31.38
N ASP A 218 -15.42 26.05 30.60
CA ASP A 218 -14.25 25.28 30.99
C ASP A 218 -12.96 26.09 31.01
N GLY A 219 -13.05 27.38 30.66
CA GLY A 219 -11.86 28.17 30.45
C GLY A 219 -11.20 27.69 29.17
N SER A 220 -11.95 26.88 28.42
CA SER A 220 -11.54 26.43 27.11
C SER A 220 -11.93 27.48 26.08
N VAL A 221 -11.81 27.12 24.82
CA VAL A 221 -12.10 28.06 23.75
C VAL A 221 -12.95 27.37 22.70
N ARG A 222 -13.89 28.12 22.13
CA ARG A 222 -14.57 27.63 20.95
C ARG A 222 -14.27 28.59 19.80
N GLY A 223 -13.78 28.02 18.69
CA GLY A 223 -13.28 28.82 17.59
C GLY A 223 -11.75 28.75 17.53
N ASP A 224 -11.14 29.85 17.11
CA ASP A 224 -9.69 29.93 17.04
C ASP A 224 -9.12 30.62 18.29
N PRO A 225 -8.35 29.88 19.10
CA PRO A 225 -7.79 30.44 20.34
C PRO A 225 -6.76 31.54 20.08
N ALA A 226 -6.17 31.54 18.89
CA ALA A 226 -5.27 32.62 18.47
C ALA A 226 -5.96 33.98 18.57
N ASN A 227 -7.26 33.99 18.30
CA ASN A 227 -8.03 35.21 18.15
C ASN A 227 -8.97 35.47 19.32
N VAL A 228 -8.64 34.85 20.45
CA VAL A 228 -9.37 35.09 21.69
C VAL A 228 -9.40 36.57 22.06
N GLU A 229 -8.24 37.22 22.07
CA GLU A 229 -8.13 38.56 22.62
C GLU A 229 -8.54 39.68 21.65
N ILE A 230 -8.91 39.33 20.41
CA ILE A 230 -9.50 40.32 19.50
C ILE A 230 -11.01 40.18 19.52
N THR A 231 -11.50 38.99 19.84
CA THR A 231 -12.93 38.72 19.81
C THR A 231 -13.72 39.55 20.82
N GLU A 232 -13.34 39.54 22.09
CA GLU A 232 -14.06 40.34 23.09
C GLU A 232 -13.81 41.84 22.89
N LEU A 233 -12.63 42.20 22.37
CA LEU A 233 -12.37 43.59 22.01
C LEU A 233 -13.37 44.02 20.93
N CYS A 234 -13.76 43.06 20.09
CA CYS A 234 -14.83 43.27 19.13
C CYS A 234 -16.20 43.22 19.80
N ILE A 235 -16.37 42.23 20.70
CA ILE A 235 -17.67 41.94 21.30
C ILE A 235 -18.34 43.17 21.89
N GLN A 236 -17.77 43.79 22.93
CA GLN A 236 -18.43 44.99 23.40
C GLN A 236 -17.67 46.24 22.99
N HIS A 237 -17.20 46.20 21.75
CA HIS A 237 -17.12 47.38 20.91
C HIS A 237 -18.35 47.31 20.03
N GLY A 238 -19.39 46.67 20.57
CA GLY A 238 -20.67 46.58 19.91
C GLY A 238 -21.01 45.21 19.37
N TRP A 239 -20.02 44.46 18.89
CA TRP A 239 -20.31 43.26 18.11
C TRP A 239 -21.17 42.24 18.83
N THR A 240 -22.21 41.81 18.14
CA THR A 240 -23.01 40.69 18.59
C THR A 240 -22.33 39.40 18.14
N PRO A 241 -21.75 38.67 19.11
CA PRO A 241 -20.97 37.47 18.79
C PRO A 241 -21.82 36.34 18.22
N GLY A 242 -21.21 35.52 17.37
CA GLY A 242 -21.87 34.34 16.83
C GLY A 242 -21.69 33.15 17.75
N ASN A 243 -22.26 32.02 17.35
CA ASN A 243 -22.26 30.82 18.18
C ASN A 243 -21.22 29.79 17.76
N GLY A 244 -20.55 30.03 16.63
CA GLY A 244 -19.87 28.97 15.93
C GLY A 244 -18.35 28.84 16.01
N ARG A 245 -17.86 27.74 15.45
CA ARG A 245 -16.45 27.45 15.32
C ARG A 245 -15.74 28.32 14.28
N PHE A 246 -16.52 28.94 13.40
CA PHE A 246 -15.94 29.58 12.23
C PHE A 246 -16.60 30.92 11.88
N ASP A 247 -16.98 31.66 12.91
CA ASP A 247 -17.60 32.96 12.72
C ASP A 247 -16.56 34.00 12.32
N VAL A 248 -16.66 34.49 11.08
CA VAL A 248 -15.75 35.52 10.61
C VAL A 248 -15.88 36.82 11.40
N LEU A 249 -14.76 37.32 11.90
CA LEU A 249 -14.75 38.49 12.78
C LEU A 249 -15.09 39.78 12.07
N PRO A 250 -15.60 40.77 12.82
CA PRO A 250 -15.73 42.13 12.30
C PRO A 250 -14.40 42.89 12.35
N LEU A 251 -14.20 43.82 11.42
CA LEU A 251 -13.00 44.64 11.42
C LEU A 251 -13.10 45.83 12.36
N LEU A 252 -12.12 45.96 13.25
CA LEU A 252 -12.03 47.13 14.09
C LEU A 252 -11.02 48.11 13.51
N LEU A 253 -11.51 49.25 13.04
CA LEU A 253 -10.66 50.21 12.35
C LEU A 253 -10.52 51.51 13.15
N GLN A 254 -9.38 52.18 12.98
CA GLN A 254 -9.05 53.35 13.78
C GLN A 254 -8.49 54.49 12.95
N ALA A 255 -9.27 55.56 12.85
CA ALA A 255 -8.80 56.78 12.23
C ALA A 255 -8.16 57.63 13.32
N PRO A 256 -7.18 58.48 12.95
CA PRO A 256 -6.31 59.23 13.88
C PRO A 256 -6.97 59.83 15.13
N ASP A 257 -6.43 59.49 16.31
CA ASP A 257 -6.82 60.10 17.58
C ASP A 257 -8.29 59.95 17.93
N GLU A 258 -9.00 59.10 17.20
CA GLU A 258 -10.40 58.81 17.45
C GLU A 258 -10.53 57.41 18.05
N PRO A 259 -11.71 57.08 18.60
CA PRO A 259 -11.96 55.70 19.04
C PRO A 259 -12.31 54.80 17.85
N PRO A 260 -12.13 53.47 17.99
CA PRO A 260 -12.31 52.56 16.85
C PRO A 260 -13.77 52.44 16.47
N GLU A 261 -14.02 51.95 15.26
CA GLU A 261 -15.38 51.67 14.84
C GLU A 261 -15.45 50.28 14.18
N LEU A 262 -16.53 49.56 14.49
CA LEU A 262 -16.72 48.19 14.05
C LEU A 262 -17.30 48.10 12.63
N PHE A 263 -16.94 47.05 11.90
CA PHE A 263 -17.46 46.81 10.55
C PHE A 263 -17.66 45.33 10.26
N LEU A 264 -18.84 44.97 9.79
CA LEU A 264 -19.09 43.60 9.36
C LEU A 264 -18.71 43.47 7.89
N LEU A 265 -17.71 42.64 7.61
CA LEU A 265 -17.42 42.28 6.23
C LEU A 265 -18.70 41.68 5.65
N PRO A 266 -19.01 41.99 4.39
CA PRO A 266 -20.15 41.27 3.81
C PRO A 266 -19.77 39.83 3.48
N PRO A 267 -20.66 38.86 3.75
CA PRO A 267 -20.42 37.43 3.59
C PRO A 267 -19.88 37.09 2.20
N GLU A 268 -20.50 37.75 1.21
CA GLU A 268 -20.11 37.63 -0.18
C GLU A 268 -18.61 37.99 -0.39
N LEU A 269 -18.07 38.83 0.46
CA LEU A 269 -16.67 39.24 0.31
C LEU A 269 -15.69 38.23 0.91
N VAL A 270 -16.12 37.49 1.92
CA VAL A 270 -15.26 36.49 2.55
C VAL A 270 -15.44 35.11 1.92
N LEU A 271 -14.52 34.78 1.01
CA LEU A 271 -14.57 33.52 0.29
C LEU A 271 -13.92 32.42 1.14
N GLU A 272 -14.64 31.32 1.35
CA GLU A 272 -14.17 30.23 2.19
C GLU A 272 -14.20 28.90 1.45
N VAL A 273 -13.44 27.95 1.96
CA VAL A 273 -13.34 26.63 1.35
C VAL A 273 -13.70 25.55 2.37
N PRO A 274 -14.78 24.80 2.09
CA PRO A 274 -15.16 23.68 2.96
C PRO A 274 -14.16 22.57 2.76
N LEU A 275 -13.76 21.87 3.82
CA LEU A 275 -12.67 20.92 3.67
C LEU A 275 -13.17 19.48 3.51
N GLU A 276 -12.76 18.87 2.40
CA GLU A 276 -13.11 17.49 2.10
CA GLU A 276 -13.10 17.50 2.10
C GLU A 276 -11.84 16.75 1.70
N HIS A 277 -11.78 15.46 2.01
CA HIS A 277 -10.63 14.64 1.66
C HIS A 277 -11.00 13.86 0.41
N PRO A 278 -10.07 13.70 -0.53
CA PRO A 278 -10.40 13.06 -1.80
C PRO A 278 -10.77 11.57 -1.71
N THR A 279 -10.53 10.90 -0.58
CA THR A 279 -10.89 9.47 -0.49
C THR A 279 -11.58 9.12 0.82
N LEU A 280 -11.17 9.76 1.91
CA LEU A 280 -11.85 9.54 3.18
C LEU A 280 -13.17 10.33 3.19
N GLU A 281 -14.26 9.66 2.84
CA GLU A 281 -15.53 10.37 2.72
C GLU A 281 -15.98 11.01 4.04
N TRP A 282 -15.64 10.41 5.18
CA TRP A 282 -16.05 10.96 6.47
C TRP A 282 -15.45 12.33 6.80
N PHE A 283 -14.34 12.70 6.16
CA PHE A 283 -13.63 13.93 6.50
C PHE A 283 -14.52 15.19 6.39
N ALA A 284 -15.33 15.28 5.33
CA ALA A 284 -16.20 16.44 5.13
C ALA A 284 -17.16 16.65 6.28
N ALA A 285 -17.61 15.56 6.87
CA ALA A 285 -18.55 15.64 7.98
C ALA A 285 -17.95 16.28 9.24
N LEU A 286 -16.62 16.32 9.31
CA LEU A 286 -15.98 17.01 10.42
C LEU A 286 -16.30 18.50 10.35
N GLY A 287 -16.77 18.93 9.17
CA GLY A 287 -17.24 20.29 8.98
C GLY A 287 -16.18 21.36 9.14
N LEU A 288 -14.99 21.12 8.60
CA LEU A 288 -13.94 22.11 8.67
C LEU A 288 -13.96 23.00 7.43
N ARG A 289 -13.65 24.28 7.64
CA ARG A 289 -13.48 25.22 6.54
C ARG A 289 -12.28 26.10 6.83
N TRP A 290 -11.74 26.74 5.80
CA TRP A 290 -10.75 27.80 6.01
C TRP A 290 -10.97 28.88 4.97
N TYR A 291 -10.68 30.14 5.31
CA TYR A 291 -10.82 31.21 4.32
C TYR A 291 -9.71 31.13 3.25
N ALA A 292 -9.83 31.97 2.24
CA ALA A 292 -8.96 31.89 1.06
C ALA A 292 -7.82 32.92 1.08
N LEU A 293 -8.05 34.04 1.76
CA LEU A 293 -7.16 35.17 1.63
C LEU A 293 -6.37 35.37 2.90
N PRO A 294 -5.07 35.05 2.86
CA PRO A 294 -4.19 35.46 3.96
C PRO A 294 -3.93 36.94 3.80
N ALA A 295 -4.34 37.76 4.75
CA ALA A 295 -4.17 39.20 4.61
C ALA A 295 -3.79 39.82 5.95
N VAL A 296 -2.49 40.03 6.15
CA VAL A 296 -1.98 40.50 7.42
C VAL A 296 -2.13 42.01 7.52
N SER A 297 -2.54 42.50 8.69
CA SER A 297 -2.95 43.89 8.80
C SER A 297 -2.54 44.57 10.09
N ASN A 298 -1.45 44.13 10.70
CA ASN A 298 -1.00 44.81 11.91
C ASN A 298 0.50 45.00 11.92
N MET A 299 1.09 44.95 10.74
CA MET A 299 2.50 45.25 10.59
C MET A 299 2.70 46.66 10.08
N LEU A 300 3.90 47.17 10.33
CA LEU A 300 4.24 48.54 10.04
C LEU A 300 5.22 48.58 8.88
N LEU A 301 4.79 49.20 7.79
CA LEU A 301 5.62 49.33 6.59
C LEU A 301 6.57 50.51 6.75
N GLU A 302 7.87 50.26 6.57
CA GLU A 302 8.87 51.32 6.61
C GLU A 302 9.52 51.50 5.25
N ILE A 303 9.36 52.69 4.69
CA ILE A 303 10.03 53.07 3.45
C ILE A 303 10.76 54.39 3.65
N GLY A 304 12.08 54.38 3.41
CA GLY A 304 12.85 55.62 3.40
C GLY A 304 12.69 56.47 4.65
N GLY A 305 12.57 55.81 5.81
CA GLY A 305 12.44 56.53 7.06
C GLY A 305 11.02 56.97 7.37
N LEU A 306 10.09 56.70 6.46
CA LEU A 306 8.68 56.95 6.72
C LEU A 306 8.03 55.66 7.21
N GLU A 307 7.17 55.77 8.21
CA GLU A 307 6.54 54.59 8.80
C GLU A 307 5.04 54.56 8.49
N PHE A 308 4.53 53.42 8.04
CA PHE A 308 3.12 53.27 7.67
C PHE A 308 2.41 52.22 8.56
N PRO A 309 1.89 52.65 9.72
CA PRO A 309 1.32 51.79 10.76
C PRO A 309 0.17 50.91 10.27
N ALA A 310 -0.62 51.43 9.33
CA ALA A 310 -1.69 50.65 8.70
C ALA A 310 -1.41 50.47 7.21
N ALA A 311 -1.01 49.26 6.84
CA ALA A 311 -0.69 49.00 5.43
C ALA A 311 -0.83 47.54 5.04
N PRO A 312 -2.07 47.00 5.08
CA PRO A 312 -2.32 45.56 4.89
C PRO A 312 -1.83 45.01 3.56
N PHE A 313 -1.31 43.78 3.59
CA PHE A 313 -0.93 43.07 2.38
C PHE A 313 -1.50 41.66 2.35
N SER A 314 -1.43 41.03 1.19
CA SER A 314 -2.01 39.72 1.01
C SER A 314 -1.43 39.04 -0.22
N GLY A 315 -1.21 37.74 -0.10
CA GLY A 315 -0.83 36.89 -1.23
C GLY A 315 -1.77 35.69 -1.23
N TRP A 316 -1.22 34.49 -1.27
CA TRP A 316 -2.05 33.29 -1.15
C TRP A 316 -1.36 32.28 -0.21
N TYR A 317 -2.12 31.29 0.26
CA TYR A 317 -1.64 30.36 1.29
C TYR A 317 -0.72 29.31 0.73
N MET A 318 0.27 28.93 1.54
CA MET A 318 0.97 27.66 1.36
C MET A 318 0.18 26.61 2.16
N SER A 319 -0.04 25.42 1.62
CA SER A 319 -0.94 24.47 2.29
C SER A 319 -0.62 24.12 3.75
N THR A 320 0.65 24.17 4.14
CA THR A 320 1.01 23.78 5.50
C THR A 320 0.56 24.78 6.57
N GLU A 321 0.37 26.03 6.17
CA GLU A 321 -0.11 27.05 7.10
C GLU A 321 -1.51 26.72 7.61
N ILE A 322 -2.30 26.08 6.74
CA ILE A 322 -3.66 25.70 7.09
C ILE A 322 -3.63 24.30 7.68
N GLY A 323 -3.11 23.37 6.90
CA GLY A 323 -3.01 21.97 7.29
C GLY A 323 -2.31 21.79 8.62
N THR A 324 -1.04 22.15 8.68
CA THR A 324 -0.28 21.84 9.88
C THR A 324 -0.42 22.86 11.02
N ARG A 325 -0.32 24.15 10.77
CA ARG A 325 -0.25 25.09 11.91
C ARG A 325 -1.61 25.51 12.41
N ASN A 326 -2.46 26.05 11.53
CA ASN A 326 -3.80 26.43 11.95
C ASN A 326 -4.63 25.26 12.49
N LEU A 327 -4.67 24.16 11.76
CA LEU A 327 -5.55 23.06 12.13
C LEU A 327 -4.94 22.13 13.19
N CYS A 328 -3.63 21.89 13.13
CA CYS A 328 -3.01 20.91 14.05
C CYS A 328 -2.28 21.43 15.30
N ASP A 329 -1.81 22.67 15.30
CA ASP A 329 -1.15 23.18 16.51
C ASP A 329 -2.06 22.99 17.73
N PRO A 330 -1.50 22.41 18.80
CA PRO A 330 -2.23 22.12 20.05
C PRO A 330 -2.88 23.34 20.66
N HIS A 331 -2.41 24.54 20.28
CA HIS A 331 -2.95 25.76 20.88
C HIS A 331 -3.81 26.50 19.86
N ARG A 332 -3.93 25.92 18.68
CA ARG A 332 -4.87 26.42 17.68
C ARG A 332 -6.11 25.53 17.68
N TYR A 333 -6.49 25.00 16.52
CA TYR A 333 -7.73 24.22 16.45
C TYR A 333 -7.55 22.81 17.01
N ASN A 334 -6.30 22.35 17.07
CA ASN A 334 -5.95 21.10 17.80
C ASN A 334 -6.75 19.87 17.35
N ILE A 335 -6.76 19.55 16.05
CA ILE A 335 -7.70 18.56 15.54
C ILE A 335 -7.09 17.21 15.25
N LEU A 336 -5.80 17.10 15.52
CA LEU A 336 -4.98 16.03 14.97
C LEU A 336 -5.44 14.67 15.49
N GLU A 337 -5.76 14.62 16.78
CA GLU A 337 -6.20 13.39 17.43
C GLU A 337 -7.54 12.92 16.86
N ASP A 338 -8.43 13.87 16.59
CA ASP A 338 -9.73 13.57 16.04
C ASP A 338 -9.65 12.86 14.70
N VAL A 339 -8.71 13.29 13.88
CA VAL A 339 -8.58 12.74 12.55
C VAL A 339 -7.93 11.35 12.63
N ALA A 340 -7.14 11.14 13.67
CA ALA A 340 -6.44 9.87 13.84
C ALA A 340 -7.45 8.77 14.16
N VAL A 341 -8.28 9.02 15.17
CA VAL A 341 -9.40 8.16 15.52
C VAL A 341 -10.28 7.74 14.32
N CYS A 342 -10.74 8.72 13.54
CA CYS A 342 -11.52 8.43 12.36
C CYS A 342 -10.75 7.58 11.35
N MET A 343 -9.43 7.80 11.25
CA MET A 343 -8.60 6.95 10.38
C MET A 343 -8.35 5.59 11.03
N ASP A 344 -8.88 5.38 12.23
CA ASP A 344 -8.70 4.12 12.96
C ASP A 344 -7.24 3.81 13.24
N LEU A 345 -6.50 4.81 13.72
CA LEU A 345 -5.08 4.65 14.04
C LEU A 345 -4.92 4.39 15.52
N ASP A 346 -3.76 3.86 15.90
CA ASP A 346 -3.49 3.55 17.29
C ASP A 346 -2.92 4.78 17.98
N THR A 347 -3.70 5.40 18.86
CA THR A 347 -3.24 6.62 19.51
C THR A 347 -2.80 6.37 20.92
N ARG A 348 -2.42 5.13 21.20
CA ARG A 348 -1.99 4.76 22.54
C ARG A 348 -0.45 4.74 22.64
N THR A 349 0.21 4.95 21.50
CA THR A 349 1.64 4.80 21.42
C THR A 349 2.25 5.65 20.30
N THR A 350 3.10 6.61 20.67
CA THR A 350 3.69 7.54 19.70
C THR A 350 4.42 6.84 18.56
N SER A 351 4.95 5.65 18.80
CA SER A 351 5.77 4.97 17.81
C SER A 351 4.98 4.46 16.60
N SER A 352 3.66 4.58 16.65
CA SER A 352 2.84 4.25 15.48
C SER A 352 2.85 5.36 14.43
N LEU A 353 3.41 6.51 14.82
CA LEU A 353 3.43 7.75 14.00
C LEU A 353 2.04 8.16 13.52
N TRP A 354 1.07 8.02 14.40
CA TRP A 354 -0.28 8.40 14.05
C TRP A 354 -0.40 9.91 13.89
N LYS A 355 0.42 10.68 14.58
CA LYS A 355 0.40 12.14 14.41
C LYS A 355 0.86 12.49 13.00
N ASP A 356 1.89 11.79 12.58
CA ASP A 356 2.49 12.05 11.31
C ASP A 356 1.50 11.70 10.22
N LYS A 357 0.82 10.57 10.38
CA LYS A 357 -0.11 10.07 9.38
C LYS A 357 -1.34 10.97 9.26
N ALA A 358 -1.89 11.35 10.41
CA ALA A 358 -3.05 12.22 10.44
C ALA A 358 -2.73 13.56 9.77
N ALA A 359 -1.59 14.15 10.11
CA ALA A 359 -1.18 15.46 9.58
C ALA A 359 -1.04 15.45 8.05
N VAL A 360 -0.41 14.41 7.51
CA VAL A 360 -0.31 14.30 6.06
C VAL A 360 -1.68 14.36 5.38
N GLU A 361 -2.66 13.64 5.95
CA GLU A 361 -3.97 13.56 5.31
C GLU A 361 -4.75 14.87 5.43
N ILE A 362 -4.73 15.47 6.61
CA ILE A 362 -5.27 16.82 6.78
C ILE A 362 -4.73 17.78 5.70
N ASN A 363 -3.44 17.66 5.42
CA ASN A 363 -2.81 18.47 4.39
C ASN A 363 -3.25 18.12 2.97
N VAL A 364 -3.36 16.83 2.69
CA VAL A 364 -3.86 16.38 1.40
C VAL A 364 -5.27 16.91 1.20
N ALA A 365 -6.00 17.03 2.30
CA ALA A 365 -7.37 17.46 2.24
C ALA A 365 -7.40 18.95 1.97
N VAL A 366 -6.45 19.69 2.54
CA VAL A 366 -6.39 21.13 2.34
C VAL A 366 -6.10 21.42 0.87
N LEU A 367 -5.08 20.79 0.35
CA LEU A 367 -4.70 20.99 -1.04
C LEU A 367 -5.86 20.63 -1.96
N HIS A 368 -6.44 19.46 -1.74
CA HIS A 368 -7.48 18.93 -2.61
C HIS A 368 -8.68 19.89 -2.67
N SER A 369 -9.18 20.25 -1.50
CA SER A 369 -10.30 21.16 -1.36
C SER A 369 -10.09 22.47 -2.10
N TYR A 370 -8.94 23.12 -1.90
CA TYR A 370 -8.68 24.41 -2.54
C TYR A 370 -8.63 24.30 -4.05
N GLN A 371 -8.13 23.18 -4.55
CA GLN A 371 -8.07 22.98 -5.99
C GLN A 371 -9.46 22.77 -6.53
N LEU A 372 -10.23 21.91 -5.86
CA LEU A 372 -11.61 21.62 -6.23
C LEU A 372 -12.42 22.90 -6.28
N ALA A 373 -12.13 23.81 -5.34
CA ALA A 373 -12.77 25.11 -5.26
C ALA A 373 -12.11 26.15 -6.16
N LYS A 374 -11.13 25.72 -6.95
CA LYS A 374 -10.39 26.63 -7.83
C LYS A 374 -9.87 27.87 -7.10
N VAL A 375 -9.44 27.68 -5.86
CA VAL A 375 -8.80 28.74 -5.09
C VAL A 375 -7.28 28.53 -5.08
N THR A 376 -6.55 29.60 -5.37
CA THR A 376 -5.08 29.53 -5.47
C THR A 376 -4.43 29.04 -4.17
N ILE A 377 -3.72 27.92 -4.26
CA ILE A 377 -2.91 27.45 -3.13
C ILE A 377 -1.59 26.83 -3.61
N VAL A 378 -0.60 26.76 -2.73
CA VAL A 378 0.66 26.14 -3.12
C VAL A 378 1.14 25.16 -2.03
N ASP A 379 1.56 23.97 -2.46
CA ASP A 379 2.10 22.97 -1.53
C ASP A 379 3.49 23.38 -1.05
N HIS A 380 4.02 22.71 -0.02
CA HIS A 380 5.30 23.16 0.54
C HIS A 380 6.50 22.75 -0.30
N HIS A 381 6.41 21.66 -1.05
CA HIS A 381 7.50 21.31 -1.97
C HIS A 381 7.65 22.30 -3.13
N ALA A 382 6.52 22.65 -3.73
CA ALA A 382 6.47 23.60 -4.83
C ALA A 382 7.00 24.97 -4.41
N ALA A 383 6.59 25.38 -3.22
CA ALA A 383 6.97 26.67 -2.67
C ALA A 383 8.49 26.74 -2.44
N THR A 384 8.99 25.80 -1.62
CA THR A 384 10.40 25.74 -1.28
C THR A 384 11.28 25.66 -2.51
N ALA A 385 10.87 24.86 -3.49
CA ALA A 385 11.68 24.73 -4.69
C ALA A 385 11.75 26.08 -5.42
N SER A 386 10.64 26.80 -5.40
CA SER A 386 10.58 28.10 -6.05
CA SER A 386 10.59 28.10 -6.05
C SER A 386 11.42 29.11 -5.26
N PHE A 387 11.61 28.84 -3.98
CA PHE A 387 12.38 29.76 -3.17
C PHE A 387 13.88 29.54 -3.34
N MET A 388 14.27 28.33 -3.73
CA MET A 388 15.66 28.09 -4.10
C MET A 388 15.99 28.91 -5.33
N LYS A 389 15.04 28.97 -6.25
CA LYS A 389 15.24 29.72 -7.49
C LYS A 389 15.31 31.21 -7.19
N HIS A 390 14.50 31.67 -6.24
CA HIS A 390 14.56 33.07 -5.81
C HIS A 390 15.95 33.41 -5.29
N LEU A 391 16.52 32.49 -4.50
CA LEU A 391 17.83 32.65 -3.89
C LEU A 391 18.93 32.85 -4.96
N GLU A 392 18.88 32.02 -5.99
CA GLU A 392 19.83 32.03 -7.07
C GLU A 392 19.70 33.30 -7.90
N ASN A 393 18.45 33.69 -8.17
CA ASN A 393 18.16 35.00 -8.77
C ASN A 393 18.78 36.12 -7.96
N GLU A 394 18.62 36.03 -6.64
CA GLU A 394 19.02 37.10 -5.73
C GLU A 394 20.53 37.18 -5.57
N GLN A 395 21.19 36.03 -5.73
CA GLN A 395 22.65 35.98 -5.70
C GLN A 395 23.21 36.84 -6.81
N LYS A 396 22.58 36.75 -7.99
CA LYS A 396 23.06 37.45 -9.16
C LYS A 396 22.74 38.93 -9.10
N ALA A 397 21.51 39.24 -8.72
CA ALA A 397 21.07 40.63 -8.63
C ALA A 397 21.81 41.38 -7.51
N ARG A 398 21.54 41.02 -6.26
CA ARG A 398 22.04 41.80 -5.12
C ARG A 398 23.12 41.11 -4.30
N GLY A 399 23.56 39.94 -4.74
CA GLY A 399 24.65 39.24 -4.07
C GLY A 399 24.30 38.69 -2.69
N GLY A 400 23.12 38.10 -2.60
CA GLY A 400 22.65 37.55 -1.34
C GLY A 400 21.17 37.78 -1.09
N CYS A 401 20.67 37.17 -0.03
CA CYS A 401 19.25 37.21 0.28
C CYS A 401 19.02 36.90 1.76
N PRO A 402 18.54 37.89 2.53
CA PRO A 402 18.18 37.66 3.92
C PRO A 402 17.07 36.63 4.08
N ALA A 403 17.37 35.53 4.75
CA ALA A 403 16.42 34.44 4.90
C ALA A 403 16.50 33.78 6.28
N ASP A 404 15.39 33.75 7.01
CA ASP A 404 15.32 33.07 8.31
C ASP A 404 15.04 31.58 8.12
N TRP A 405 16.08 30.76 8.25
CA TRP A 405 15.97 29.31 8.07
C TRP A 405 14.80 28.64 8.82
N ALA A 406 14.61 29.00 10.09
CA ALA A 406 13.57 28.39 10.91
C ALA A 406 12.15 28.63 10.37
N TRP A 407 11.95 29.75 9.67
CA TRP A 407 10.64 30.08 9.14
C TRP A 407 10.48 29.70 7.68
N ILE A 408 11.57 29.48 6.97
CA ILE A 408 11.48 29.10 5.55
C ILE A 408 11.21 27.60 5.41
N VAL A 409 11.91 26.78 6.18
CA VAL A 409 11.67 25.34 6.24
C VAL A 409 10.20 25.05 6.66
N PRO A 410 9.51 24.18 5.91
CA PRO A 410 8.10 23.88 6.25
C PRO A 410 7.96 23.07 7.53
N PRO A 411 6.84 23.23 8.26
CA PRO A 411 6.77 22.61 9.58
C PRO A 411 6.31 21.15 9.52
N ILE A 412 6.22 20.59 8.33
CA ILE A 412 6.25 19.14 8.17
C ILE A 412 7.19 18.81 7.02
N SER A 413 7.86 17.68 7.12
CA SER A 413 8.68 17.15 6.02
C SER A 413 9.81 18.11 5.61
N GLY A 414 10.28 18.92 6.55
CA GLY A 414 11.40 19.81 6.30
C GLY A 414 12.54 19.22 5.48
N SER A 415 13.17 18.15 5.97
CA SER A 415 14.38 17.65 5.32
C SER A 415 14.09 17.11 3.94
N LEU A 416 12.80 16.94 3.63
CA LEU A 416 12.37 16.45 2.32
C LEU A 416 12.36 17.57 1.26
N THR A 417 12.43 18.82 1.72
CA THR A 417 12.38 19.98 0.82
C THR A 417 13.78 20.59 0.68
N PRO A 418 14.07 21.23 -0.46
CA PRO A 418 15.44 21.68 -0.75
C PRO A 418 16.03 22.69 0.25
N VAL A 419 15.19 23.56 0.80
CA VAL A 419 15.64 24.64 1.68
C VAL A 419 16.25 24.17 2.99
N PHE A 420 16.04 22.91 3.31
CA PHE A 420 16.50 22.34 4.57
C PHE A 420 18.01 22.32 4.54
N HIS A 421 18.58 21.82 3.44
CA HIS A 421 20.01 21.59 3.36
C HIS A 421 20.75 22.79 2.81
N GLN A 422 20.10 23.95 2.86
CA GLN A 422 20.67 25.21 2.39
C GLN A 422 20.95 26.14 3.58
N GLU A 423 22.22 26.47 3.78
CA GLU A 423 22.60 27.51 4.75
C GLU A 423 22.04 28.88 4.33
N MET A 424 21.66 29.67 5.32
CA MET A 424 21.02 30.96 5.10
C MET A 424 21.59 32.00 6.05
N VAL A 425 21.58 33.25 5.61
CA VAL A 425 21.99 34.37 6.44
C VAL A 425 20.78 35.24 6.72
N ASN A 426 20.53 35.52 8.00
CA ASN A 426 19.42 36.37 8.36
C ASN A 426 19.86 37.74 8.82
N TYR A 427 19.34 38.76 8.15
CA TYR A 427 19.71 40.13 8.44
C TYR A 427 18.62 41.10 7.92
N PHE A 428 18.59 42.30 8.46
CA PHE A 428 17.51 43.26 8.24
C PHE A 428 17.94 44.33 7.25
N LEU A 429 17.36 44.31 6.05
CA LEU A 429 17.55 45.38 5.08
C LEU A 429 16.41 46.39 5.18
N SER A 430 16.49 47.48 4.43
CA SER A 430 15.35 48.37 4.30
C SER A 430 15.19 48.69 2.82
N PRO A 431 13.94 48.93 2.36
CA PRO A 431 12.65 48.96 3.05
C PRO A 431 12.25 47.63 3.69
N ALA A 432 11.40 47.66 4.71
CA ALA A 432 11.08 46.44 5.44
C ALA A 432 9.73 46.48 6.17
N PHE A 433 9.09 45.32 6.29
CA PHE A 433 7.92 45.15 7.16
C PHE A 433 8.37 44.86 8.59
N ARG A 434 7.86 45.62 9.56
CA ARG A 434 8.23 45.44 10.95
C ARG A 434 7.01 45.13 11.81
N TYR A 435 7.24 44.50 12.95
CA TYR A 435 6.18 44.34 13.96
C TYR A 435 5.95 45.67 14.67
N GLN A 436 4.91 45.73 15.49
CA GLN A 436 4.62 46.95 16.23
C GLN A 436 3.67 46.65 17.39
N PRO A 437 3.76 47.45 18.47
CA PRO A 437 2.88 47.24 19.63
C PRO A 437 1.41 47.24 19.20
N ASP A 438 0.54 46.58 19.94
CA ASP A 438 -0.88 46.61 19.60
C ASP A 438 -1.49 47.94 20.09
N PRO A 439 -2.36 48.56 19.26
CA PRO A 439 -2.82 49.95 19.46
C PRO A 439 -3.72 50.16 20.66
N TRP A 440 -3.90 49.12 21.47
CA TRP A 440 -4.59 49.25 22.75
C TRP A 440 -3.63 48.92 23.89
N LYS B 27 18.54 41.87 30.85
CA LYS B 27 19.95 41.57 30.58
C LYS B 27 20.11 40.16 30.02
N PHE B 28 19.41 39.21 30.63
CA PHE B 28 19.43 37.83 30.16
C PHE B 28 18.24 37.59 29.22
N PRO B 29 18.39 36.66 28.26
CA PRO B 29 17.35 36.41 27.24
C PRO B 29 16.00 35.91 27.79
N ARG B 30 14.92 36.56 27.35
CA ARG B 30 13.55 36.11 27.60
C ARG B 30 13.13 35.05 26.59
N VAL B 31 12.95 33.82 27.07
CA VAL B 31 12.61 32.68 26.21
C VAL B 31 11.16 32.24 26.44
N LYS B 32 10.45 31.93 25.36
CA LYS B 32 9.03 31.68 25.47
C LYS B 32 8.61 30.37 24.81
N ASN B 33 7.80 29.59 25.52
CA ASN B 33 7.14 28.46 24.89
C ASN B 33 5.81 28.94 24.32
N TRP B 34 5.62 28.73 23.03
CA TRP B 34 4.45 29.31 22.39
C TRP B 34 3.26 28.33 22.37
N GLU B 35 3.49 27.12 22.83
CA GLU B 35 2.42 26.15 22.94
C GLU B 35 1.61 26.37 24.21
N VAL B 36 2.31 26.80 25.26
CA VAL B 36 1.75 26.88 26.60
C VAL B 36 1.70 28.33 27.08
N GLY B 37 2.71 29.10 26.71
CA GLY B 37 2.74 30.52 27.07
C GLY B 37 3.64 30.78 28.25
N SER B 38 4.51 29.83 28.58
CA SER B 38 5.45 29.99 29.69
C SER B 38 6.72 30.74 29.28
N ILE B 39 7.31 31.46 30.23
CA ILE B 39 8.47 32.32 29.98
C ILE B 39 9.60 32.10 30.99
N THR B 40 10.79 31.78 30.49
CA THR B 40 11.98 31.71 31.33
C THR B 40 12.96 32.77 30.93
N TYR B 41 14.03 32.90 31.71
CA TYR B 41 15.16 33.75 31.35
C TYR B 41 16.43 32.91 31.48
N ASP B 42 17.17 32.80 30.37
CA ASP B 42 18.38 31.99 30.31
C ASP B 42 19.58 32.73 30.92
N THR B 43 19.79 32.55 32.22
CA THR B 43 20.84 33.24 32.94
C THR B 43 22.18 32.50 32.82
N LEU B 44 22.11 31.26 32.35
CA LEU B 44 23.29 30.44 32.12
C LEU B 44 24.09 30.95 30.93
N SER B 45 23.42 31.71 30.06
CA SER B 45 23.99 32.21 28.81
C SER B 45 25.17 33.17 29.02
N ALA B 46 25.07 34.07 30.00
CA ALA B 46 26.13 35.07 30.24
C ALA B 46 27.47 34.43 30.55
N GLN B 47 27.46 33.15 30.89
CA GLN B 47 28.66 32.42 31.28
C GLN B 47 29.27 31.68 30.08
N ALA B 48 28.69 31.87 28.89
CA ALA B 48 29.20 31.20 27.69
C ALA B 48 30.68 31.53 27.51
N GLN B 49 31.49 30.51 27.27
CA GLN B 49 32.95 30.64 27.38
C GLN B 49 33.68 30.88 26.04
N GLN B 50 32.99 30.63 24.93
CA GLN B 50 33.57 30.90 23.60
C GLN B 50 32.52 31.57 22.68
N ASP B 51 32.99 32.29 21.67
CA ASP B 51 32.09 32.97 20.76
C ASP B 51 31.66 32.09 19.59
N GLY B 52 30.38 32.18 19.24
CA GLY B 52 29.87 31.58 18.02
C GLY B 52 29.86 32.57 16.85
N PRO B 53 29.19 32.19 15.75
CA PRO B 53 29.30 32.85 14.43
C PRO B 53 28.46 34.11 14.27
N CYS B 54 27.57 34.37 15.21
CA CYS B 54 26.59 35.43 15.02
C CYS B 54 27.06 36.79 15.51
N THR B 55 26.50 37.83 14.90
CA THR B 55 26.74 39.22 15.28
C THR B 55 25.38 39.91 15.34
N PRO B 56 25.36 41.16 15.83
CA PRO B 56 24.16 42.00 15.74
C PRO B 56 23.67 42.25 14.33
N ARG B 57 24.53 42.13 13.33
CA ARG B 57 24.13 42.50 11.98
C ARG B 57 23.69 41.32 11.12
N ARG B 58 24.18 40.14 11.43
CA ARG B 58 23.76 38.95 10.68
C ARG B 58 23.74 37.73 11.58
N CYS B 59 22.84 36.81 11.28
CA CYS B 59 22.74 35.58 12.04
C CYS B 59 23.22 34.43 11.17
N LEU B 60 24.02 33.53 11.75
CA LEU B 60 24.53 32.37 11.02
C LEU B 60 24.27 31.07 11.76
N GLY B 61 23.22 31.05 12.57
CA GLY B 61 22.81 29.84 13.27
C GLY B 61 22.63 28.60 12.41
N SER B 62 22.31 28.80 11.14
CA SER B 62 22.10 27.67 10.24
C SER B 62 23.38 27.07 9.65
N LEU B 63 24.54 27.69 9.88
CA LEU B 63 25.78 27.09 9.42
C LEU B 63 26.02 25.77 10.17
N VAL B 64 26.38 24.74 9.43
CA VAL B 64 26.76 23.47 10.04
C VAL B 64 28.09 23.60 10.80
N PHE B 65 29.12 24.16 10.14
CA PHE B 65 30.41 24.42 10.79
C PHE B 65 30.63 25.90 11.10
N PRO B 66 30.35 26.32 12.34
CA PRO B 66 30.68 27.70 12.72
C PRO B 66 32.18 27.91 12.97
N ALA B 79 49.97 31.19 26.42
CA ALA B 79 49.37 29.86 26.43
C ALA B 79 49.15 29.32 27.86
N PRO B 80 50.18 29.33 28.73
CA PRO B 80 49.91 28.78 30.07
C PRO B 80 48.91 29.63 30.85
N GLU B 81 48.97 30.94 30.64
CA GLU B 81 48.01 31.88 31.20
C GLU B 81 46.60 31.41 30.90
N GLN B 82 46.40 31.00 29.64
CA GLN B 82 45.08 30.61 29.14
C GLN B 82 44.64 29.20 29.50
N LEU B 83 45.53 28.23 29.32
CA LEU B 83 45.26 26.85 29.75
C LEU B 83 44.89 26.83 31.23
N LEU B 84 45.51 27.71 32.00
CA LEU B 84 45.21 27.81 33.42
C LEU B 84 43.79 28.32 33.69
N SER B 85 43.38 29.40 33.01
CA SER B 85 42.11 30.03 33.34
C SER B 85 40.93 29.13 32.96
N GLN B 86 41.17 28.19 32.05
CA GLN B 86 40.14 27.21 31.71
C GLN B 86 40.11 26.09 32.75
N ALA B 87 41.29 25.57 33.10
CA ALA B 87 41.39 24.52 34.11
C ALA B 87 40.79 24.97 35.43
N ARG B 88 41.16 26.16 35.89
CA ARG B 88 40.65 26.68 37.14
C ARG B 88 39.13 26.73 37.10
N ASP B 89 38.60 26.93 35.90
CA ASP B 89 37.17 27.00 35.72
C ASP B 89 36.54 25.61 35.81
N PHE B 90 37.21 24.62 35.22
CA PHE B 90 36.76 23.24 35.29
C PHE B 90 36.77 22.71 36.73
N ILE B 91 37.89 22.91 37.41
CA ILE B 91 38.06 22.49 38.79
C ILE B 91 36.98 23.11 39.68
N ASN B 92 36.64 24.35 39.36
CA ASN B 92 35.60 25.07 40.07
C ASN B 92 34.26 24.38 39.86
N GLN B 93 34.00 24.02 38.62
CA GLN B 93 32.79 23.27 38.30
C GLN B 93 32.73 21.98 39.07
N TYR B 94 33.74 21.13 38.85
CA TYR B 94 33.79 19.81 39.45
C TYR B 94 33.54 19.84 40.96
N TYR B 95 34.18 20.78 41.62
CA TYR B 95 34.11 20.82 43.07
C TYR B 95 32.78 21.41 43.55
N SER B 96 31.97 21.86 42.61
CA SER B 96 30.64 22.36 42.96
CA SER B 96 30.64 22.37 42.93
C SER B 96 29.61 21.25 42.83
N SER B 97 29.72 20.43 41.80
CA SER B 97 28.77 19.34 41.56
C SER B 97 28.86 18.23 42.61
N ILE B 98 29.89 18.27 43.45
CA ILE B 98 29.99 17.37 44.58
C ILE B 98 29.81 18.17 45.88
N LYS B 99 29.08 19.30 45.76
CA LYS B 99 28.81 20.26 46.85
C LYS B 99 29.99 20.41 47.81
N ARG B 100 31.18 20.52 47.25
CA ARG B 100 32.42 20.62 48.01
C ARG B 100 33.18 21.87 47.55
N SER B 101 32.43 22.90 47.18
CA SER B 101 33.02 24.16 46.76
CA SER B 101 33.02 24.17 46.75
C SER B 101 33.73 24.86 47.91
N GLY B 102 35.01 25.15 47.72
CA GLY B 102 35.81 25.81 48.76
C GLY B 102 36.12 25.01 50.00
N SER B 103 36.29 23.68 49.86
CA SER B 103 36.73 22.84 50.97
C SER B 103 38.18 23.15 51.28
N GLN B 104 39.03 22.13 51.19
CA GLN B 104 40.40 22.36 50.74
C GLN B 104 40.86 21.22 49.89
N ALA B 105 40.01 20.23 49.66
CA ALA B 105 40.30 19.36 48.55
C ALA B 105 40.34 20.30 47.34
N HIS B 106 39.44 21.28 47.35
CA HIS B 106 39.28 22.24 46.25
C HIS B 106 40.53 23.11 46.04
N GLU B 107 40.92 23.89 47.04
CA GLU B 107 42.04 24.79 46.85
C GLU B 107 43.39 24.06 46.78
N GLN B 108 43.48 22.88 47.40
CA GLN B 108 44.68 22.05 47.21
C GLN B 108 44.78 21.68 45.74
N ARG B 109 43.64 21.30 45.17
CA ARG B 109 43.61 20.81 43.78
C ARG B 109 43.85 21.94 42.79
N LEU B 110 43.50 23.16 43.16
CA LEU B 110 43.82 24.30 42.30
C LEU B 110 45.34 24.50 42.22
N GLN B 111 45.99 24.72 43.34
CA GLN B 111 47.42 25.03 43.27
C GLN B 111 48.24 23.81 42.81
N GLU B 112 47.71 22.61 43.02
CA GLU B 112 48.31 21.42 42.41
C GLU B 112 48.38 21.56 40.89
N VAL B 113 47.33 22.12 40.30
CA VAL B 113 47.21 22.18 38.84
C VAL B 113 48.18 23.21 38.25
N GLU B 114 48.27 24.40 38.85
CA GLU B 114 49.18 25.41 38.29
C GLU B 114 50.63 25.04 38.57
N ALA B 115 50.86 24.30 39.64
CA ALA B 115 52.20 23.79 39.92
C ALA B 115 52.64 22.83 38.80
N GLU B 116 51.73 21.97 38.38
CA GLU B 116 52.04 20.97 37.35
C GLU B 116 52.08 21.59 35.96
N VAL B 117 51.28 22.61 35.72
CA VAL B 117 51.42 23.35 34.48
C VAL B 117 52.77 24.07 34.52
N ALA B 118 53.13 24.64 35.68
CA ALA B 118 54.42 25.31 35.82
C ALA B 118 55.55 24.35 35.47
N ALA B 119 55.46 23.14 35.98
CA ALA B 119 56.54 22.17 35.81
C ALA B 119 56.53 21.56 34.41
N THR B 120 55.36 21.17 33.93
CA THR B 120 55.29 20.36 32.71
C THR B 120 54.50 21.01 31.56
N GLY B 121 53.84 22.13 31.80
CA GLY B 121 53.12 22.81 30.73
C GLY B 121 51.69 22.34 30.51
N THR B 122 51.32 21.27 31.21
CA THR B 122 50.01 20.66 31.14
C THR B 122 49.69 20.04 32.49
N TYR B 123 48.64 19.24 32.54
CA TYR B 123 48.28 18.56 33.77
C TYR B 123 47.41 17.37 33.43
N GLN B 124 47.23 16.47 34.39
CA GLN B 124 46.47 15.24 34.18
C GLN B 124 45.19 15.26 35.00
N LEU B 125 44.08 14.86 34.39
CA LEU B 125 42.82 14.80 35.12
C LEU B 125 42.80 13.61 36.07
N ARG B 126 42.19 13.75 37.25
CA ARG B 126 41.90 12.59 38.10
C ARG B 126 40.82 11.76 37.42
N GLU B 127 40.64 10.51 37.83
CA GLU B 127 39.67 9.65 37.17
C GLU B 127 38.24 10.19 37.36
N SER B 128 37.92 10.65 38.56
CA SER B 128 36.61 11.18 38.88
CA SER B 128 36.61 11.18 38.86
C SER B 128 36.31 12.44 38.06
N GLU B 129 37.30 13.32 37.99
CA GLU B 129 37.20 14.55 37.22
C GLU B 129 36.95 14.28 35.76
N LEU B 130 37.42 13.15 35.26
CA LEU B 130 37.32 12.88 33.84
C LEU B 130 35.91 12.38 33.56
N VAL B 131 35.35 11.61 34.50
CA VAL B 131 33.99 11.12 34.37
C VAL B 131 33.01 12.30 34.42
N PHE B 132 33.25 13.23 35.33
CA PHE B 132 32.42 14.43 35.43
C PHE B 132 32.50 15.25 34.15
N GLY B 133 33.72 15.52 33.69
CA GLY B 133 33.95 16.32 32.49
C GLY B 133 33.36 15.75 31.20
N ALA B 134 33.35 14.44 31.08
CA ALA B 134 32.77 13.79 29.91
C ALA B 134 31.23 13.91 29.92
N LYS B 135 30.64 13.71 31.09
CA LYS B 135 29.21 13.94 31.26
C LYS B 135 28.83 15.36 30.90
N GLN B 136 29.56 16.32 31.47
CA GLN B 136 29.33 17.76 31.23
C GLN B 136 29.35 18.10 29.78
N ALA B 137 30.24 17.45 29.03
CA ALA B 137 30.35 17.73 27.61
C ALA B 137 29.10 17.26 26.90
N TRP B 138 28.54 16.15 27.34
CA TRP B 138 27.28 15.67 26.78
C TRP B 138 26.17 16.64 27.14
N ARG B 139 26.04 16.90 28.44
CA ARG B 139 25.10 17.88 28.96
C ARG B 139 25.09 19.20 28.16
N ASN B 140 26.29 19.63 27.76
CA ASN B 140 26.48 20.92 27.07
C ASN B 140 26.25 20.91 25.54
N ALA B 141 26.03 19.75 24.95
CA ALA B 141 25.97 19.65 23.48
C ALA B 141 24.63 20.18 22.94
N PRO B 142 24.66 21.33 22.23
CA PRO B 142 23.45 22.10 21.85
C PRO B 142 22.56 21.41 20.81
N ARG B 143 23.18 20.61 19.95
CA ARG B 143 22.48 19.90 18.90
C ARG B 143 21.95 18.50 19.25
N CYS B 144 22.07 18.07 20.52
CA CYS B 144 21.64 16.71 20.95
C CYS B 144 20.31 16.74 21.69
N VAL B 145 19.29 16.12 21.10
CA VAL B 145 17.96 15.97 21.69
C VAL B 145 17.91 14.87 22.75
N GLY B 146 19.00 14.09 22.86
CA GLY B 146 19.04 12.98 23.81
C GLY B 146 19.52 13.24 25.24
N ARG B 147 19.61 14.52 25.61
CA ARG B 147 20.36 14.88 26.81
C ARG B 147 19.69 14.61 28.15
N ILE B 148 18.45 14.12 28.13
CA ILE B 148 17.75 13.80 29.37
C ILE B 148 18.56 12.72 30.08
N GLN B 149 19.26 11.95 29.25
CA GLN B 149 20.07 10.81 29.65
C GLN B 149 21.49 11.16 30.15
N TRP B 150 21.88 12.43 30.07
CA TRP B 150 23.29 12.82 30.16
C TRP B 150 23.97 12.29 31.44
N GLY B 151 23.18 12.13 32.50
CA GLY B 151 23.67 11.60 33.74
C GLY B 151 24.14 10.15 33.70
N LYS B 152 23.52 9.35 32.84
CA LYS B 152 23.88 7.94 32.77
C LYS B 152 24.83 7.72 31.61
N LEU B 153 26.11 7.98 31.84
CA LEU B 153 27.13 7.71 30.83
C LEU B 153 28.21 6.83 31.42
N GLN B 154 28.61 5.82 30.66
CA GLN B 154 29.67 4.93 31.09
C GLN B 154 30.98 5.42 30.50
N VAL B 155 31.90 5.80 31.36
CA VAL B 155 33.18 6.33 30.88
C VAL B 155 34.29 5.31 31.01
N PHE B 156 34.83 4.91 29.86
CA PHE B 156 35.99 4.03 29.81
C PHE B 156 37.31 4.80 29.68
N ASP B 157 38.15 4.73 30.71
CA ASP B 157 39.41 5.46 30.74
C ASP B 157 40.50 4.67 30.02
N ALA B 158 40.90 5.14 28.84
CA ALA B 158 41.98 4.50 28.10
C ALA B 158 43.15 5.47 27.87
N ARG B 159 43.39 6.34 28.84
CA ARG B 159 44.49 7.30 28.71
C ARG B 159 45.86 6.65 28.83
N ASP B 160 45.91 5.34 29.04
CA ASP B 160 47.21 4.67 29.15
C ASP B 160 47.43 3.80 27.94
N CYS B 161 46.56 3.95 26.94
CA CYS B 161 46.74 3.28 25.65
C CYS B 161 48.12 3.63 25.08
N ARG B 162 48.75 2.70 24.37
CA ARG B 162 50.07 3.00 23.85
C ARG B 162 50.22 2.69 22.35
N SER B 163 49.40 1.79 21.83
CA SER B 163 49.49 1.54 20.39
C SER B 163 48.13 1.47 19.70
N ALA B 164 48.19 1.27 18.39
CA ALA B 164 47.00 1.16 17.59
C ALA B 164 46.31 -0.20 17.80
N GLN B 165 47.10 -1.22 18.08
CA GLN B 165 46.58 -2.54 18.35
C GLN B 165 45.76 -2.51 19.64
N GLU B 166 46.33 -1.91 20.70
CA GLU B 166 45.60 -1.74 21.95
C GLU B 166 44.39 -0.81 21.75
N MET B 167 44.53 0.16 20.84
CA MET B 167 43.43 1.06 20.48
C MET B 167 42.21 0.25 20.04
N PHE B 168 42.40 -0.51 18.96
CA PHE B 168 41.46 -1.52 18.48
C PHE B 168 40.76 -2.32 19.61
N THR B 169 41.56 -2.84 20.54
CA THR B 169 41.04 -3.59 21.68
C THR B 169 40.11 -2.79 22.58
N TYR B 170 40.44 -1.54 22.81
CA TYR B 170 39.60 -0.72 23.66
C TYR B 170 38.28 -0.45 22.97
N ILE B 171 38.35 -0.40 21.65
CA ILE B 171 37.21 -0.01 20.83
C ILE B 171 36.25 -1.16 20.76
N CYS B 172 36.79 -2.36 20.51
CA CYS B 172 35.98 -3.58 20.42
C CYS B 172 35.28 -3.82 21.72
N ASN B 173 35.97 -3.58 22.82
CA ASN B 173 35.29 -3.69 24.09
C ASN B 173 34.19 -2.64 24.25
N HIS B 174 34.39 -1.43 23.72
CA HIS B 174 33.39 -0.38 23.83
C HIS B 174 32.11 -0.85 23.12
N ILE B 175 32.26 -1.19 21.84
CA ILE B 175 31.18 -1.66 21.00
C ILE B 175 30.41 -2.81 21.62
N LYS B 176 31.12 -3.76 22.23
CA LYS B 176 30.42 -4.89 22.85
C LYS B 176 29.60 -4.40 24.05
N TYR B 177 30.17 -3.55 24.89
CA TYR B 177 29.43 -3.07 26.07
C TYR B 177 28.20 -2.22 25.71
N ALA B 178 28.31 -1.44 24.65
CA ALA B 178 27.34 -0.38 24.41
C ALA B 178 26.14 -0.97 23.69
N THR B 179 26.45 -1.97 22.89
CA THR B 179 25.48 -2.71 22.11
C THR B 179 24.64 -3.62 23.00
N ASN B 180 25.30 -4.50 23.73
CA ASN B 180 24.68 -5.26 24.80
C ASN B 180 23.55 -6.10 24.27
N ARG B 181 23.76 -6.63 23.06
CA ARG B 181 22.83 -7.57 22.44
C ARG B 181 21.52 -6.93 22.12
N GLY B 182 21.52 -5.60 21.97
CA GLY B 182 20.33 -4.85 21.58
C GLY B 182 19.88 -3.86 22.62
N ASN B 183 20.04 -4.19 23.90
CA ASN B 183 19.66 -3.25 24.95
C ASN B 183 20.76 -2.22 25.12
N LEU B 184 20.66 -1.09 24.41
CA LEU B 184 21.81 -0.23 24.25
C LEU B 184 22.14 0.59 25.48
N ARG B 185 23.44 0.88 25.61
CA ARG B 185 23.97 1.65 26.73
C ARG B 185 24.82 2.79 26.22
N SER B 186 24.74 3.93 26.90
CA SER B 186 25.57 5.09 26.57
C SER B 186 27.01 4.95 27.08
N ALA B 187 27.97 5.06 26.18
CA ALA B 187 29.36 4.93 26.60
C ALA B 187 30.27 5.94 25.92
N ILE B 188 31.41 6.24 26.56
CA ILE B 188 32.49 6.95 25.89
C ILE B 188 33.83 6.30 26.27
N THR B 189 34.73 6.21 25.31
CA THR B 189 36.07 5.76 25.62
C THR B 189 37.06 6.89 25.39
N VAL B 190 37.83 7.20 26.42
CA VAL B 190 38.74 8.32 26.37
C VAL B 190 40.20 7.89 26.29
N PHE B 191 40.80 8.18 25.15
CA PHE B 191 42.18 7.85 24.88
C PHE B 191 43.09 9.01 25.32
N PRO B 192 44.44 8.84 25.22
CA PRO B 192 45.38 9.86 25.71
C PRO B 192 45.23 11.25 25.13
N GLN B 193 45.09 12.21 26.02
CA GLN B 193 44.98 13.62 25.69
C GLN B 193 46.11 14.09 24.77
N ARG B 194 45.87 15.20 24.08
CA ARG B 194 46.89 15.84 23.28
C ARG B 194 48.00 16.27 24.20
N CYS B 195 49.24 16.06 23.78
N CYS B 195 49.23 16.04 23.79
CA CYS B 195 50.39 16.38 24.61
CA CYS B 195 50.39 16.43 24.58
C CYS B 195 51.62 16.77 23.77
C CYS B 195 51.51 16.91 23.66
N PRO B 196 52.30 17.88 24.14
CA PRO B 196 53.44 18.36 23.34
C PRO B 196 54.57 17.36 23.26
N GLY B 197 55.12 17.17 22.06
CA GLY B 197 56.26 16.29 21.86
C GLY B 197 55.86 14.92 21.37
N ARG B 198 54.55 14.69 21.28
CA ARG B 198 54.01 13.44 20.79
C ARG B 198 52.76 13.75 19.99
N GLY B 199 52.58 13.09 18.86
CA GLY B 199 51.36 13.28 18.10
C GLY B 199 50.09 12.82 18.79
N ASP B 200 48.97 12.93 18.07
CA ASP B 200 47.65 12.57 18.58
C ASP B 200 47.30 11.13 18.31
N PHE B 201 46.59 10.49 19.25
CA PHE B 201 45.77 9.36 18.83
C PHE B 201 44.64 9.94 17.96
N ARG B 202 44.40 9.31 16.81
CA ARG B 202 43.25 9.65 15.98
C ARG B 202 42.55 8.42 15.45
N ILE B 203 41.22 8.43 15.52
CA ILE B 203 40.37 7.51 14.78
C ILE B 203 39.99 8.24 13.50
N TRP B 204 40.40 7.70 12.34
CA TRP B 204 40.14 8.37 11.07
C TRP B 204 38.65 8.33 10.67
N ASN B 205 37.96 7.22 10.93
CA ASN B 205 36.51 7.05 10.63
C ASN B 205 35.61 8.01 11.37
N SER B 206 34.58 8.54 10.70
CA SER B 206 33.70 9.47 11.39
C SER B 206 32.86 8.76 12.41
N GLN B 207 32.55 7.49 12.14
CA GLN B 207 31.80 6.68 13.10
C GLN B 207 32.45 5.31 13.16
N LEU B 208 32.30 4.60 14.28
CA LEU B 208 32.90 3.26 14.43
C LEU B 208 32.31 2.25 13.45
N VAL B 209 31.00 2.41 13.19
CA VAL B 209 30.32 1.59 12.19
C VAL B 209 29.83 2.47 11.07
N ARG B 210 30.32 2.23 9.84
CA ARG B 210 29.82 2.89 8.65
C ARG B 210 29.87 1.93 7.44
N TYR B 211 29.02 2.18 6.44
CA TYR B 211 29.04 1.37 5.21
C TYR B 211 29.86 2.00 4.07
N ALA B 212 30.61 1.15 3.38
CA ALA B 212 31.41 1.57 2.22
C ALA B 212 30.58 2.38 1.24
N GLY B 213 31.27 3.20 0.46
CA GLY B 213 30.67 3.97 -0.62
C GLY B 213 31.55 3.86 -1.84
N TYR B 214 31.16 3.01 -2.78
CA TYR B 214 31.95 2.74 -3.98
C TYR B 214 31.52 3.60 -5.17
N ARG B 215 32.36 4.56 -5.54
CA ARG B 215 32.15 5.36 -6.73
C ARG B 215 32.05 4.46 -7.95
N GLN B 216 31.16 4.81 -8.86
CA GLN B 216 31.17 4.20 -10.18
C GLN B 216 31.87 5.20 -11.09
N GLN B 217 31.71 5.06 -12.39
CA GLN B 217 32.20 6.07 -13.30
C GLN B 217 31.03 6.79 -13.93
N ASP B 218 29.81 6.35 -13.58
CA ASP B 218 28.62 7.11 -13.88
C ASP B 218 28.63 8.39 -13.05
N GLY B 219 29.49 8.41 -12.04
CA GLY B 219 29.47 9.45 -11.03
C GLY B 219 28.56 8.95 -9.91
N SER B 220 27.99 7.78 -10.14
CA SER B 220 27.04 7.15 -9.22
C SER B 220 27.74 6.33 -8.14
N VAL B 221 27.09 6.17 -6.99
CA VAL B 221 27.73 5.54 -5.85
C VAL B 221 26.95 4.33 -5.35
N ARG B 222 27.67 3.24 -5.13
CA ARG B 222 27.15 2.04 -4.47
C ARG B 222 27.42 2.14 -2.98
N GLY B 223 26.44 1.78 -2.16
CA GLY B 223 26.55 1.99 -0.73
C GLY B 223 26.27 3.43 -0.33
N ASP B 224 26.79 3.84 0.82
CA ASP B 224 26.56 5.18 1.36
C ASP B 224 27.47 6.24 0.73
N PRO B 225 26.87 7.23 0.07
CA PRO B 225 27.70 8.24 -0.61
C PRO B 225 28.45 9.16 0.36
N ALA B 226 27.98 9.28 1.60
CA ALA B 226 28.68 10.12 2.59
C ALA B 226 30.09 9.59 2.95
N ASN B 227 30.42 8.38 2.52
CA ASN B 227 31.64 7.73 2.96
C ASN B 227 32.50 7.32 1.79
N VAL B 228 32.37 8.05 0.69
CA VAL B 228 33.22 7.79 -0.44
C VAL B 228 34.68 8.07 -0.08
N GLU B 229 34.91 9.11 0.71
CA GLU B 229 36.28 9.55 0.98
C GLU B 229 37.00 8.53 1.88
N ILE B 230 36.34 8.11 2.95
CA ILE B 230 36.94 7.15 3.86
C ILE B 230 37.14 5.79 3.17
N THR B 231 36.25 5.45 2.26
CA THR B 231 36.35 4.17 1.56
C THR B 231 37.60 4.14 0.69
N GLU B 232 37.91 5.26 0.04
CA GLU B 232 39.06 5.34 -0.85
C GLU B 232 40.36 5.29 -0.03
N LEU B 233 40.32 5.88 1.17
CA LEU B 233 41.43 5.83 2.09
C LEU B 233 41.73 4.40 2.53
N CYS B 234 40.72 3.74 3.09
CA CYS B 234 40.82 2.34 3.50
C CYS B 234 41.50 1.49 2.44
N ILE B 235 40.98 1.55 1.22
CA ILE B 235 41.51 0.76 0.11
C ILE B 235 42.97 1.07 -0.18
N GLN B 236 43.31 2.36 -0.19
CA GLN B 236 44.67 2.81 -0.40
C GLN B 236 45.58 2.30 0.71
N HIS B 237 44.99 2.01 1.87
CA HIS B 237 45.76 1.49 2.99
C HIS B 237 45.63 -0.02 3.08
N GLY B 238 45.43 -0.65 1.91
CA GLY B 238 45.47 -2.10 1.79
C GLY B 238 44.18 -2.87 2.04
N TRP B 239 43.04 -2.19 2.09
CA TRP B 239 41.78 -2.90 2.32
C TRP B 239 41.21 -3.47 1.04
N THR B 240 40.76 -4.72 1.10
CA THR B 240 40.06 -5.36 -0.01
C THR B 240 38.57 -5.04 0.05
N PRO B 241 38.09 -4.22 -0.89
CA PRO B 241 36.70 -3.74 -0.83
C PRO B 241 35.70 -4.80 -1.27
N GLY B 242 34.42 -4.51 -1.05
CA GLY B 242 33.36 -5.41 -1.47
C GLY B 242 32.57 -4.80 -2.60
N ASN B 243 31.36 -5.33 -2.83
CA ASN B 243 30.52 -4.90 -3.93
C ASN B 243 29.11 -4.51 -3.49
N GLY B 244 28.82 -4.70 -2.20
CA GLY B 244 27.49 -4.47 -1.66
C GLY B 244 27.17 -3.04 -1.31
N ARG B 245 25.92 -2.80 -0.91
CA ARG B 245 25.44 -1.45 -0.58
C ARG B 245 25.51 -1.25 0.91
N PHE B 246 25.98 -2.29 1.59
CA PHE B 246 26.02 -2.29 3.04
C PHE B 246 27.25 -3.06 3.56
N ASP B 247 28.41 -2.82 2.97
CA ASP B 247 29.67 -3.36 3.47
C ASP B 247 30.22 -2.52 4.63
N VAL B 248 30.31 -3.12 5.82
CA VAL B 248 30.87 -2.42 6.97
C VAL B 248 32.35 -2.11 6.78
N LEU B 249 32.71 -0.84 6.98
CA LEU B 249 34.06 -0.40 6.72
C LEU B 249 35.03 -0.82 7.83
N PRO B 250 36.29 -1.06 7.47
CA PRO B 250 37.31 -1.30 8.50
C PRO B 250 37.63 -0.03 9.25
N LEU B 251 38.41 -0.15 10.32
CA LEU B 251 38.86 1.00 11.10
C LEU B 251 40.28 1.43 10.75
N LEU B 252 40.47 2.73 10.53
CA LEU B 252 41.79 3.31 10.34
C LEU B 252 42.17 3.98 11.63
N LEU B 253 43.09 3.37 12.37
CA LEU B 253 43.49 3.85 13.69
C LEU B 253 44.91 4.36 13.67
N GLN B 254 45.12 5.54 14.25
CA GLN B 254 46.41 6.20 14.22
C GLN B 254 46.97 6.35 15.64
N ALA B 255 48.12 5.71 15.87
CA ALA B 255 48.90 5.94 17.07
C ALA B 255 49.86 7.12 16.81
N PRO B 256 50.26 7.86 17.87
CA PRO B 256 51.14 9.02 17.71
C PRO B 256 52.36 8.78 16.82
N ASP B 257 52.55 9.70 15.88
CA ASP B 257 53.68 9.68 14.95
C ASP B 257 53.80 8.37 14.15
N GLU B 258 52.68 7.68 13.96
CA GLU B 258 52.60 6.48 13.15
C GLU B 258 51.59 6.66 12.03
N PRO B 259 51.74 5.88 10.94
CA PRO B 259 50.71 5.85 9.89
C PRO B 259 49.44 5.16 10.38
N PRO B 260 48.29 5.42 9.72
CA PRO B 260 47.10 4.73 10.20
C PRO B 260 47.19 3.25 9.92
N GLU B 261 46.65 2.45 10.83
CA GLU B 261 46.61 1.01 10.66
C GLU B 261 45.16 0.53 10.56
N LEU B 262 44.92 -0.30 9.55
CA LEU B 262 43.64 -0.90 9.25
C LEU B 262 43.30 -2.03 10.23
N PHE B 263 42.04 -2.11 10.65
CA PHE B 263 41.58 -3.20 11.50
C PHE B 263 40.15 -3.57 11.10
N LEU B 264 39.92 -4.85 10.84
CA LEU B 264 38.58 -5.34 10.50
C LEU B 264 37.77 -5.63 11.75
N LEU B 265 36.68 -4.90 11.97
CA LEU B 265 35.75 -5.24 13.03
C LEU B 265 35.25 -6.66 12.77
N PRO B 266 35.15 -7.48 13.83
CA PRO B 266 34.62 -8.83 13.66
C PRO B 266 33.15 -8.76 13.33
N PRO B 267 32.71 -9.50 12.31
CA PRO B 267 31.32 -9.49 11.85
C PRO B 267 30.31 -9.57 13.01
N GLU B 268 30.55 -10.48 13.95
CA GLU B 268 29.62 -10.74 15.05
C GLU B 268 29.61 -9.66 16.12
N LEU B 269 30.47 -8.68 15.98
CA LEU B 269 30.53 -7.58 16.94
C LEU B 269 29.60 -6.42 16.53
N VAL B 270 29.36 -6.31 15.21
CA VAL B 270 28.52 -5.26 14.66
C VAL B 270 27.09 -5.77 14.47
N LEU B 271 26.22 -5.44 15.41
CA LEU B 271 24.80 -5.85 15.34
C LEU B 271 24.04 -5.03 14.31
N GLU B 272 23.34 -5.70 13.40
CA GLU B 272 22.61 -4.99 12.34
C GLU B 272 21.12 -5.34 12.33
N VAL B 273 20.33 -4.48 11.71
CA VAL B 273 18.88 -4.68 11.66
C VAL B 273 18.33 -4.60 10.23
N PRO B 274 17.93 -5.75 9.69
CA PRO B 274 17.29 -5.78 8.38
C PRO B 274 15.97 -5.03 8.46
N LEU B 275 15.66 -4.21 7.46
CA LEU B 275 14.51 -3.32 7.50
C LEU B 275 13.34 -3.94 6.77
N GLU B 276 12.23 -4.06 7.48
CA GLU B 276 10.99 -4.55 6.88
C GLU B 276 9.81 -3.71 7.37
N HIS B 277 8.68 -3.78 6.68
CA HIS B 277 7.55 -2.93 7.04
C HIS B 277 6.41 -3.76 7.60
N PRO B 278 5.73 -3.27 8.66
CA PRO B 278 4.65 -3.99 9.33
C PRO B 278 3.56 -4.46 8.39
N THR B 279 3.24 -3.68 7.35
CA THR B 279 2.16 -4.07 6.43
C THR B 279 2.48 -3.83 4.95
N LEU B 280 3.72 -3.48 4.60
CA LEU B 280 4.11 -3.44 3.19
C LEU B 280 5.16 -4.50 3.00
N GLU B 281 4.74 -5.67 2.56
CA GLU B 281 5.60 -6.83 2.62
C GLU B 281 6.62 -6.81 1.49
N TRP B 282 6.42 -5.97 0.48
CA TRP B 282 7.43 -5.85 -0.57
C TRP B 282 8.63 -5.05 -0.07
N PHE B 283 8.48 -4.41 1.09
CA PHE B 283 9.50 -3.50 1.60
C PHE B 283 10.76 -4.27 1.90
N ALA B 284 10.61 -5.44 2.50
CA ALA B 284 11.78 -6.23 2.88
C ALA B 284 12.60 -6.63 1.68
N ALA B 285 12.00 -6.59 0.49
CA ALA B 285 12.72 -7.02 -0.71
C ALA B 285 13.62 -5.93 -1.24
N LEU B 286 13.67 -4.80 -0.54
CA LEU B 286 14.56 -3.72 -0.88
C LEU B 286 15.99 -3.99 -0.40
N GLY B 287 16.13 -4.96 0.50
CA GLY B 287 17.43 -5.39 0.96
C GLY B 287 18.05 -4.40 1.95
N LEU B 288 17.22 -3.54 2.52
CA LEU B 288 17.77 -2.49 3.34
C LEU B 288 18.10 -3.00 4.73
N ARG B 289 19.21 -2.50 5.26
CA ARG B 289 19.64 -2.78 6.62
C ARG B 289 20.23 -1.53 7.25
N TRP B 290 20.19 -1.45 8.57
CA TRP B 290 20.98 -0.44 9.24
C TRP B 290 21.59 -1.01 10.53
N TYR B 291 22.68 -0.42 10.99
CA TYR B 291 23.33 -0.96 12.18
C TYR B 291 22.72 -0.41 13.48
N ALA B 292 22.97 -1.07 14.60
CA ALA B 292 22.37 -0.69 15.87
C ALA B 292 23.02 0.50 16.58
N LEU B 293 24.34 0.62 16.45
CA LEU B 293 25.07 1.53 17.31
C LEU B 293 25.53 2.76 16.57
N PRO B 294 25.04 3.94 16.98
CA PRO B 294 25.57 5.19 16.45
C PRO B 294 26.77 5.60 17.28
N ALA B 295 27.97 5.45 16.75
CA ALA B 295 29.17 5.72 17.55
C ALA B 295 30.11 6.73 16.89
N VAL B 296 30.07 7.97 17.38
CA VAL B 296 30.84 9.05 16.77
C VAL B 296 32.27 9.03 17.28
N SER B 297 33.21 9.00 16.34
CA SER B 297 34.59 8.69 16.61
C SER B 297 35.58 9.76 16.11
N ASN B 298 35.10 10.84 15.53
CA ASN B 298 36.02 11.85 15.00
C ASN B 298 35.96 13.23 15.66
N MET B 299 35.19 13.37 16.73
CA MET B 299 35.11 14.67 17.41
C MET B 299 36.11 14.80 18.55
N LEU B 300 36.45 16.04 18.87
CA LEU B 300 37.39 16.32 19.93
C LEU B 300 36.65 16.56 21.25
N LEU B 301 37.10 15.94 22.34
CA LEU B 301 36.55 16.21 23.66
C LEU B 301 37.45 17.21 24.36
N GLU B 302 36.84 18.30 24.85
CA GLU B 302 37.60 19.36 25.51
C GLU B 302 37.17 19.41 26.97
N ILE B 303 38.14 19.22 27.88
CA ILE B 303 37.90 19.29 29.31
C ILE B 303 38.99 20.16 29.93
N GLY B 304 38.59 21.11 30.78
CA GLY B 304 39.51 21.95 31.53
C GLY B 304 40.75 22.47 30.84
N GLY B 305 40.65 22.69 29.53
CA GLY B 305 41.80 23.14 28.76
C GLY B 305 42.50 22.01 28.04
N LEU B 306 42.38 20.80 28.56
CA LEU B 306 42.95 19.64 27.89
C LEU B 306 42.07 19.20 26.73
N GLU B 307 42.67 18.56 25.74
CA GLU B 307 41.95 18.18 24.54
C GLU B 307 42.17 16.69 24.23
N PHE B 308 41.09 16.00 23.90
CA PHE B 308 41.16 14.58 23.62
C PHE B 308 40.74 14.30 22.18
N PRO B 309 41.70 14.30 21.25
CA PRO B 309 41.36 14.14 19.83
C PRO B 309 40.75 12.78 19.53
N ALA B 310 40.89 11.84 20.45
CA ALA B 310 40.29 10.53 20.30
C ALA B 310 39.49 10.18 21.54
N ALA B 311 38.16 10.26 21.44
CA ALA B 311 37.27 9.95 22.54
C ALA B 311 35.86 9.56 22.03
N PRO B 312 35.75 8.42 21.32
CA PRO B 312 34.50 8.02 20.69
C PRO B 312 33.40 7.75 21.69
N PHE B 313 32.18 8.19 21.36
CA PHE B 313 31.01 8.04 22.23
C PHE B 313 29.79 7.53 21.46
N SER B 314 28.83 6.99 22.17
CA SER B 314 27.71 6.37 21.50
C SER B 314 26.49 6.40 22.41
N GLY B 315 25.28 6.45 21.82
CA GLY B 315 24.04 6.30 22.56
C GLY B 315 23.18 5.38 21.72
N TRP B 316 21.90 5.70 21.56
CA TRP B 316 21.09 4.95 20.60
C TRP B 316 20.41 5.88 19.60
N TYR B 317 19.89 5.29 18.53
CA TYR B 317 19.28 6.04 17.41
C TYR B 317 17.91 6.59 17.69
N MET B 318 17.65 7.73 17.07
CA MET B 318 16.30 8.23 16.89
C MET B 318 15.92 7.88 15.46
N SER B 319 14.74 7.27 15.29
CA SER B 319 14.35 6.67 14.01
C SER B 319 14.47 7.59 12.85
N THR B 320 14.21 8.87 13.09
CA THR B 320 14.32 9.85 12.00
C THR B 320 15.72 9.98 11.44
N GLU B 321 16.76 9.58 12.18
CA GLU B 321 18.10 9.77 11.60
C GLU B 321 18.31 8.71 10.54
N ILE B 322 17.77 7.53 10.81
CA ILE B 322 17.87 6.43 9.87
C ILE B 322 16.88 6.57 8.73
N GLY B 323 15.61 6.79 9.09
CA GLY B 323 14.55 6.81 8.12
C GLY B 323 14.58 8.01 7.20
N THR B 324 14.58 9.22 7.77
CA THR B 324 14.62 10.41 6.94
C THR B 324 16.00 10.70 6.41
N ARG B 325 16.94 11.00 7.28
CA ARG B 325 18.22 11.49 6.79
C ARG B 325 19.01 10.38 6.10
N ASN B 326 19.29 9.26 6.78
CA ASN B 326 20.20 8.31 6.17
C ASN B 326 19.62 7.62 4.92
N LEU B 327 18.32 7.39 4.91
CA LEU B 327 17.74 6.70 3.76
C LEU B 327 17.08 7.62 2.72
N CYS B 328 16.52 8.77 3.14
CA CYS B 328 15.83 9.62 2.17
C CYS B 328 16.58 10.82 1.60
N ASP B 329 17.53 11.40 2.34
CA ASP B 329 18.38 12.49 1.82
C ASP B 329 18.79 12.18 0.37
N PRO B 330 18.64 13.16 -0.55
CA PRO B 330 18.92 12.90 -1.97
C PRO B 330 20.38 12.52 -2.15
N HIS B 331 21.24 13.04 -1.28
CA HIS B 331 22.67 12.77 -1.37
C HIS B 331 23.13 11.57 -0.52
N ARG B 332 22.24 10.98 0.25
CA ARG B 332 22.57 9.71 0.91
C ARG B 332 22.04 8.53 0.10
N TYR B 333 21.34 7.59 0.76
CA TYR B 333 20.88 6.36 0.08
C TYR B 333 19.71 6.58 -0.92
N ASN B 334 18.91 7.62 -0.71
CA ASN B 334 17.94 8.15 -1.69
C ASN B 334 16.85 7.17 -2.21
N ILE B 335 16.12 6.56 -1.30
CA ILE B 335 15.18 5.52 -1.68
C ILE B 335 13.75 6.06 -1.84
N LEU B 336 13.58 7.36 -1.59
CA LEU B 336 12.27 7.99 -1.49
C LEU B 336 11.38 7.73 -2.69
N GLU B 337 11.86 8.11 -3.87
CA GLU B 337 11.08 7.93 -5.08
C GLU B 337 10.77 6.45 -5.28
N ASP B 338 11.73 5.59 -4.96
CA ASP B 338 11.57 4.15 -5.17
C ASP B 338 10.51 3.60 -4.22
N VAL B 339 10.50 4.09 -2.99
CA VAL B 339 9.49 3.63 -2.06
C VAL B 339 8.12 4.07 -2.60
N ALA B 340 8.01 5.33 -3.00
CA ALA B 340 6.72 5.92 -3.34
C ALA B 340 6.08 5.29 -4.58
N VAL B 341 6.88 5.04 -5.59
CA VAL B 341 6.42 4.33 -6.78
C VAL B 341 5.85 2.97 -6.40
N CYS B 342 6.60 2.22 -5.59
CA CYS B 342 6.14 0.92 -5.11
C CYS B 342 4.81 1.03 -4.35
N MET B 343 4.64 2.12 -3.61
CA MET B 343 3.41 2.40 -2.89
C MET B 343 2.30 2.81 -3.86
N ASP B 344 2.61 2.78 -5.16
CA ASP B 344 1.77 3.31 -6.22
C ASP B 344 1.23 4.71 -5.93
N LEU B 345 2.03 5.54 -5.27
CA LEU B 345 1.69 6.95 -5.13
C LEU B 345 1.93 7.68 -6.44
N ASP B 346 1.28 8.83 -6.58
CA ASP B 346 1.37 9.63 -7.78
C ASP B 346 2.59 10.54 -7.75
N THR B 347 3.71 10.09 -8.31
CA THR B 347 4.96 10.85 -8.16
C THR B 347 5.13 11.94 -9.21
N ARG B 348 4.10 12.19 -10.02
CA ARG B 348 4.25 13.13 -11.11
C ARG B 348 3.83 14.53 -10.66
N THR B 349 3.28 14.64 -9.45
CA THR B 349 2.99 15.96 -8.89
C THR B 349 3.23 16.04 -7.38
N THR B 350 3.69 17.21 -6.92
CA THR B 350 4.08 17.41 -5.53
C THR B 350 2.88 17.51 -4.60
N SER B 351 1.80 18.05 -5.14
CA SER B 351 0.58 18.32 -4.37
C SER B 351 -0.12 17.03 -3.90
N SER B 352 0.21 15.90 -4.52
CA SER B 352 -0.19 14.59 -4.00
C SER B 352 0.56 14.15 -2.73
N LEU B 353 1.60 14.91 -2.37
CA LEU B 353 2.30 14.71 -1.10
C LEU B 353 2.93 13.33 -0.99
N TRP B 354 3.34 12.78 -2.13
CA TRP B 354 3.95 11.45 -2.19
C TRP B 354 5.24 11.31 -1.37
N LYS B 355 6.03 12.37 -1.31
CA LYS B 355 7.27 12.35 -0.56
C LYS B 355 6.97 12.20 0.91
N ASP B 356 5.98 12.94 1.37
CA ASP B 356 5.65 12.92 2.79
C ASP B 356 5.02 11.58 3.18
N LYS B 357 4.31 10.94 2.26
CA LYS B 357 3.63 9.70 2.61
C LYS B 357 4.68 8.59 2.64
N ALA B 358 5.54 8.60 1.63
CA ALA B 358 6.62 7.62 1.54
C ALA B 358 7.54 7.71 2.75
N ALA B 359 7.97 8.92 3.06
CA ALA B 359 8.85 9.17 4.20
C ALA B 359 8.26 8.67 5.51
N VAL B 360 6.96 8.91 5.70
CA VAL B 360 6.34 8.48 6.94
C VAL B 360 6.39 6.95 7.03
N GLU B 361 6.12 6.28 5.92
CA GLU B 361 6.16 4.82 5.93
C GLU B 361 7.58 4.32 6.23
N ILE B 362 8.58 4.94 5.59
CA ILE B 362 9.99 4.57 5.78
C ILE B 362 10.34 4.66 7.26
N ASN B 363 9.94 5.74 7.92
CA ASN B 363 10.11 5.80 9.37
C ASN B 363 9.38 4.70 10.14
N VAL B 364 8.14 4.41 9.77
CA VAL B 364 7.41 3.34 10.43
C VAL B 364 8.17 2.02 10.32
N ALA B 365 8.70 1.77 9.14
CA ALA B 365 9.43 0.54 8.89
C ALA B 365 10.66 0.45 9.81
N VAL B 366 11.38 1.55 9.95
CA VAL B 366 12.54 1.59 10.80
C VAL B 366 12.16 1.26 12.23
N LEU B 367 11.18 1.99 12.76
CA LEU B 367 10.77 1.77 14.15
C LEU B 367 10.34 0.33 14.38
N HIS B 368 9.68 -0.24 13.38
CA HIS B 368 9.12 -1.57 13.54
C HIS B 368 10.22 -2.59 13.41
N SER B 369 11.18 -2.31 12.54
CA SER B 369 12.25 -3.26 12.30
C SER B 369 13.13 -3.39 13.55
N TYR B 370 13.48 -2.25 14.14
CA TYR B 370 14.28 -2.25 15.36
C TYR B 370 13.56 -2.88 16.54
N GLN B 371 12.28 -2.57 16.74
CA GLN B 371 11.54 -3.18 17.84
C GLN B 371 11.39 -4.70 17.65
N LEU B 372 11.29 -5.13 16.41
CA LEU B 372 11.18 -6.55 16.08
C LEU B 372 12.44 -7.28 16.50
N ALA B 373 13.57 -6.61 16.26
CA ALA B 373 14.88 -7.16 16.47
C ALA B 373 15.37 -6.85 17.89
N LYS B 374 14.47 -6.30 18.71
CA LYS B 374 14.76 -6.00 20.11
C LYS B 374 16.03 -5.14 20.32
N VAL B 375 16.24 -4.22 19.38
CA VAL B 375 17.29 -3.20 19.46
C VAL B 375 16.70 -1.84 19.85
N THR B 376 17.27 -1.23 20.89
CA THR B 376 16.82 0.07 21.41
C THR B 376 16.68 1.14 20.34
N ILE B 377 15.57 1.88 20.36
CA ILE B 377 15.35 2.96 19.39
C ILE B 377 14.27 3.93 19.90
N VAL B 378 14.37 5.22 19.56
CA VAL B 378 13.39 6.16 20.09
C VAL B 378 12.85 6.96 18.92
N ASP B 379 11.52 7.14 18.91
CA ASP B 379 10.88 7.93 17.85
C ASP B 379 10.97 9.42 18.22
N HIS B 380 10.83 10.30 17.23
CA HIS B 380 10.96 11.75 17.46
C HIS B 380 9.94 12.35 18.45
N HIS B 381 8.78 11.72 18.60
CA HIS B 381 7.80 12.25 19.52
C HIS B 381 8.25 12.07 20.97
N ALA B 382 8.58 10.83 21.34
CA ALA B 382 9.06 10.57 22.69
C ALA B 382 10.38 11.33 22.98
N ALA B 383 11.27 11.32 22.01
CA ALA B 383 12.55 11.98 22.16
C ALA B 383 12.40 13.46 22.51
N THR B 384 11.55 14.18 21.75
CA THR B 384 11.40 15.61 21.96
C THR B 384 10.66 15.83 23.27
N ALA B 385 9.66 14.98 23.51
CA ALA B 385 8.94 14.99 24.76
C ALA B 385 9.88 14.94 25.96
N SER B 386 10.82 14.01 25.92
CA SER B 386 11.74 13.88 27.03
C SER B 386 12.72 15.04 26.98
N PHE B 387 13.04 15.53 25.79
CA PHE B 387 13.90 16.71 25.73
C PHE B 387 13.26 17.91 26.40
N MET B 388 11.92 17.94 26.46
CA MET B 388 11.22 19.06 27.10
C MET B 388 11.32 18.94 28.62
N LYS B 389 11.34 17.72 29.13
CA LYS B 389 11.51 17.51 30.57
C LYS B 389 12.95 17.87 30.96
N HIS B 390 13.90 17.60 30.06
CA HIS B 390 15.29 18.06 30.23
C HIS B 390 15.43 19.59 30.34
N LEU B 391 14.75 20.31 29.46
CA LEU B 391 14.76 21.78 29.51
C LEU B 391 14.28 22.27 30.88
N GLU B 392 13.20 21.67 31.37
CA GLU B 392 12.70 22.02 32.70
C GLU B 392 13.72 21.67 33.80
N ASN B 393 14.26 20.45 33.76
CA ASN B 393 15.27 20.07 34.75
C ASN B 393 16.41 21.07 34.74
N GLU B 394 16.87 21.41 33.54
CA GLU B 394 18.06 22.26 33.38
C GLU B 394 17.82 23.70 33.83
N GLN B 395 16.61 24.20 33.64
CA GLN B 395 16.30 25.57 34.05
C GLN B 395 16.34 25.67 35.56
N LYS B 396 15.98 24.59 36.25
CA LYS B 396 16.04 24.55 37.71
C LYS B 396 17.48 24.48 38.22
N ALA B 397 18.28 23.63 37.58
CA ALA B 397 19.66 23.36 38.00
C ALA B 397 20.64 24.49 37.71
N ARG B 398 20.77 24.84 36.43
CA ARG B 398 21.79 25.79 35.98
C ARG B 398 21.23 27.13 35.54
N GLY B 399 19.90 27.26 35.59
CA GLY B 399 19.24 28.47 35.14
C GLY B 399 19.30 28.62 33.63
N GLY B 400 19.07 27.53 32.91
CA GLY B 400 19.09 27.54 31.46
C GLY B 400 19.78 26.35 30.80
N CYS B 401 19.66 26.29 29.48
CA CYS B 401 20.20 25.17 28.71
C CYS B 401 20.49 25.56 27.25
N PRO B 402 21.73 25.40 26.82
CA PRO B 402 22.08 25.64 25.40
C PRO B 402 21.44 24.64 24.45
N ALA B 403 20.68 25.13 23.46
CA ALA B 403 20.11 24.25 22.43
C ALA B 403 20.02 24.95 21.07
N ASP B 404 20.37 24.23 20.00
CA ASP B 404 20.34 24.68 18.61
C ASP B 404 19.00 24.23 17.95
N TRP B 405 18.02 25.14 17.96
CA TRP B 405 16.65 24.88 17.49
C TRP B 405 16.58 24.06 16.22
N ALA B 406 17.29 24.52 15.19
CA ALA B 406 17.35 23.77 13.93
C ALA B 406 17.87 22.34 14.02
N TRP B 407 18.61 21.97 15.08
CA TRP B 407 19.04 20.58 15.18
C TRP B 407 18.14 19.78 16.11
N ILE B 408 17.60 20.46 17.14
CA ILE B 408 16.66 19.82 18.07
C ILE B 408 15.33 19.42 17.39
N VAL B 409 14.81 20.32 16.56
CA VAL B 409 13.62 20.01 15.78
C VAL B 409 13.91 18.90 14.77
N PRO B 410 13.09 17.84 14.82
CA PRO B 410 13.15 16.70 13.89
C PRO B 410 13.04 17.12 12.43
N PRO B 411 13.71 16.41 11.53
CA PRO B 411 13.66 16.69 10.09
C PRO B 411 12.29 16.35 9.44
N ILE B 412 11.39 15.70 10.17
CA ILE B 412 9.97 15.63 9.76
C ILE B 412 9.10 15.89 10.97
N SER B 413 7.90 16.43 10.73
CA SER B 413 6.88 16.60 11.76
C SER B 413 7.23 17.58 12.88
N GLY B 414 8.03 18.59 12.55
CA GLY B 414 8.46 19.61 13.49
C GLY B 414 7.39 20.15 14.42
N SER B 415 6.40 20.86 13.87
CA SER B 415 5.36 21.50 14.69
C SER B 415 4.46 20.54 15.43
N LEU B 416 4.47 19.27 15.04
CA LEU B 416 3.80 18.24 15.84
C LEU B 416 4.58 17.94 17.11
N THR B 417 5.90 18.15 17.08
CA THR B 417 6.71 17.94 18.28
C THR B 417 6.73 19.25 19.09
N PRO B 418 6.73 19.15 20.43
CA PRO B 418 6.68 20.32 21.33
C PRO B 418 7.94 21.20 21.35
N VAL B 419 9.06 20.73 20.78
CA VAL B 419 10.28 21.54 20.70
C VAL B 419 10.14 22.66 19.70
N PHE B 420 9.30 22.43 18.70
CA PHE B 420 9.07 23.39 17.63
C PHE B 420 8.62 24.75 18.17
N HIS B 421 7.68 24.74 19.12
CA HIS B 421 7.04 25.98 19.57
C HIS B 421 7.81 26.59 20.73
N GLN B 422 8.95 25.98 21.02
CA GLN B 422 9.80 26.39 22.13
C GLN B 422 10.97 27.24 21.63
N GLU B 423 11.08 28.45 22.15
CA GLU B 423 12.24 29.29 21.84
C GLU B 423 13.49 28.76 22.51
N MET B 424 14.63 28.97 21.87
CA MET B 424 15.89 28.45 22.38
C MET B 424 17.07 29.44 22.23
N VAL B 425 18.02 29.34 23.16
CA VAL B 425 19.26 30.13 23.14
C VAL B 425 20.47 29.25 22.83
N ASN B 426 21.17 29.52 21.74
CA ASN B 426 22.33 28.71 21.41
C ASN B 426 23.66 29.36 21.78
N TYR B 427 24.50 28.63 22.51
CA TYR B 427 25.81 29.12 22.94
C TYR B 427 26.74 27.96 23.34
N PHE B 428 28.03 28.27 23.49
CA PHE B 428 29.08 27.29 23.79
C PHE B 428 29.53 27.26 25.26
N LEU B 429 29.19 26.19 25.98
CA LEU B 429 29.79 25.95 27.29
C LEU B 429 30.91 24.90 27.22
N SER B 430 31.79 24.92 28.23
CA SER B 430 32.83 23.91 28.31
C SER B 430 32.71 23.21 29.65
N PRO B 431 32.98 21.89 29.69
CA PRO B 431 33.47 20.95 28.66
C PRO B 431 32.55 20.72 27.48
N ALA B 432 33.12 20.21 26.41
CA ALA B 432 32.38 20.17 25.16
C ALA B 432 32.97 19.20 24.18
N PHE B 433 32.18 18.85 23.17
CA PHE B 433 32.68 18.13 22.01
C PHE B 433 32.77 19.15 20.87
N ARG B 434 33.88 19.14 20.14
CA ARG B 434 34.12 20.09 19.06
C ARG B 434 34.40 19.32 17.77
N TYR B 435 34.21 19.95 16.63
CA TYR B 435 34.67 19.31 15.42
C TYR B 435 36.17 19.54 15.34
N GLN B 436 36.84 18.87 14.42
CA GLN B 436 38.26 19.00 14.26
C GLN B 436 38.60 18.57 12.84
N PRO B 437 39.74 19.02 12.34
CA PRO B 437 40.02 18.69 10.95
C PRO B 437 40.31 17.20 10.75
N ASP B 438 40.03 16.70 9.55
CA ASP B 438 40.39 15.35 9.13
C ASP B 438 41.90 15.23 9.05
N PRO B 439 42.46 14.20 9.69
CA PRO B 439 43.91 14.11 9.85
C PRO B 439 44.70 13.96 8.55
N TRP B 440 44.04 13.81 7.40
CA TRP B 440 44.75 13.62 6.12
C TRP B 440 44.66 14.82 5.17
N PHE C 28 -26.95 -45.29 -17.56
CA PHE C 28 -25.53 -45.09 -17.25
C PHE C 28 -24.96 -43.84 -17.95
N PRO C 29 -24.43 -42.87 -17.17
CA PRO C 29 -23.94 -41.59 -17.71
C PRO C 29 -22.89 -41.72 -18.82
N ARG C 30 -23.15 -41.11 -19.99
CA ARG C 30 -22.20 -41.00 -21.10
C ARG C 30 -21.20 -39.85 -20.90
N VAL C 31 -19.93 -40.19 -20.80
CA VAL C 31 -18.88 -39.21 -20.47
C VAL C 31 -17.80 -39.07 -21.55
N LYS C 32 -17.63 -37.84 -22.04
CA LYS C 32 -16.75 -37.56 -23.18
C LYS C 32 -15.49 -36.79 -22.79
N ASN C 33 -14.38 -37.13 -23.44
CA ASN C 33 -13.16 -36.33 -23.36
C ASN C 33 -13.07 -35.50 -24.63
N TRP C 34 -13.10 -34.18 -24.48
CA TRP C 34 -13.23 -33.28 -25.62
C TRP C 34 -11.90 -32.94 -26.29
N GLU C 35 -10.80 -33.38 -25.67
CA GLU C 35 -9.47 -33.19 -26.26
C GLU C 35 -9.20 -34.33 -27.23
N VAL C 36 -9.71 -35.51 -26.89
CA VAL C 36 -9.48 -36.70 -27.70
C VAL C 36 -10.74 -37.13 -28.46
N GLY C 37 -11.91 -37.01 -27.83
CA GLY C 37 -13.14 -37.42 -28.45
C GLY C 37 -13.61 -38.79 -27.95
N SER C 38 -12.80 -39.40 -27.10
CA SER C 38 -13.12 -40.72 -26.57
C SER C 38 -14.36 -40.66 -25.69
N ILE C 39 -15.12 -41.75 -25.71
CA ILE C 39 -16.34 -41.89 -24.92
C ILE C 39 -16.20 -43.05 -23.94
N THR C 40 -16.62 -42.85 -22.69
CA THR C 40 -16.85 -43.97 -21.76
C THR C 40 -18.15 -43.81 -20.96
N TYR C 41 -18.63 -44.91 -20.38
CA TYR C 41 -19.85 -44.92 -19.57
C TYR C 41 -19.56 -45.26 -18.10
N ASP C 42 -19.84 -44.33 -17.19
CA ASP C 42 -19.60 -44.58 -15.75
C ASP C 42 -20.65 -45.48 -15.13
N THR C 43 -20.35 -46.78 -15.07
CA THR C 43 -21.28 -47.74 -14.49
C THR C 43 -21.10 -47.88 -12.98
N LEU C 44 -20.01 -47.34 -12.45
CA LEU C 44 -19.76 -47.39 -11.01
C LEU C 44 -20.71 -46.45 -10.25
N SER C 45 -21.10 -45.35 -10.87
CA SER C 45 -22.00 -44.39 -10.23
C SER C 45 -23.31 -45.06 -9.78
N ALA C 46 -23.78 -46.06 -10.52
CA ALA C 46 -25.02 -46.73 -10.18
C ALA C 46 -24.99 -47.41 -8.80
N GLN C 47 -23.79 -47.64 -8.28
CA GLN C 47 -23.63 -48.26 -6.97
C GLN C 47 -23.40 -47.20 -5.87
N ALA C 48 -23.63 -45.93 -6.23
CA ALA C 48 -23.47 -44.80 -5.29
C ALA C 48 -24.28 -45.00 -4.02
N GLN C 49 -23.62 -44.91 -2.88
CA GLN C 49 -24.28 -45.15 -1.60
C GLN C 49 -25.17 -43.98 -1.21
N GLN C 50 -24.61 -43.03 -0.48
CA GLN C 50 -25.41 -41.92 0.06
C GLN C 50 -25.74 -40.89 -1.03
N ASP C 51 -26.80 -40.11 -0.80
CA ASP C 51 -27.18 -39.02 -1.72
C ASP C 51 -26.29 -37.78 -1.57
N GLY C 52 -26.28 -36.94 -2.61
CA GLY C 52 -25.59 -35.66 -2.58
C GLY C 52 -26.55 -34.47 -2.51
N PRO C 53 -26.06 -33.28 -2.91
CA PRO C 53 -26.83 -32.04 -2.80
C PRO C 53 -27.72 -31.71 -4.00
N CYS C 54 -27.39 -32.29 -5.15
CA CYS C 54 -28.04 -31.96 -6.42
C CYS C 54 -29.42 -32.61 -6.58
N THR C 55 -30.25 -31.99 -7.43
CA THR C 55 -31.54 -32.53 -7.92
C THR C 55 -31.79 -32.11 -9.38
N PRO C 56 -32.70 -32.79 -10.08
CA PRO C 56 -33.10 -32.41 -11.44
C PRO C 56 -33.47 -30.93 -11.59
N ARG C 57 -33.96 -30.32 -10.51
CA ARG C 57 -34.33 -28.91 -10.52
C ARG C 57 -33.13 -27.95 -10.44
N ARG C 58 -32.08 -28.34 -9.71
CA ARG C 58 -30.94 -27.43 -9.43
C ARG C 58 -29.67 -28.21 -9.18
N CYS C 59 -28.57 -27.75 -9.75
CA CYS C 59 -27.26 -28.36 -9.51
C CYS C 59 -26.45 -27.56 -8.48
N LEU C 60 -25.88 -28.27 -7.49
CA LEU C 60 -25.11 -27.65 -6.41
C LEU C 60 -23.74 -28.30 -6.23
N GLY C 61 -23.17 -28.83 -7.29
CA GLY C 61 -21.83 -29.39 -7.26
C GLY C 61 -20.68 -28.42 -6.98
N SER C 62 -20.98 -27.15 -6.81
CA SER C 62 -19.94 -26.17 -6.49
C SER C 62 -19.96 -25.83 -5.00
N LEU C 63 -20.87 -26.42 -4.23
CA LEU C 63 -20.90 -26.18 -2.79
C LEU C 63 -19.70 -26.89 -2.17
N VAL C 64 -19.09 -26.25 -1.16
CA VAL C 64 -17.93 -26.84 -0.50
C VAL C 64 -18.35 -27.93 0.50
N PHE C 65 -19.34 -27.63 1.34
CA PHE C 65 -20.02 -28.61 2.19
C PHE C 65 -21.46 -28.86 1.72
N PRO C 66 -21.78 -30.08 1.25
CA PRO C 66 -23.20 -30.42 1.05
C PRO C 66 -24.00 -30.51 2.37
N ALA C 79 -29.21 -48.51 16.18
CA ALA C 79 -27.92 -48.89 15.61
C ALA C 79 -27.99 -50.16 14.73
N PRO C 80 -28.40 -51.32 15.30
CA PRO C 80 -28.01 -52.61 14.69
C PRO C 80 -28.41 -52.77 13.22
N GLU C 81 -29.68 -52.52 12.90
CA GLU C 81 -30.18 -52.70 11.55
C GLU C 81 -29.33 -51.87 10.60
N GLN C 82 -29.31 -50.57 10.83
CA GLN C 82 -28.55 -49.68 9.98
C GLN C 82 -27.04 -50.03 10.03
N LEU C 83 -26.51 -50.32 11.21
CA LEU C 83 -25.09 -50.67 11.33
C LEU C 83 -24.72 -51.93 10.54
N LEU C 84 -25.46 -53.00 10.79
CA LEU C 84 -25.21 -54.28 10.14
C LEU C 84 -25.30 -54.16 8.64
N SER C 85 -26.31 -53.43 8.16
CA SER C 85 -26.47 -53.16 6.74
C SER C 85 -25.19 -52.64 6.19
N GLN C 86 -24.61 -51.70 6.93
CA GLN C 86 -23.35 -51.06 6.56
C GLN C 86 -22.13 -51.91 6.90
N ALA C 87 -22.31 -52.89 7.77
CA ALA C 87 -21.26 -53.86 8.07
C ALA C 87 -21.03 -54.85 6.93
N ARG C 88 -22.11 -55.44 6.41
CA ARG C 88 -22.01 -56.54 5.45
C ARG C 88 -21.44 -56.15 4.08
N ASP C 89 -22.04 -55.13 3.47
CA ASP C 89 -21.58 -54.50 2.22
C ASP C 89 -20.06 -54.42 2.11
N PHE C 90 -19.46 -53.73 3.08
CA PHE C 90 -18.02 -53.60 3.15
C PHE C 90 -17.32 -54.97 3.31
N ILE C 91 -17.92 -55.90 4.07
CA ILE C 91 -17.33 -57.24 4.18
C ILE C 91 -17.39 -57.89 2.81
N ASN C 92 -18.39 -57.54 2.02
CA ASN C 92 -18.60 -58.20 0.75
C ASN C 92 -17.61 -57.81 -0.34
N GLN C 93 -17.35 -56.51 -0.52
CA GLN C 93 -16.40 -56.13 -1.56
C GLN C 93 -14.98 -56.39 -1.09
N TYR C 94 -14.74 -56.31 0.22
CA TYR C 94 -13.44 -56.73 0.73
C TYR C 94 -13.16 -58.14 0.23
N TYR C 95 -14.08 -59.06 0.49
CA TYR C 95 -13.88 -60.44 0.04
C TYR C 95 -13.94 -60.58 -1.47
N SER C 96 -14.70 -59.72 -2.13
CA SER C 96 -14.74 -59.73 -3.60
CA SER C 96 -14.75 -59.72 -3.59
C SER C 96 -13.44 -59.22 -4.19
N SER C 97 -12.82 -58.27 -3.50
CA SER C 97 -11.60 -57.65 -3.97
C SER C 97 -10.37 -58.54 -3.81
N ILE C 98 -10.47 -59.56 -2.97
CA ILE C 98 -9.37 -60.49 -2.82
C ILE C 98 -9.74 -61.81 -3.47
N LYS C 99 -10.70 -61.73 -4.38
CA LYS C 99 -11.14 -62.85 -5.20
C LYS C 99 -11.48 -64.07 -4.36
N ARG C 100 -11.89 -63.83 -3.13
CA ARG C 100 -12.35 -64.89 -2.23
C ARG C 100 -13.77 -64.60 -1.78
N SER C 101 -14.62 -64.31 -2.75
CA SER C 101 -16.06 -64.22 -2.52
C SER C 101 -16.72 -65.44 -3.16
N GLY C 102 -17.46 -66.20 -2.36
CA GLY C 102 -18.05 -67.44 -2.83
C GLY C 102 -17.35 -68.64 -2.23
N SER C 103 -16.02 -68.56 -2.17
CA SER C 103 -15.19 -69.47 -1.37
C SER C 103 -14.84 -68.72 -0.07
N GLN C 104 -15.29 -69.26 1.07
CA GLN C 104 -15.60 -68.38 2.20
C GLN C 104 -14.93 -68.56 3.57
N ALA C 105 -13.83 -67.81 3.76
CA ALA C 105 -13.50 -67.24 5.07
C ALA C 105 -14.45 -66.06 5.24
N HIS C 106 -15.05 -65.72 4.11
CA HIS C 106 -16.17 -64.80 3.98
C HIS C 106 -17.34 -65.12 4.90
N GLU C 107 -17.94 -66.29 4.69
CA GLU C 107 -19.10 -66.75 5.47
C GLU C 107 -18.78 -66.65 6.95
N GLN C 108 -17.60 -67.12 7.32
CA GLN C 108 -17.16 -67.11 8.71
C GLN C 108 -17.11 -65.67 9.26
N ARG C 109 -16.51 -64.76 8.50
CA ARG C 109 -16.39 -63.36 8.89
C ARG C 109 -17.75 -62.65 9.06
N LEU C 110 -18.67 -62.86 8.11
CA LEU C 110 -20.00 -62.27 8.21
C LEU C 110 -20.71 -62.65 9.51
N GLN C 111 -20.64 -63.92 9.88
CA GLN C 111 -21.40 -64.37 11.03
C GLN C 111 -20.70 -63.88 12.30
N GLU C 112 -19.38 -63.75 12.23
CA GLU C 112 -18.60 -63.20 13.32
C GLU C 112 -18.96 -61.73 13.62
N VAL C 113 -19.11 -60.93 12.58
CA VAL C 113 -19.56 -59.53 12.77
C VAL C 113 -20.99 -59.44 13.31
N GLU C 114 -21.88 -60.31 12.84
CA GLU C 114 -23.25 -60.24 13.30
C GLU C 114 -23.30 -60.62 14.78
N ALA C 115 -22.45 -61.54 15.20
CA ALA C 115 -22.36 -61.89 16.61
C ALA C 115 -21.80 -60.74 17.47
N GLU C 116 -20.72 -60.12 16.99
CA GLU C 116 -20.05 -59.04 17.72
C GLU C 116 -20.94 -57.82 17.89
N VAL C 117 -21.79 -57.56 16.89
CA VAL C 117 -22.71 -56.44 16.91
C VAL C 117 -23.91 -56.72 17.81
N ALA C 118 -24.46 -57.92 17.72
CA ALA C 118 -25.56 -58.35 18.57
C ALA C 118 -25.18 -58.35 20.04
N ALA C 119 -23.94 -58.75 20.30
CA ALA C 119 -23.42 -58.85 21.66
C ALA C 119 -23.08 -57.49 22.28
N THR C 120 -22.61 -56.54 21.47
CA THR C 120 -22.11 -55.29 22.02
C THR C 120 -22.51 -53.98 21.32
N GLY C 121 -23.26 -54.05 20.22
CA GLY C 121 -23.71 -52.84 19.55
C GLY C 121 -22.75 -52.34 18.48
N THR C 122 -21.48 -52.74 18.59
CA THR C 122 -20.44 -52.39 17.62
C THR C 122 -19.71 -53.64 17.17
N TYR C 123 -18.70 -53.45 16.32
CA TYR C 123 -17.79 -54.54 16.02
C TYR C 123 -16.37 -54.06 15.76
N GLN C 124 -15.43 -55.00 15.79
CA GLN C 124 -14.05 -54.67 15.51
C GLN C 124 -13.64 -55.07 14.09
N LEU C 125 -12.94 -54.14 13.43
CA LEU C 125 -12.28 -54.39 12.16
C LEU C 125 -10.97 -55.16 12.35
N ARG C 126 -10.82 -56.26 11.63
CA ARG C 126 -9.53 -56.92 11.50
C ARG C 126 -8.58 -55.94 10.83
N GLU C 127 -7.26 -56.06 11.05
CA GLU C 127 -6.31 -55.06 10.57
C GLU C 127 -6.22 -55.04 9.05
N SER C 128 -6.33 -56.22 8.45
CA SER C 128 -6.51 -56.38 7.01
C SER C 128 -7.68 -55.51 6.46
N GLU C 129 -8.82 -55.58 7.14
CA GLU C 129 -10.00 -54.83 6.74
C GLU C 129 -9.79 -53.35 6.96
N LEU C 130 -8.99 -53.01 7.96
CA LEU C 130 -8.69 -51.59 8.23
C LEU C 130 -7.82 -51.02 7.14
N VAL C 131 -6.81 -51.78 6.72
CA VAL C 131 -5.94 -51.37 5.63
C VAL C 131 -6.74 -51.13 4.36
N PHE C 132 -7.50 -52.14 3.96
CA PHE C 132 -8.37 -52.05 2.80
C PHE C 132 -9.32 -50.86 2.90
N GLY C 133 -9.94 -50.70 4.06
CA GLY C 133 -10.87 -49.61 4.29
C GLY C 133 -10.25 -48.25 4.07
N ALA C 134 -9.07 -48.05 4.65
CA ALA C 134 -8.41 -46.76 4.56
C ALA C 134 -7.92 -46.46 3.13
N LYS C 135 -7.50 -47.49 2.38
CA LYS C 135 -7.15 -47.27 0.97
C LYS C 135 -8.37 -46.92 0.12
N GLN C 136 -9.47 -47.66 0.32
CA GLN C 136 -10.65 -47.48 -0.50
C GLN C 136 -11.20 -46.08 -0.33
N ALA C 137 -11.24 -45.60 0.91
CA ALA C 137 -11.67 -44.25 1.21
C ALA C 137 -10.90 -43.19 0.41
N TRP C 138 -9.58 -43.35 0.32
CA TRP C 138 -8.78 -42.45 -0.52
C TRP C 138 -9.15 -42.67 -1.99
N ARG C 139 -9.26 -43.94 -2.37
CA ARG C 139 -9.59 -44.29 -3.74
C ARG C 139 -10.87 -43.57 -4.20
N ASN C 140 -11.82 -43.45 -3.26
CA ASN C 140 -13.16 -42.92 -3.51
C ASN C 140 -13.33 -41.42 -3.34
N ALA C 141 -12.33 -40.75 -2.82
CA ALA C 141 -12.39 -39.31 -2.63
C ALA C 141 -12.40 -38.63 -3.97
N PRO C 142 -13.51 -37.96 -4.32
CA PRO C 142 -13.63 -37.42 -5.66
C PRO C 142 -12.80 -36.14 -5.90
N ARG C 143 -12.58 -35.34 -4.86
CA ARG C 143 -11.81 -34.12 -5.02
C ARG C 143 -10.27 -34.33 -5.00
N CYS C 144 -9.78 -35.55 -4.73
CA CYS C 144 -8.33 -35.76 -4.71
C CYS C 144 -7.75 -36.06 -6.09
N VAL C 145 -6.81 -35.23 -6.54
CA VAL C 145 -6.13 -35.45 -7.82
C VAL C 145 -4.94 -36.42 -7.71
N GLY C 146 -4.54 -36.77 -6.49
CA GLY C 146 -3.34 -37.58 -6.32
C GLY C 146 -3.63 -39.06 -6.25
N ARG C 147 -4.72 -39.50 -6.87
CA ARG C 147 -5.21 -40.84 -6.57
C ARG C 147 -4.54 -41.95 -7.34
N ILE C 148 -3.71 -41.63 -8.33
CA ILE C 148 -2.90 -42.65 -9.00
C ILE C 148 -2.07 -43.44 -7.94
N GLN C 149 -1.90 -42.84 -6.77
CA GLN C 149 -1.07 -43.36 -5.68
C GLN C 149 -1.82 -44.21 -4.66
N TRP C 150 -3.14 -44.40 -4.86
CA TRP C 150 -4.00 -44.88 -3.79
C TRP C 150 -3.60 -46.25 -3.24
N GLY C 151 -2.92 -47.05 -4.06
CA GLY C 151 -2.46 -48.35 -3.62
C GLY C 151 -1.29 -48.28 -2.63
N LYS C 152 -0.46 -47.26 -2.77
CA LYS C 152 0.66 -47.09 -1.87
C LYS C 152 0.28 -46.16 -0.72
N LEU C 153 -0.29 -46.74 0.32
CA LEU C 153 -0.65 -45.99 1.52
C LEU C 153 -0.23 -46.75 2.80
N GLN C 154 0.58 -46.12 3.64
CA GLN C 154 1.03 -46.75 4.87
C GLN C 154 0.04 -46.50 6.01
N VAL C 155 -0.51 -47.58 6.55
CA VAL C 155 -1.53 -47.46 7.59
C VAL C 155 -0.98 -47.78 8.98
N PHE C 156 -1.17 -46.85 9.90
CA PHE C 156 -0.73 -47.01 11.28
C PHE C 156 -1.92 -47.29 12.18
N ASP C 157 -1.90 -48.43 12.86
CA ASP C 157 -3.03 -48.81 13.69
C ASP C 157 -2.82 -48.31 15.11
N ALA C 158 -3.52 -47.24 15.45
CA ALA C 158 -3.43 -46.62 16.76
C ALA C 158 -4.68 -46.86 17.58
N ARG C 159 -5.43 -47.90 17.26
CA ARG C 159 -6.69 -48.18 17.97
C ARG C 159 -6.41 -48.62 19.39
N ASP C 160 -5.16 -48.97 19.66
CA ASP C 160 -4.71 -49.26 21.01
C ASP C 160 -4.66 -47.99 21.89
N CYS C 161 -4.83 -46.83 21.27
CA CYS C 161 -4.56 -45.55 21.96
C CYS C 161 -5.50 -45.31 23.13
N ARG C 162 -4.95 -44.76 24.22
CA ARG C 162 -5.70 -44.57 25.44
C ARG C 162 -5.62 -43.14 25.95
N SER C 163 -4.50 -42.49 25.70
CA SER C 163 -4.23 -41.20 26.30
C SER C 163 -3.90 -40.13 25.27
N ALA C 164 -4.16 -38.87 25.65
CA ALA C 164 -3.81 -37.74 24.81
C ALA C 164 -2.29 -37.62 24.66
N GLN C 165 -1.56 -38.13 25.64
CA GLN C 165 -0.09 -38.11 25.57
C GLN C 165 0.41 -39.11 24.52
N GLU C 166 -0.16 -40.32 24.51
CA GLU C 166 0.26 -41.30 23.52
C GLU C 166 -0.42 -41.06 22.18
N MET C 167 -1.55 -40.36 22.20
CA MET C 167 -2.10 -39.85 20.94
C MET C 167 -1.02 -38.99 20.31
N PHE C 168 -0.43 -38.12 21.12
CA PHE C 168 0.67 -37.27 20.68
C PHE C 168 1.90 -38.06 20.18
N THR C 169 2.19 -39.21 20.78
CA THR C 169 3.34 -40.00 20.35
C THR C 169 3.09 -40.67 19.00
N TYR C 170 1.88 -41.20 18.79
CA TYR C 170 1.50 -41.74 17.48
C TYR C 170 1.63 -40.68 16.37
N ILE C 171 1.25 -39.44 16.68
CA ILE C 171 1.28 -38.37 15.70
C ILE C 171 2.71 -38.02 15.27
N CYS C 172 3.62 -38.03 16.24
CA CYS C 172 5.01 -37.71 15.96
C CYS C 172 5.65 -38.85 15.16
N ASN C 173 5.27 -40.08 15.47
CA ASN C 173 5.71 -41.23 14.69
C ASN C 173 5.28 -41.05 13.25
N HIS C 174 4.00 -40.77 13.07
CA HIS C 174 3.45 -40.51 11.76
C HIS C 174 4.23 -39.43 11.04
N ILE C 175 4.27 -38.24 11.64
CA ILE C 175 4.99 -37.10 11.04
C ILE C 175 6.40 -37.50 10.64
N LYS C 176 7.12 -38.18 11.53
CA LYS C 176 8.48 -38.63 11.24
C LYS C 176 8.52 -39.60 10.06
N TYR C 177 7.66 -40.62 10.05
CA TYR C 177 7.70 -41.62 8.97
C TYR C 177 7.35 -41.00 7.61
N ALA C 178 6.34 -40.14 7.58
CA ALA C 178 5.80 -39.65 6.31
C ALA C 178 6.72 -38.62 5.65
N THR C 179 7.41 -37.85 6.49
CA THR C 179 8.38 -36.86 6.00
C THR C 179 9.62 -37.53 5.41
N ASN C 180 10.26 -38.40 6.19
CA ASN C 180 11.37 -39.25 5.73
C ASN C 180 12.45 -38.44 5.01
N ARG C 181 12.89 -37.37 5.68
CA ARG C 181 13.99 -36.53 5.20
C ARG C 181 13.67 -35.80 3.90
N GLY C 182 12.38 -35.74 3.55
CA GLY C 182 11.99 -35.00 2.37
C GLY C 182 11.48 -35.87 1.23
N ASN C 183 11.77 -37.15 1.29
CA ASN C 183 11.18 -38.05 0.32
C ASN C 183 9.87 -38.49 0.90
N LEU C 184 8.81 -37.77 0.56
CA LEU C 184 7.53 -37.98 1.24
C LEU C 184 6.94 -39.33 0.86
N ARG C 185 6.27 -39.94 1.83
CA ARG C 185 5.56 -41.21 1.66
C ARG C 185 4.15 -41.02 2.17
N SER C 186 3.16 -41.60 1.50
CA SER C 186 1.78 -41.41 1.93
C SER C 186 1.54 -42.24 3.19
N ALA C 187 0.67 -41.76 4.08
CA ALA C 187 0.45 -42.41 5.38
C ALA C 187 -0.85 -42.00 6.09
N ILE C 188 -1.46 -42.93 6.82
CA ILE C 188 -2.58 -42.61 7.69
C ILE C 188 -2.45 -43.32 9.07
N THR C 189 -2.88 -42.64 10.13
CA THR C 189 -2.94 -43.20 11.48
C THR C 189 -4.37 -43.19 11.97
N VAL C 190 -4.83 -44.31 12.51
CA VAL C 190 -6.22 -44.44 12.91
C VAL C 190 -6.35 -44.55 14.43
N PHE C 191 -7.08 -43.62 15.05
CA PHE C 191 -7.33 -43.71 16.49
C PHE C 191 -8.66 -44.44 16.74
N PRO C 192 -8.93 -44.83 17.99
CA PRO C 192 -10.14 -45.62 18.25
C PRO C 192 -11.44 -44.97 17.77
N GLN C 193 -12.34 -45.84 17.33
CA GLN C 193 -13.60 -45.41 16.75
C GLN C 193 -14.50 -44.78 17.80
N ARG C 194 -15.42 -43.96 17.33
CA ARG C 194 -16.53 -43.53 18.14
C ARG C 194 -17.35 -44.76 18.50
N CYS C 195 -17.89 -44.78 19.72
CA CYS C 195 -18.78 -45.84 20.14
C CYS C 195 -19.78 -45.26 21.13
N PRO C 196 -20.96 -45.88 21.27
CA PRO C 196 -21.95 -45.41 22.25
C PRO C 196 -21.39 -45.41 23.68
N GLY C 197 -21.92 -44.52 24.53
CA GLY C 197 -21.52 -44.48 25.93
C GLY C 197 -20.50 -43.40 26.25
N ARG C 198 -19.55 -43.20 25.32
CA ARG C 198 -18.52 -42.19 25.47
C ARG C 198 -18.10 -41.69 24.09
N GLY C 199 -17.80 -40.40 23.99
CA GLY C 199 -17.46 -39.79 22.72
C GLY C 199 -16.17 -40.26 22.06
N ASP C 200 -15.46 -39.29 21.48
CA ASP C 200 -14.42 -39.58 20.52
C ASP C 200 -13.03 -39.06 20.91
N PHE C 201 -12.03 -39.54 20.19
CA PHE C 201 -10.74 -38.87 20.09
C PHE C 201 -10.80 -37.84 18.98
N ARG C 202 -10.29 -36.64 19.24
CA ARG C 202 -10.34 -35.57 18.26
C ARG C 202 -9.03 -34.81 18.22
N ILE C 203 -8.63 -34.41 17.03
CA ILE C 203 -7.53 -33.49 16.88
C ILE C 203 -8.13 -32.16 16.48
N TRP C 204 -8.15 -31.20 17.40
CA TRP C 204 -8.80 -29.93 17.13
C TRP C 204 -8.16 -29.13 16.00
N ASN C 205 -6.94 -29.50 15.63
CA ASN C 205 -6.28 -28.84 14.53
C ASN C 205 -6.82 -29.38 13.21
N SER C 206 -6.89 -28.53 12.19
CA SER C 206 -7.40 -28.92 10.89
C SER C 206 -6.28 -29.57 10.09
N GLN C 207 -5.06 -29.26 10.49
CA GLN C 207 -3.86 -29.93 10.01
C GLN C 207 -2.85 -30.09 11.13
N LEU C 208 -2.01 -31.12 11.01
CA LEU C 208 -0.95 -31.35 11.97
C LEU C 208 0.02 -30.17 11.98
N VAL C 209 0.27 -29.62 10.78
CA VAL C 209 1.09 -28.43 10.65
C VAL C 209 0.26 -27.29 10.07
N ARG C 210 -0.06 -26.31 10.92
CA ARG C 210 -0.78 -25.11 10.50
C ARG C 210 -0.07 -23.87 11.11
N TYR C 211 0.12 -22.81 10.32
CA TYR C 211 0.74 -21.56 10.81
C TYR C 211 -0.25 -20.67 11.60
N ALA C 212 0.25 -19.99 12.63
CA ALA C 212 -0.62 -19.18 13.49
C ALA C 212 -1.15 -17.94 12.76
N GLY C 213 -2.22 -17.37 13.30
CA GLY C 213 -2.81 -16.18 12.72
C GLY C 213 -3.18 -15.24 13.84
N TYR C 214 -2.58 -14.06 13.84
CA TYR C 214 -2.73 -13.15 14.96
C TYR C 214 -3.59 -11.96 14.59
N ARG C 215 -4.71 -11.81 15.30
CA ARG C 215 -5.56 -10.66 15.10
C ARG C 215 -4.91 -9.42 15.68
N GLN C 216 -4.76 -8.39 14.87
CA GLN C 216 -4.28 -7.10 15.36
C GLN C 216 -5.46 -6.29 15.91
N GLN C 217 -5.17 -5.17 16.56
CA GLN C 217 -6.24 -4.35 17.11
C GLN C 217 -6.95 -3.63 15.97
N ASP C 218 -6.32 -3.59 14.80
CA ASP C 218 -6.93 -3.03 13.61
C ASP C 218 -8.01 -3.95 13.07
N GLY C 219 -7.75 -5.25 13.16
CA GLY C 219 -8.60 -6.25 12.54
C GLY C 219 -7.80 -7.01 11.50
N SER C 220 -6.72 -6.39 11.02
CA SER C 220 -5.82 -7.06 10.10
C SER C 220 -5.17 -8.23 10.82
N VAL C 221 -4.68 -9.20 10.07
CA VAL C 221 -4.16 -10.41 10.67
C VAL C 221 -2.71 -10.62 10.22
N ARG C 222 -1.87 -11.09 11.15
CA ARG C 222 -0.50 -11.47 10.85
C ARG C 222 -0.37 -12.97 11.00
N GLY C 223 0.27 -13.61 10.04
CA GLY C 223 0.24 -15.06 9.93
C GLY C 223 -0.85 -15.51 8.96
N ASP C 224 -1.44 -16.68 9.22
CA ASP C 224 -2.45 -17.25 8.32
C ASP C 224 -3.85 -16.92 8.80
N PRO C 225 -4.64 -16.25 7.94
CA PRO C 225 -6.02 -15.87 8.28
C PRO C 225 -6.92 -17.07 8.51
N ALA C 226 -6.67 -18.14 7.77
CA ALA C 226 -7.43 -19.38 7.92
C ALA C 226 -7.40 -19.94 9.35
N ASN C 227 -6.29 -19.73 10.05
CA ASN C 227 -6.14 -20.32 11.37
C ASN C 227 -6.25 -19.30 12.50
N VAL C 228 -7.16 -18.34 12.36
CA VAL C 228 -7.37 -17.35 13.42
C VAL C 228 -7.96 -17.98 14.66
N GLU C 229 -9.05 -18.76 14.49
CA GLU C 229 -9.78 -19.25 15.65
C GLU C 229 -9.05 -20.41 16.34
N ILE C 230 -8.23 -21.16 15.60
CA ILE C 230 -7.51 -22.26 16.23
C ILE C 230 -6.27 -21.75 16.96
N THR C 231 -5.72 -20.65 16.46
CA THR C 231 -4.64 -19.95 17.16
C THR C 231 -5.22 -19.45 18.49
N GLU C 232 -6.44 -18.89 18.40
CA GLU C 232 -7.15 -18.37 19.56
C GLU C 232 -7.36 -19.45 20.62
N LEU C 233 -7.81 -20.61 20.18
CA LEU C 233 -8.03 -21.73 21.09
C LEU C 233 -6.74 -22.17 21.74
N CYS C 234 -5.64 -22.09 20.99
CA CYS C 234 -4.36 -22.59 21.48
C CYS C 234 -3.88 -21.75 22.65
N ILE C 235 -3.84 -20.44 22.44
CA ILE C 235 -3.49 -19.51 23.50
C ILE C 235 -4.39 -19.67 24.73
N GLN C 236 -5.70 -19.70 24.51
CA GLN C 236 -6.65 -19.83 25.60
C GLN C 236 -6.38 -21.07 26.44
N HIS C 237 -5.91 -22.13 25.79
CA HIS C 237 -5.59 -23.37 26.49
C HIS C 237 -4.13 -23.40 26.92
N GLY C 238 -3.53 -22.22 27.07
CA GLY C 238 -2.23 -22.11 27.69
C GLY C 238 -1.11 -21.56 26.83
N TRP C 239 -1.16 -21.87 25.53
CA TRP C 239 -0.03 -21.58 24.66
C TRP C 239 0.32 -20.12 24.65
N THR C 240 1.63 -19.84 24.74
CA THR C 240 2.10 -18.46 24.65
C THR C 240 2.39 -18.12 23.18
N PRO C 241 1.65 -17.12 22.65
CA PRO C 241 1.64 -16.71 21.24
C PRO C 241 3.01 -16.41 20.67
N GLY C 242 3.05 -15.95 19.42
CA GLY C 242 4.31 -15.81 18.73
C GLY C 242 4.62 -14.49 18.06
N ASN C 243 5.62 -14.54 17.19
CA ASN C 243 6.29 -13.35 16.68
C ASN C 243 5.80 -12.93 15.31
N GLY C 244 5.91 -13.84 14.35
CA GLY C 244 5.80 -13.45 12.97
C GLY C 244 4.76 -14.17 12.15
N ARG C 245 5.07 -14.29 10.87
CA ARG C 245 4.15 -14.69 9.83
C ARG C 245 4.11 -16.18 9.60
N PHE C 246 4.95 -16.92 10.34
CA PHE C 246 5.03 -18.35 10.15
C PHE C 246 5.31 -19.08 11.44
N ASP C 247 4.60 -18.71 12.50
CA ASP C 247 4.70 -19.41 13.76
C ASP C 247 3.90 -20.72 13.69
N VAL C 248 4.62 -21.83 13.75
CA VAL C 248 3.98 -23.15 13.72
C VAL C 248 3.12 -23.35 14.95
N LEU C 249 1.84 -23.59 14.76
CA LEU C 249 0.93 -23.80 15.89
C LEU C 249 1.27 -25.09 16.61
N PRO C 250 0.94 -25.17 17.91
CA PRO C 250 1.03 -26.44 18.64
C PRO C 250 -0.14 -27.35 18.28
N LEU C 251 -0.31 -28.44 19.02
CA LEU C 251 -1.40 -29.38 18.76
C LEU C 251 -2.40 -29.36 19.88
N LEU C 252 -3.68 -29.37 19.52
CA LEU C 252 -4.76 -29.45 20.49
C LEU C 252 -5.43 -30.81 20.37
N LEU C 253 -4.96 -31.74 21.18
CA LEU C 253 -5.41 -33.13 21.11
C LEU C 253 -6.40 -33.42 22.22
N GLN C 254 -7.54 -34.00 21.86
CA GLN C 254 -8.54 -34.36 22.86
C GLN C 254 -8.77 -35.85 22.91
N ALA C 255 -8.68 -36.41 24.11
CA ALA C 255 -8.85 -37.84 24.34
C ALA C 255 -10.22 -38.06 25.06
N PRO C 256 -10.40 -39.13 25.86
CA PRO C 256 -11.85 -39.37 25.97
C PRO C 256 -12.55 -38.48 26.99
N ASP C 257 -13.55 -37.73 26.53
CA ASP C 257 -14.45 -36.99 27.42
C ASP C 257 -13.70 -36.13 28.44
N GLU C 258 -12.52 -35.69 28.04
CA GLU C 258 -11.66 -34.87 28.87
C GLU C 258 -11.25 -33.69 28.00
N PRO C 259 -11.08 -32.50 28.59
CA PRO C 259 -10.60 -31.34 27.82
C PRO C 259 -9.32 -31.63 27.02
N PRO C 260 -9.05 -30.82 25.99
CA PRO C 260 -7.82 -31.06 25.21
C PRO C 260 -6.58 -30.51 25.92
N GLU C 261 -5.44 -31.18 25.78
CA GLU C 261 -4.21 -30.60 26.28
C GLU C 261 -3.29 -30.20 25.14
N LEU C 262 -2.29 -29.38 25.46
CA LEU C 262 -1.42 -28.78 24.46
C LEU C 262 -0.12 -29.54 24.29
N PHE C 263 0.31 -29.69 23.04
CA PHE C 263 1.55 -30.36 22.75
C PHE C 263 2.31 -29.57 21.71
N LEU C 264 3.63 -29.42 21.92
CA LEU C 264 4.46 -28.63 21.02
C LEU C 264 5.24 -29.55 20.09
N LEU C 265 5.09 -29.35 18.78
CA LEU C 265 5.81 -30.17 17.82
C LEU C 265 7.28 -29.85 17.94
N PRO C 266 8.09 -30.86 18.29
CA PRO C 266 9.54 -30.64 18.35
C PRO C 266 10.02 -30.13 17.00
N PRO C 267 10.72 -28.98 17.00
CA PRO C 267 11.03 -28.24 15.78
C PRO C 267 11.83 -29.05 14.76
N GLU C 268 12.65 -29.98 15.24
CA GLU C 268 13.38 -30.91 14.37
C GLU C 268 12.44 -31.86 13.60
N LEU C 269 11.20 -31.99 14.05
CA LEU C 269 10.25 -32.91 13.43
C LEU C 269 9.50 -32.30 12.27
N VAL C 270 9.34 -30.97 12.27
CA VAL C 270 8.58 -30.25 11.24
C VAL C 270 9.47 -29.65 10.15
N LEU C 271 9.60 -30.35 9.02
CA LEU C 271 10.39 -29.89 7.90
C LEU C 271 9.76 -28.68 7.20
N GLU C 272 10.56 -27.65 6.91
CA GLU C 272 10.08 -26.46 6.21
C GLU C 272 10.97 -26.09 5.04
N VAL C 273 10.43 -25.33 4.11
CA VAL C 273 11.18 -24.97 2.92
C VAL C 273 11.14 -23.46 2.71
N PRO C 274 12.30 -22.79 2.87
CA PRO C 274 12.30 -21.36 2.58
C PRO C 274 12.09 -21.20 1.11
N LEU C 275 11.41 -20.13 0.71
CA LEU C 275 11.07 -19.98 -0.70
C LEU C 275 12.02 -19.03 -1.39
N GLU C 276 12.56 -19.49 -2.51
CA GLU C 276 13.46 -18.66 -3.31
CA GLU C 276 13.48 -18.69 -3.31
C GLU C 276 13.09 -18.84 -4.76
N HIS C 277 13.50 -17.89 -5.60
CA HIS C 277 13.21 -17.93 -7.03
C HIS C 277 14.53 -18.00 -7.79
N PRO C 278 14.58 -18.82 -8.84
CA PRO C 278 15.83 -19.10 -9.58
C PRO C 278 16.44 -17.89 -10.28
N THR C 279 15.70 -16.82 -10.54
CA THR C 279 16.27 -15.69 -11.26
C THR C 279 15.93 -14.34 -10.65
N LEU C 280 15.10 -14.38 -9.62
CA LEU C 280 14.63 -13.15 -8.96
C LEU C 280 15.24 -13.13 -7.57
N GLU C 281 16.43 -12.52 -7.45
CA GLU C 281 17.19 -12.70 -6.23
C GLU C 281 16.54 -11.95 -5.06
N TRP C 282 15.63 -11.02 -5.35
CA TRP C 282 14.92 -10.33 -4.27
C TRP C 282 13.82 -11.22 -3.62
N PHE C 283 13.40 -12.29 -4.31
CA PHE C 283 12.26 -13.10 -3.85
C PHE C 283 12.54 -13.71 -2.47
N ALA C 284 13.76 -14.23 -2.29
CA ALA C 284 14.15 -14.79 -1.01
C ALA C 284 13.96 -13.81 0.14
N ALA C 285 14.18 -12.52 -0.14
CA ALA C 285 14.13 -11.51 0.92
C ALA C 285 12.74 -11.26 1.47
N LEU C 286 11.71 -11.77 0.79
CA LEU C 286 10.33 -11.60 1.25
C LEU C 286 10.09 -12.45 2.49
N GLY C 287 10.94 -13.46 2.68
CA GLY C 287 10.88 -14.32 3.85
C GLY C 287 9.78 -15.37 3.84
N LEU C 288 9.33 -15.76 2.65
CA LEU C 288 8.24 -16.72 2.59
C LEU C 288 8.78 -18.12 2.82
N ARG C 289 7.90 -18.99 3.31
CA ARG C 289 8.25 -20.38 3.51
C ARG C 289 6.96 -21.19 3.55
N TRP C 290 7.07 -22.48 3.30
CA TRP C 290 5.97 -23.39 3.59
C TRP C 290 6.54 -24.70 4.14
N TYR C 291 5.67 -25.52 4.74
CA TYR C 291 6.07 -26.80 5.30
C TYR C 291 5.95 -27.92 4.26
N ALA C 292 6.58 -29.06 4.52
CA ALA C 292 6.65 -30.16 3.56
C ALA C 292 5.43 -31.10 3.56
N LEU C 293 4.92 -31.41 4.74
CA LEU C 293 3.87 -32.42 4.88
C LEU C 293 2.45 -31.84 4.96
N PRO C 294 1.60 -32.12 3.94
CA PRO C 294 0.17 -31.79 4.04
C PRO C 294 -0.53 -32.89 4.79
N ALA C 295 -0.99 -32.63 6.01
CA ALA C 295 -1.56 -33.70 6.80
C ALA C 295 -2.83 -33.25 7.49
N VAL C 296 -3.96 -33.59 6.88
CA VAL C 296 -5.26 -33.21 7.41
C VAL C 296 -5.57 -34.03 8.65
N SER C 297 -6.08 -33.35 9.68
CA SER C 297 -6.35 -33.97 10.96
C SER C 297 -7.77 -33.78 11.47
N ASN C 298 -8.66 -33.15 10.70
CA ASN C 298 -10.00 -32.92 11.24
C ASN C 298 -11.13 -33.62 10.51
N MET C 299 -10.82 -34.47 9.54
CA MET C 299 -11.90 -35.22 8.86
C MET C 299 -12.24 -36.52 9.60
N LEU C 300 -13.44 -37.02 9.34
CA LEU C 300 -13.89 -38.29 9.89
C LEU C 300 -13.69 -39.40 8.86
N LEU C 301 -13.18 -40.53 9.30
CA LEU C 301 -13.07 -41.71 8.45
C LEU C 301 -14.24 -42.63 8.74
N GLU C 302 -14.93 -43.07 7.68
CA GLU C 302 -15.99 -44.08 7.82
C GLU C 302 -15.68 -45.37 7.05
N ILE C 303 -15.78 -46.49 7.76
CA ILE C 303 -15.61 -47.82 7.19
C ILE C 303 -16.71 -48.77 7.70
N GLY C 304 -17.37 -49.47 6.78
CA GLY C 304 -18.35 -50.49 7.13
C GLY C 304 -19.29 -50.12 8.26
N GLY C 305 -19.69 -48.85 8.31
CA GLY C 305 -20.62 -48.37 9.32
C GLY C 305 -19.95 -47.92 10.60
N LEU C 306 -18.62 -48.03 10.66
CA LEU C 306 -17.86 -47.54 11.80
C LEU C 306 -17.27 -46.16 11.50
N GLU C 307 -17.11 -45.35 12.54
CA GLU C 307 -16.65 -43.98 12.33
C GLU C 307 -15.40 -43.65 13.15
N PHE C 308 -14.34 -43.22 12.47
CA PHE C 308 -13.11 -42.88 13.15
C PHE C 308 -12.86 -41.38 13.09
N PRO C 309 -13.35 -40.65 14.10
CA PRO C 309 -13.32 -39.18 14.16
C PRO C 309 -11.89 -38.60 14.22
N ALA C 310 -10.93 -39.36 14.73
CA ALA C 310 -9.53 -39.00 14.58
C ALA C 310 -8.80 -40.03 13.70
N ALA C 311 -8.37 -39.60 12.51
CA ALA C 311 -7.63 -40.46 11.57
C ALA C 311 -6.76 -39.65 10.62
N PRO C 312 -5.76 -38.92 11.17
CA PRO C 312 -4.99 -38.02 10.31
C PRO C 312 -4.28 -38.76 9.18
N PHE C 313 -4.23 -38.13 8.02
CA PHE C 313 -3.61 -38.68 6.81
C PHE C 313 -2.82 -37.61 6.04
N SER C 314 -1.88 -38.05 5.21
CA SER C 314 -0.93 -37.17 4.53
C SER C 314 -0.40 -37.77 3.23
N GLY C 315 -0.08 -36.91 2.28
CA GLY C 315 0.66 -37.31 1.09
C GLY C 315 1.78 -36.29 0.90
N TRP C 316 1.86 -35.72 -0.29
CA TRP C 316 2.74 -34.58 -0.53
C TRP C 316 1.98 -33.54 -1.30
N TYR C 317 2.54 -32.35 -1.45
CA TYR C 317 1.84 -31.20 -2.04
C TYR C 317 1.87 -31.17 -3.54
N MET C 318 0.83 -30.54 -4.09
CA MET C 318 0.86 -30.07 -5.46
C MET C 318 1.27 -28.61 -5.38
N SER C 319 2.20 -28.17 -6.24
CA SER C 319 2.68 -26.78 -6.22
C SER C 319 1.57 -25.77 -6.02
N THR C 320 0.51 -25.91 -6.80
CA THR C 320 -0.52 -24.86 -6.87
C THR C 320 -1.24 -24.67 -5.53
N GLU C 321 -1.16 -25.63 -4.63
CA GLU C 321 -1.85 -25.48 -3.36
C GLU C 321 -1.12 -24.50 -2.51
N ILE C 322 0.19 -24.50 -2.70
CA ILE C 322 1.04 -23.61 -1.95
C ILE C 322 1.17 -22.32 -2.71
N GLY C 323 1.49 -22.45 -4.00
CA GLY C 323 1.80 -21.31 -4.83
C GLY C 323 0.63 -20.39 -5.01
N THR C 324 -0.54 -20.97 -5.15
CA THR C 324 -1.69 -20.20 -5.57
C THR C 324 -2.73 -20.05 -4.47
N ARG C 325 -3.12 -21.16 -3.85
CA ARG C 325 -4.19 -21.06 -2.89
C ARG C 325 -3.68 -20.47 -1.58
N ASN C 326 -2.59 -21.02 -1.06
CA ASN C 326 -2.19 -20.63 0.29
C ASN C 326 -1.52 -19.25 0.38
N LEU C 327 -0.79 -18.89 -0.67
CA LEU C 327 -0.04 -17.65 -0.65
C LEU C 327 -0.76 -16.55 -1.41
N CYS C 328 -1.62 -16.92 -2.37
CA CYS C 328 -2.28 -15.91 -3.20
C CYS C 328 -3.76 -15.65 -2.96
N ASP C 329 -4.52 -16.59 -2.38
CA ASP C 329 -5.94 -16.33 -2.12
C ASP C 329 -6.08 -15.09 -1.27
N PRO C 330 -7.04 -14.22 -1.60
CA PRO C 330 -7.28 -12.95 -0.89
C PRO C 330 -7.48 -13.15 0.60
N HIS C 331 -8.14 -14.24 0.96
CA HIS C 331 -8.47 -14.48 2.36
C HIS C 331 -7.39 -15.38 3.02
N ARG C 332 -6.23 -15.50 2.38
CA ARG C 332 -5.09 -16.19 2.98
C ARG C 332 -3.92 -15.21 3.07
N TYR C 333 -2.72 -15.62 2.66
CA TYR C 333 -1.56 -14.72 2.76
C TYR C 333 -1.65 -13.54 1.79
N ASN C 334 -2.26 -13.76 0.63
CA ASN C 334 -2.69 -12.64 -0.18
C ASN C 334 -1.51 -11.81 -0.64
N ILE C 335 -0.47 -12.48 -1.16
CA ILE C 335 0.80 -11.80 -1.40
C ILE C 335 1.00 -11.34 -2.83
N LEU C 336 0.00 -11.59 -3.66
CA LEU C 336 0.10 -11.36 -5.10
C LEU C 336 0.65 -9.99 -5.47
N GLU C 337 0.05 -8.95 -4.92
CA GLU C 337 0.40 -7.57 -5.24
C GLU C 337 1.85 -7.24 -4.83
N ASP C 338 2.30 -7.87 -3.76
CA ASP C 338 3.65 -7.67 -3.26
C ASP C 338 4.65 -8.15 -4.28
N VAL C 339 4.49 -9.39 -4.70
CA VAL C 339 5.32 -9.90 -5.76
C VAL C 339 5.22 -9.04 -7.00
N ALA C 340 4.00 -8.63 -7.35
CA ALA C 340 3.77 -7.81 -8.54
C ALA C 340 4.59 -6.52 -8.47
N VAL C 341 4.46 -5.81 -7.35
CA VAL C 341 5.26 -4.60 -7.11
C VAL C 341 6.80 -4.82 -7.22
N CYS C 342 7.32 -5.90 -6.66
CA CYS C 342 8.75 -6.15 -6.81
C CYS C 342 9.09 -6.51 -8.25
N MET C 343 8.12 -7.04 -9.00
CA MET C 343 8.39 -7.44 -10.38
C MET C 343 8.30 -6.23 -11.28
N ASP C 344 8.02 -5.06 -10.69
CA ASP C 344 7.91 -3.80 -11.41
C ASP C 344 6.79 -3.87 -12.42
N LEU C 345 5.67 -4.45 -12.02
CA LEU C 345 4.54 -4.62 -12.93
C LEU C 345 3.53 -3.50 -12.69
N ASP C 346 2.69 -3.25 -13.69
CA ASP C 346 1.71 -2.19 -13.57
C ASP C 346 0.44 -2.67 -12.88
N THR C 347 0.30 -2.34 -11.61
CA THR C 347 -0.84 -2.85 -10.86
C THR C 347 -2.13 -2.00 -10.92
N ARG C 348 -2.12 -0.86 -11.59
CA ARG C 348 -3.34 -0.03 -11.55
C ARG C 348 -4.28 -0.36 -12.71
N THR C 349 -4.04 -1.49 -13.37
CA THR C 349 -4.95 -1.98 -14.41
C THR C 349 -4.88 -3.51 -14.60
N THR C 350 -6.04 -4.17 -14.63
CA THR C 350 -6.06 -5.63 -14.71
C THR C 350 -5.64 -6.17 -16.06
N SER C 351 -5.64 -5.33 -17.10
CA SER C 351 -5.29 -5.86 -18.42
C SER C 351 -3.76 -5.95 -18.63
N SER C 352 -2.98 -5.59 -17.62
CA SER C 352 -1.55 -5.91 -17.70
C SER C 352 -1.31 -7.37 -17.38
N LEU C 353 -2.33 -8.02 -16.83
CA LEU C 353 -2.21 -9.40 -16.35
C LEU C 353 -1.08 -9.54 -15.33
N TRP C 354 -0.94 -8.53 -14.47
CA TRP C 354 0.07 -8.59 -13.44
C TRP C 354 -0.24 -9.68 -12.45
N LYS C 355 -1.52 -9.89 -12.18
CA LYS C 355 -1.93 -10.96 -11.28
C LYS C 355 -1.53 -12.33 -11.80
N ASP C 356 -1.44 -12.47 -13.12
CA ASP C 356 -1.17 -13.75 -13.74
C ASP C 356 0.33 -13.99 -13.75
N LYS C 357 1.04 -12.94 -14.13
CA LYS C 357 2.48 -12.99 -14.19
C LYS C 357 3.06 -13.27 -12.80
N ALA C 358 2.63 -12.50 -11.79
CA ALA C 358 3.09 -12.70 -10.42
C ALA C 358 2.81 -14.13 -9.95
N ALA C 359 1.55 -14.53 -10.04
CA ALA C 359 1.13 -15.88 -9.66
C ALA C 359 2.02 -16.99 -10.26
N VAL C 360 2.30 -16.90 -11.55
CA VAL C 360 3.12 -17.91 -12.21
C VAL C 360 4.52 -17.91 -11.62
N GLU C 361 5.08 -16.74 -11.36
CA GLU C 361 6.42 -16.72 -10.77
C GLU C 361 6.43 -17.29 -9.36
N ILE C 362 5.37 -17.08 -8.60
CA ILE C 362 5.31 -17.62 -7.24
C ILE C 362 5.25 -19.16 -7.25
N ASN C 363 4.61 -19.71 -8.27
CA ASN C 363 4.62 -21.16 -8.44
C ASN C 363 5.96 -21.68 -8.92
N VAL C 364 6.66 -20.88 -9.73
CA VAL C 364 8.00 -21.24 -10.21
C VAL C 364 8.96 -21.29 -9.01
N ALA C 365 8.82 -20.31 -8.12
CA ALA C 365 9.55 -20.28 -6.88
C ALA C 365 9.26 -21.51 -6.02
N VAL C 366 8.00 -21.85 -5.88
CA VAL C 366 7.63 -22.97 -5.01
C VAL C 366 8.24 -24.26 -5.51
N LEU C 367 8.10 -24.50 -6.81
CA LEU C 367 8.68 -25.71 -7.40
C LEU C 367 10.21 -25.73 -7.24
N HIS C 368 10.83 -24.57 -7.41
CA HIS C 368 12.29 -24.45 -7.35
C HIS C 368 12.81 -24.73 -5.94
N SER C 369 12.21 -24.06 -4.95
CA SER C 369 12.62 -24.23 -3.56
C SER C 369 12.50 -25.68 -3.12
N TYR C 370 11.40 -26.34 -3.45
CA TYR C 370 11.19 -27.72 -3.03
C TYR C 370 12.18 -28.70 -3.67
N GLN C 371 12.42 -28.55 -4.96
CA GLN C 371 13.36 -29.41 -5.65
C GLN C 371 14.79 -29.18 -5.17
N LEU C 372 15.12 -27.94 -4.87
CA LEU C 372 16.45 -27.61 -4.37
C LEU C 372 16.63 -28.25 -3.00
N ALA C 373 15.54 -28.31 -2.23
CA ALA C 373 15.62 -28.78 -0.86
C ALA C 373 15.30 -30.26 -0.80
N LYS C 374 15.23 -30.88 -1.98
CA LYS C 374 14.98 -32.32 -2.11
C LYS C 374 13.70 -32.75 -1.41
N VAL C 375 12.66 -31.92 -1.48
CA VAL C 375 11.39 -32.32 -0.88
C VAL C 375 10.34 -32.61 -1.94
N THR C 376 9.58 -33.66 -1.74
CA THR C 376 8.64 -34.14 -2.74
C THR C 376 7.59 -33.11 -3.10
N ILE C 377 7.48 -32.83 -4.39
CA ILE C 377 6.45 -31.94 -4.88
C ILE C 377 6.10 -32.29 -6.32
N VAL C 378 4.86 -32.04 -6.71
CA VAL C 378 4.46 -32.35 -8.08
C VAL C 378 3.79 -31.10 -8.69
N ASP C 379 4.05 -30.81 -9.96
CA ASP C 379 3.44 -29.64 -10.57
C ASP C 379 2.07 -30.03 -11.10
N HIS C 380 1.22 -29.03 -11.37
CA HIS C 380 -0.18 -29.32 -11.71
C HIS C 380 -0.27 -30.08 -13.01
N HIS C 381 0.66 -29.81 -13.94
CA HIS C 381 0.62 -30.51 -15.22
C HIS C 381 0.89 -31.99 -15.03
N ALA C 382 1.90 -32.29 -14.24
CA ALA C 382 2.28 -33.67 -14.01
C ALA C 382 1.18 -34.35 -13.21
N ALA C 383 0.70 -33.68 -12.18
CA ALA C 383 -0.38 -34.21 -11.35
C ALA C 383 -1.56 -34.62 -12.20
N THR C 384 -2.07 -33.70 -13.00
CA THR C 384 -3.30 -33.95 -13.75
C THR C 384 -3.10 -35.02 -14.83
N ALA C 385 -1.91 -35.08 -15.41
CA ALA C 385 -1.60 -36.10 -16.43
C ALA C 385 -1.65 -37.50 -15.84
N SER C 386 -1.31 -37.61 -14.56
CA SER C 386 -1.36 -38.90 -13.87
CA SER C 386 -1.35 -38.88 -13.86
C SER C 386 -2.79 -39.24 -13.52
N PHE C 387 -3.62 -38.23 -13.27
CA PHE C 387 -5.01 -38.49 -12.90
C PHE C 387 -5.75 -39.04 -14.11
N MET C 388 -5.42 -38.52 -15.29
CA MET C 388 -5.96 -39.06 -16.53
C MET C 388 -5.63 -40.55 -16.62
N LYS C 389 -4.40 -40.88 -16.24
CA LYS C 389 -3.97 -42.28 -16.20
C LYS C 389 -4.81 -43.05 -15.19
N HIS C 390 -5.00 -42.48 -14.01
CA HIS C 390 -5.86 -43.07 -12.97
C HIS C 390 -7.29 -43.38 -13.47
N LEU C 391 -7.95 -42.40 -14.09
CA LEU C 391 -9.26 -42.58 -14.73
C LEU C 391 -9.28 -43.78 -15.68
N GLU C 392 -8.29 -43.85 -16.57
CA GLU C 392 -8.18 -44.97 -17.49
C GLU C 392 -8.08 -46.31 -16.75
N ASN C 393 -7.24 -46.37 -15.70
CA ASN C 393 -7.10 -47.55 -14.85
C ASN C 393 -8.40 -47.92 -14.16
N GLU C 394 -9.04 -46.91 -13.60
CA GLU C 394 -10.25 -47.10 -12.81
C GLU C 394 -11.39 -47.60 -13.69
N GLN C 395 -11.42 -47.11 -14.92
CA GLN C 395 -12.45 -47.50 -15.86
C GLN C 395 -12.41 -49.00 -16.05
N LYS C 396 -11.21 -49.55 -16.24
CA LYS C 396 -11.08 -50.99 -16.44
C LYS C 396 -11.21 -51.73 -15.12
N ALA C 397 -10.85 -51.06 -14.02
CA ALA C 397 -10.97 -51.66 -12.70
C ALA C 397 -12.44 -51.79 -12.23
N ARG C 398 -13.11 -50.66 -12.04
CA ARG C 398 -14.39 -50.64 -11.35
C ARG C 398 -15.55 -50.17 -12.23
N GLY C 399 -15.26 -49.77 -13.46
CA GLY C 399 -16.29 -49.30 -14.36
C GLY C 399 -16.56 -47.82 -14.22
N GLY C 400 -15.61 -47.09 -13.64
CA GLY C 400 -15.75 -45.66 -13.45
C GLY C 400 -14.97 -45.10 -12.28
N CYS C 401 -15.18 -43.83 -11.99
CA CYS C 401 -14.35 -43.16 -11.01
C CYS C 401 -14.93 -41.81 -10.60
N PRO C 402 -15.40 -41.72 -9.35
CA PRO C 402 -16.00 -40.48 -8.82
C PRO C 402 -15.01 -39.34 -8.76
N ALA C 403 -15.28 -38.24 -9.48
CA ALA C 403 -14.37 -37.10 -9.55
C ALA C 403 -15.11 -35.75 -9.60
N ASP C 404 -14.69 -34.81 -8.75
CA ASP C 404 -15.29 -33.48 -8.68
C ASP C 404 -14.45 -32.52 -9.54
N TRP C 405 -14.94 -32.28 -10.74
CA TRP C 405 -14.23 -31.49 -11.76
C TRP C 405 -13.73 -30.14 -11.22
N ALA C 406 -14.60 -29.41 -10.55
CA ALA C 406 -14.23 -28.13 -9.92
C ALA C 406 -13.00 -28.25 -9.00
N TRP C 407 -12.77 -29.44 -8.43
CA TRP C 407 -11.63 -29.64 -7.54
C TRP C 407 -10.46 -30.36 -8.21
N ILE C 408 -10.74 -31.16 -9.22
CA ILE C 408 -9.65 -31.82 -9.93
C ILE C 408 -8.86 -30.85 -10.82
N VAL C 409 -9.55 -29.99 -11.56
CA VAL C 409 -8.90 -28.96 -12.38
C VAL C 409 -8.08 -27.96 -11.51
N PRO C 410 -6.81 -27.70 -11.89
CA PRO C 410 -5.93 -26.77 -11.13
C PRO C 410 -6.43 -25.30 -11.15
N PRO C 411 -6.06 -24.50 -10.11
CA PRO C 411 -6.56 -23.13 -9.95
C PRO C 411 -5.77 -22.06 -10.71
N ILE C 412 -4.70 -22.46 -11.41
CA ILE C 412 -4.16 -21.64 -12.49
C ILE C 412 -3.98 -22.56 -13.68
N SER C 413 -4.03 -21.99 -14.87
CA SER C 413 -3.90 -22.72 -16.14
C SER C 413 -4.82 -23.92 -16.30
N GLY C 414 -6.02 -23.85 -15.72
CA GLY C 414 -6.98 -24.94 -15.85
C GLY C 414 -7.05 -25.59 -17.22
N SER C 415 -7.24 -24.78 -18.27
CA SER C 415 -7.51 -25.33 -19.61
C SER C 415 -6.28 -25.83 -20.34
N LEU C 416 -5.10 -25.57 -19.77
CA LEU C 416 -3.83 -26.07 -20.31
C LEU C 416 -3.53 -27.49 -19.83
N THR C 417 -4.31 -27.95 -18.86
CA THR C 417 -4.17 -29.29 -18.29
C THR C 417 -5.24 -30.22 -18.86
N PRO C 418 -4.93 -31.51 -19.01
CA PRO C 418 -5.83 -32.44 -19.73
C PRO C 418 -7.16 -32.79 -19.02
N VAL C 419 -7.29 -32.48 -17.72
CA VAL C 419 -8.49 -32.79 -16.96
C VAL C 419 -9.61 -31.78 -17.25
N PHE C 420 -9.24 -30.60 -17.71
CA PHE C 420 -10.18 -29.53 -18.04
C PHE C 420 -11.23 -30.01 -19.02
N HIS C 421 -10.76 -30.69 -20.06
CA HIS C 421 -11.60 -31.14 -21.16
C HIS C 421 -12.19 -32.53 -20.92
N GLN C 422 -12.03 -33.03 -19.70
CA GLN C 422 -12.58 -34.34 -19.31
C GLN C 422 -13.92 -34.16 -18.58
N GLU C 423 -14.99 -34.66 -19.17
CA GLU C 423 -16.25 -34.67 -18.43
C GLU C 423 -16.11 -35.67 -17.28
N MET C 424 -16.59 -35.31 -16.10
CA MET C 424 -16.48 -36.20 -14.96
C MET C 424 -17.84 -36.46 -14.28
N VAL C 425 -17.90 -37.53 -13.49
CA VAL C 425 -19.09 -37.88 -12.73
C VAL C 425 -18.77 -37.89 -11.24
N ASN C 426 -19.52 -37.12 -10.45
CA ASN C 426 -19.25 -37.01 -9.03
C ASN C 426 -20.36 -37.65 -8.19
N TYR C 427 -19.95 -38.60 -7.34
CA TYR C 427 -20.88 -39.32 -6.49
C TYR C 427 -20.17 -39.87 -5.24
N PHE C 428 -20.94 -40.48 -4.34
CA PHE C 428 -20.40 -40.89 -3.06
C PHE C 428 -20.33 -42.42 -2.95
N LEU C 429 -19.13 -42.92 -2.72
CA LEU C 429 -18.92 -44.33 -2.44
C LEU C 429 -18.48 -44.45 -0.98
N SER C 430 -18.65 -45.65 -0.41
CA SER C 430 -18.16 -45.95 0.92
C SER C 430 -17.20 -47.14 0.76
N PRO C 431 -16.10 -47.18 1.53
CA PRO C 431 -15.55 -46.31 2.58
C PRO C 431 -15.24 -44.90 2.14
N ALA C 432 -15.16 -43.97 3.08
CA ALA C 432 -15.08 -42.55 2.72
C ALA C 432 -14.50 -41.62 3.76
N PHE C 433 -13.94 -40.52 3.28
CA PHE C 433 -13.59 -39.38 4.12
C PHE C 433 -14.72 -38.35 4.06
N ARG C 434 -15.26 -38.04 5.24
CA ARG C 434 -16.34 -37.05 5.39
C ARG C 434 -15.87 -35.89 6.25
N TYR C 435 -16.58 -34.77 6.19
CA TYR C 435 -16.28 -33.64 7.07
C TYR C 435 -17.02 -33.81 8.38
N GLN C 436 -16.67 -33.05 9.40
CA GLN C 436 -17.35 -33.20 10.69
C GLN C 436 -17.40 -31.90 11.48
N PRO C 437 -18.34 -31.79 12.42
CA PRO C 437 -18.43 -30.52 13.15
C PRO C 437 -17.17 -30.28 13.99
N ASP C 438 -16.70 -29.04 14.06
CA ASP C 438 -15.59 -28.69 14.94
C ASP C 438 -15.95 -29.06 16.39
N PRO C 439 -14.98 -29.63 17.14
CA PRO C 439 -15.24 -30.27 18.44
C PRO C 439 -15.60 -29.30 19.55
N TRP C 440 -15.50 -28.00 19.29
CA TRP C 440 -15.99 -27.00 20.24
C TRP C 440 -17.37 -26.51 19.83
N LYS D 27 -35.28 -24.54 3.09
CA LYS D 27 -35.61 -25.37 1.93
C LYS D 27 -34.99 -24.78 0.67
N PHE D 28 -34.47 -23.56 0.79
CA PHE D 28 -33.75 -22.93 -0.31
C PHE D 28 -32.26 -23.14 -0.18
N PRO D 29 -31.57 -23.33 -1.32
CA PRO D 29 -30.10 -23.50 -1.31
C PRO D 29 -29.35 -22.33 -0.66
N ARG D 30 -28.58 -22.65 0.37
CA ARG D 30 -27.71 -21.67 1.01
C ARG D 30 -26.40 -21.58 0.25
N VAL D 31 -26.05 -20.37 -0.17
CA VAL D 31 -24.90 -20.13 -1.05
C VAL D 31 -23.88 -19.24 -0.34
N LYS D 32 -22.60 -19.48 -0.56
CA LYS D 32 -21.59 -18.80 0.24
C LYS D 32 -20.38 -18.32 -0.56
N ASN D 33 -19.99 -17.08 -0.30
CA ASN D 33 -18.74 -16.56 -0.81
C ASN D 33 -17.62 -16.79 0.20
N TRP D 34 -16.54 -17.45 -0.22
CA TRP D 34 -15.48 -17.82 0.72
C TRP D 34 -14.31 -16.84 0.73
N GLU D 35 -14.42 -15.75 -0.04
CA GLU D 35 -13.42 -14.68 0.02
C GLU D 35 -13.86 -13.66 1.05
N VAL D 36 -15.15 -13.32 0.99
CA VAL D 36 -15.75 -12.29 1.83
C VAL D 36 -16.34 -12.89 3.10
N GLY D 37 -17.04 -14.00 2.96
CA GLY D 37 -17.75 -14.62 4.06
C GLY D 37 -19.28 -14.56 3.95
N SER D 38 -19.78 -13.87 2.93
CA SER D 38 -21.22 -13.62 2.83
C SER D 38 -22.00 -14.88 2.49
N ILE D 39 -23.26 -14.90 2.92
CA ILE D 39 -24.14 -16.04 2.72
C ILE D 39 -25.50 -15.62 2.18
N THR D 40 -25.82 -16.03 0.95
CA THR D 40 -27.15 -15.77 0.39
C THR D 40 -27.97 -17.03 0.14
N TYR D 41 -29.28 -16.86 -0.02
CA TYR D 41 -30.19 -17.96 -0.30
C TYR D 41 -30.81 -17.81 -1.69
N ASP D 42 -30.52 -18.73 -2.61
CA ASP D 42 -31.10 -18.68 -3.97
C ASP D 42 -32.55 -19.15 -4.02
N THR D 43 -33.49 -18.23 -3.82
CA THR D 43 -34.91 -18.58 -3.83
C THR D 43 -35.45 -18.78 -5.26
N LEU D 44 -34.81 -18.14 -6.24
CA LEU D 44 -35.25 -18.20 -7.63
C LEU D 44 -35.22 -19.61 -8.23
N SER D 45 -34.41 -20.48 -7.62
CA SER D 45 -34.16 -21.81 -8.16
C SER D 45 -35.38 -22.70 -8.04
N ALA D 46 -36.28 -22.33 -7.15
CA ALA D 46 -37.52 -23.08 -6.93
C ALA D 46 -38.43 -22.95 -8.16
N GLN D 47 -38.31 -21.81 -8.85
CA GLN D 47 -39.12 -21.53 -10.03
C GLN D 47 -38.44 -22.12 -11.27
N ALA D 48 -37.51 -23.02 -11.06
CA ALA D 48 -36.87 -23.68 -12.20
C ALA D 48 -37.83 -24.70 -12.76
N GLN D 49 -38.27 -24.50 -13.99
CA GLN D 49 -39.18 -25.46 -14.58
C GLN D 49 -38.71 -25.91 -15.95
N GLN D 50 -37.45 -26.34 -15.99
CA GLN D 50 -37.05 -27.48 -16.80
C GLN D 50 -35.95 -28.19 -16.01
N ASP D 51 -35.83 -29.50 -16.21
CA ASP D 51 -34.92 -30.32 -15.43
C ASP D 51 -33.57 -30.55 -16.10
N GLY D 52 -32.51 -30.42 -15.29
CA GLY D 52 -31.16 -30.64 -15.75
C GLY D 52 -30.70 -32.06 -15.50
N PRO D 53 -29.39 -32.28 -15.55
CA PRO D 53 -28.84 -33.65 -15.57
C PRO D 53 -28.63 -34.31 -14.20
N CYS D 54 -28.70 -33.55 -13.12
CA CYS D 54 -28.25 -34.08 -11.85
C CYS D 54 -29.35 -34.75 -11.06
N THR D 55 -28.94 -35.72 -10.24
CA THR D 55 -29.81 -36.42 -9.31
C THR D 55 -29.12 -36.48 -7.95
N PRO D 56 -29.84 -36.92 -6.90
CA PRO D 56 -29.14 -37.10 -5.62
C PRO D 56 -27.97 -38.10 -5.67
N ARG D 57 -28.02 -39.11 -6.54
CA ARG D 57 -26.95 -40.11 -6.53
C ARG D 57 -25.70 -39.67 -7.28
N ARG D 58 -25.86 -38.80 -8.28
CA ARG D 58 -24.73 -38.42 -9.14
C ARG D 58 -24.88 -37.02 -9.69
N CYS D 59 -23.79 -36.24 -9.68
CA CYS D 59 -23.79 -34.92 -10.32
C CYS D 59 -23.08 -34.99 -11.67
N LEU D 60 -23.60 -34.24 -12.63
CA LEU D 60 -23.03 -34.17 -13.98
C LEU D 60 -22.96 -32.72 -14.42
N GLY D 61 -22.66 -31.82 -13.50
CA GLY D 61 -22.56 -30.41 -13.84
C GLY D 61 -21.37 -30.02 -14.70
N SER D 62 -20.64 -31.01 -15.19
CA SER D 62 -19.44 -30.77 -15.99
C SER D 62 -19.64 -31.23 -17.42
N LEU D 63 -20.80 -31.83 -17.70
CA LEU D 63 -21.15 -32.25 -19.06
C LEU D 63 -21.47 -31.04 -19.93
N VAL D 64 -20.83 -30.95 -21.08
CA VAL D 64 -21.03 -29.80 -21.96
C VAL D 64 -22.46 -29.79 -22.55
N PHE D 65 -22.93 -30.95 -23.00
CA PHE D 65 -24.32 -31.09 -23.47
C PHE D 65 -25.16 -32.02 -22.58
N PRO D 66 -25.94 -31.44 -21.67
CA PRO D 66 -26.93 -32.22 -20.92
C PRO D 66 -27.90 -32.98 -21.83
N ALA D 79 -49.67 -30.25 -26.45
CA ALA D 79 -49.19 -28.95 -26.90
C ALA D 79 -50.01 -27.78 -26.33
N PRO D 80 -51.35 -27.74 -26.58
CA PRO D 80 -52.07 -26.49 -26.33
C PRO D 80 -52.01 -25.98 -24.89
N GLU D 81 -52.33 -26.82 -23.91
CA GLU D 81 -52.42 -26.35 -22.53
C GLU D 81 -51.04 -26.15 -21.89
N GLN D 82 -49.98 -26.73 -22.45
CA GLN D 82 -48.66 -26.46 -21.90
C GLN D 82 -48.03 -25.27 -22.60
N LEU D 83 -48.35 -25.08 -23.88
CA LEU D 83 -47.96 -23.85 -24.55
C LEU D 83 -48.59 -22.66 -23.84
N LEU D 84 -49.90 -22.74 -23.59
CA LEU D 84 -50.61 -21.70 -22.87
C LEU D 84 -50.00 -21.42 -21.49
N SER D 85 -49.69 -22.48 -20.77
CA SER D 85 -49.17 -22.32 -19.43
C SER D 85 -47.77 -21.70 -19.41
N GLN D 86 -46.98 -21.98 -20.44
CA GLN D 86 -45.71 -21.30 -20.68
C GLN D 86 -45.94 -19.86 -21.10
N ALA D 87 -47.01 -19.65 -21.89
CA ALA D 87 -47.29 -18.34 -22.43
C ALA D 87 -47.77 -17.43 -21.30
N ARG D 88 -48.62 -17.99 -20.44
CA ARG D 88 -49.13 -17.24 -19.30
C ARG D 88 -48.00 -16.87 -18.38
N ASP D 89 -47.09 -17.81 -18.17
CA ASP D 89 -46.00 -17.51 -17.28
C ASP D 89 -45.20 -16.36 -17.84
N PHE D 90 -44.88 -16.45 -19.12
CA PHE D 90 -44.13 -15.39 -19.75
C PHE D 90 -44.87 -14.06 -19.70
N ILE D 91 -46.12 -14.01 -20.16
CA ILE D 91 -46.92 -12.78 -20.10
C ILE D 91 -46.87 -12.16 -18.71
N ASN D 92 -47.03 -13.01 -17.69
CA ASN D 92 -47.02 -12.59 -16.29
C ASN D 92 -45.69 -11.96 -15.91
N GLN D 93 -44.62 -12.48 -16.49
CA GLN D 93 -43.28 -11.99 -16.21
C GLN D 93 -43.18 -10.58 -16.73
N TYR D 94 -43.43 -10.43 -18.02
CA TYR D 94 -43.44 -9.13 -18.66
C TYR D 94 -44.25 -8.09 -17.89
N TYR D 95 -45.40 -8.48 -17.35
CA TYR D 95 -46.24 -7.48 -16.72
C TYR D 95 -45.71 -7.16 -15.34
N SER D 96 -44.92 -8.07 -14.78
CA SER D 96 -44.24 -7.80 -13.52
CA SER D 96 -44.23 -7.82 -13.53
C SER D 96 -43.08 -6.83 -13.73
N SER D 97 -42.33 -7.02 -14.82
CA SER D 97 -41.15 -6.19 -15.10
C SER D 97 -41.49 -4.71 -15.15
N ILE D 98 -42.60 -4.37 -15.80
CA ILE D 98 -43.00 -2.99 -15.99
C ILE D 98 -43.89 -2.50 -14.86
N LYS D 99 -43.96 -3.28 -13.78
CA LYS D 99 -44.68 -2.92 -12.57
C LYS D 99 -46.13 -2.52 -12.81
N ARG D 100 -46.73 -3.08 -13.85
CA ARG D 100 -48.14 -2.90 -14.08
C ARG D 100 -48.79 -4.28 -14.12
N SER D 101 -48.54 -5.05 -13.07
CA SER D 101 -49.15 -6.36 -12.89
CA SER D 101 -49.16 -6.36 -12.88
C SER D 101 -50.58 -6.21 -12.36
N GLY D 102 -51.49 -7.02 -12.89
CA GLY D 102 -52.88 -6.96 -12.47
C GLY D 102 -53.69 -5.81 -13.07
N SER D 103 -53.04 -5.00 -13.90
CA SER D 103 -53.70 -3.95 -14.67
C SER D 103 -54.73 -4.53 -15.63
N GLN D 104 -55.66 -3.69 -16.16
CA GLN D 104 -56.61 -4.22 -17.15
C GLN D 104 -55.82 -4.67 -18.38
N ALA D 105 -54.71 -4.00 -18.67
CA ALA D 105 -53.89 -4.34 -19.82
C ALA D 105 -53.35 -5.74 -19.69
N HIS D 106 -53.08 -6.17 -18.46
CA HIS D 106 -52.46 -7.47 -18.19
C HIS D 106 -53.49 -8.59 -18.37
N GLU D 107 -54.64 -8.44 -17.71
CA GLU D 107 -55.74 -9.38 -17.93
C GLU D 107 -56.15 -9.48 -19.39
N GLN D 108 -56.17 -8.34 -20.09
CA GLN D 108 -56.60 -8.33 -21.48
C GLN D 108 -55.64 -9.07 -22.40
N ARG D 109 -54.35 -8.87 -22.16
CA ARG D 109 -53.31 -9.53 -22.94
C ARG D 109 -53.35 -11.05 -22.74
N LEU D 110 -53.56 -11.49 -21.49
CA LEU D 110 -53.74 -12.92 -21.20
C LEU D 110 -54.91 -13.50 -21.98
N GLN D 111 -56.08 -12.89 -21.85
CA GLN D 111 -57.26 -13.30 -22.59
C GLN D 111 -56.98 -13.33 -24.10
N GLU D 112 -56.22 -12.35 -24.59
CA GLU D 112 -55.92 -12.29 -26.00
C GLU D 112 -55.06 -13.49 -26.44
N VAL D 113 -54.04 -13.84 -25.66
CA VAL D 113 -53.19 -14.97 -26.02
C VAL D 113 -53.97 -16.26 -25.93
N GLU D 114 -54.70 -16.42 -24.82
CA GLU D 114 -55.54 -17.59 -24.57
C GLU D 114 -56.47 -17.85 -25.74
N ALA D 115 -56.90 -16.80 -26.42
CA ALA D 115 -57.87 -16.94 -27.48
C ALA D 115 -57.20 -17.25 -28.80
N GLU D 116 -56.00 -16.74 -28.98
CA GLU D 116 -55.31 -16.95 -30.25
C GLU D 116 -54.73 -18.35 -30.30
N VAL D 117 -54.24 -18.83 -29.16
CA VAL D 117 -53.75 -20.19 -29.04
C VAL D 117 -54.87 -21.19 -29.33
N ALA D 118 -56.06 -20.91 -28.81
CA ALA D 118 -57.22 -21.78 -29.04
C ALA D 118 -57.67 -21.80 -30.51
N ALA D 119 -57.34 -20.76 -31.28
CA ALA D 119 -57.83 -20.62 -32.66
C ALA D 119 -56.82 -20.96 -33.75
N THR D 120 -55.55 -20.67 -33.48
CA THR D 120 -54.54 -20.84 -34.51
C THR D 120 -53.50 -21.87 -34.12
N GLY D 121 -53.59 -22.33 -32.88
CA GLY D 121 -52.63 -23.28 -32.35
C GLY D 121 -51.34 -22.63 -31.87
N THR D 122 -51.09 -21.39 -32.28
CA THR D 122 -49.94 -20.62 -31.82
C THR D 122 -50.36 -19.20 -31.44
N TYR D 123 -49.38 -18.32 -31.22
CA TYR D 123 -49.67 -16.92 -31.02
C TYR D 123 -48.48 -16.05 -31.39
N GLN D 124 -48.70 -14.74 -31.46
CA GLN D 124 -47.60 -13.85 -31.82
C GLN D 124 -47.29 -12.91 -30.67
N LEU D 125 -46.00 -12.65 -30.47
CA LEU D 125 -45.53 -11.74 -29.44
C LEU D 125 -45.69 -10.31 -29.90
N ARG D 126 -46.03 -9.40 -29.00
CA ARG D 126 -45.95 -7.97 -29.28
C ARG D 126 -44.45 -7.56 -29.30
N GLU D 127 -44.09 -6.49 -30.00
CA GLU D 127 -42.66 -6.15 -30.18
C GLU D 127 -42.01 -5.97 -28.81
N SER D 128 -42.71 -5.25 -27.94
CA SER D 128 -42.29 -5.01 -26.56
CA SER D 128 -42.24 -5.02 -26.58
C SER D 128 -41.93 -6.32 -25.84
N GLU D 129 -42.79 -7.32 -25.98
CA GLU D 129 -42.62 -8.62 -25.32
C GLU D 129 -41.45 -9.39 -25.87
N LEU D 130 -41.21 -9.20 -27.17
CA LEU D 130 -40.07 -9.80 -27.85
C LEU D 130 -38.74 -9.14 -27.39
N VAL D 131 -38.77 -7.86 -27.08
CA VAL D 131 -37.57 -7.18 -26.62
C VAL D 131 -37.25 -7.61 -25.19
N PHE D 132 -38.29 -7.72 -24.39
CA PHE D 132 -38.14 -8.16 -23.02
C PHE D 132 -37.71 -9.63 -22.99
N GLY D 133 -38.32 -10.43 -23.86
CA GLY D 133 -37.95 -11.84 -23.98
C GLY D 133 -36.48 -12.12 -24.24
N ALA D 134 -35.87 -11.42 -25.19
CA ALA D 134 -34.48 -11.70 -25.57
C ALA D 134 -33.51 -11.32 -24.46
N LYS D 135 -33.75 -10.16 -23.86
CA LYS D 135 -33.02 -9.73 -22.68
C LYS D 135 -33.13 -10.78 -21.58
N GLN D 136 -34.33 -11.31 -21.38
CA GLN D 136 -34.54 -12.31 -20.34
C GLN D 136 -33.75 -13.54 -20.63
N ALA D 137 -33.69 -13.90 -21.91
CA ALA D 137 -32.96 -15.07 -22.32
C ALA D 137 -31.47 -14.85 -21.98
N TRP D 138 -30.98 -13.66 -22.28
CA TRP D 138 -29.59 -13.37 -21.95
C TRP D 138 -29.38 -13.45 -20.45
N ARG D 139 -30.26 -12.78 -19.71
CA ARG D 139 -30.18 -12.70 -18.25
C ARG D 139 -30.10 -14.08 -17.59
N ASN D 140 -30.77 -15.05 -18.22
CA ASN D 140 -30.93 -16.39 -17.67
C ASN D 140 -29.85 -17.39 -18.10
N ALA D 141 -28.94 -16.98 -18.98
CA ALA D 141 -27.95 -17.93 -19.50
C ALA D 141 -26.84 -18.18 -18.46
N PRO D 142 -26.75 -19.43 -17.95
CA PRO D 142 -25.95 -19.68 -16.75
C PRO D 142 -24.44 -19.66 -16.99
N ARG D 143 -24.04 -20.03 -18.20
CA ARG D 143 -22.66 -20.06 -18.61
C ARG D 143 -22.07 -18.75 -19.09
N CYS D 144 -22.84 -17.65 -19.10
CA CYS D 144 -22.34 -16.37 -19.63
C CYS D 144 -21.85 -15.42 -18.55
N VAL D 145 -20.60 -14.96 -18.69
CA VAL D 145 -19.99 -14.14 -17.65
C VAL D 145 -20.27 -12.64 -17.84
N GLY D 146 -20.60 -12.23 -19.06
CA GLY D 146 -20.96 -10.82 -19.27
C GLY D 146 -22.40 -10.34 -19.02
N ARG D 147 -23.17 -11.06 -18.19
CA ARG D 147 -24.57 -10.68 -17.99
C ARG D 147 -24.81 -9.37 -17.25
N ILE D 148 -23.74 -8.65 -16.91
CA ILE D 148 -23.92 -7.34 -16.26
C ILE D 148 -24.64 -6.45 -17.27
N GLN D 149 -24.43 -6.78 -18.54
CA GLN D 149 -24.85 -5.99 -19.69
C GLN D 149 -26.27 -6.31 -20.20
N TRP D 150 -26.97 -7.22 -19.52
CA TRP D 150 -28.15 -7.86 -20.09
C TRP D 150 -29.23 -6.82 -20.42
N GLY D 151 -29.30 -5.76 -19.62
CA GLY D 151 -30.27 -4.70 -19.87
C GLY D 151 -30.09 -3.95 -21.18
N LYS D 152 -28.86 -3.85 -21.68
CA LYS D 152 -28.62 -3.07 -22.90
C LYS D 152 -28.36 -4.03 -24.06
N LEU D 153 -29.43 -4.50 -24.65
CA LEU D 153 -29.37 -5.41 -25.78
C LEU D 153 -30.19 -4.76 -26.89
N GLN D 154 -29.55 -4.49 -28.02
CA GLN D 154 -30.27 -3.94 -29.15
C GLN D 154 -30.96 -5.08 -29.87
N VAL D 155 -32.28 -4.99 -29.97
CA VAL D 155 -33.08 -6.07 -30.51
C VAL D 155 -33.63 -5.75 -31.88
N PHE D 156 -33.13 -6.44 -32.89
CA PHE D 156 -33.68 -6.25 -34.23
C PHE D 156 -34.82 -7.23 -34.56
N ASP D 157 -36.01 -6.68 -34.74
CA ASP D 157 -37.17 -7.45 -35.16
C ASP D 157 -37.11 -7.79 -36.64
N ALA D 158 -36.90 -9.06 -36.96
CA ALA D 158 -36.86 -9.51 -38.35
C ALA D 158 -37.95 -10.55 -38.66
N ARG D 159 -39.04 -10.52 -37.89
CA ARG D 159 -40.06 -11.54 -38.02
C ARG D 159 -40.87 -11.41 -39.31
N ASP D 160 -40.55 -10.41 -40.13
CA ASP D 160 -41.27 -10.20 -41.39
C ASP D 160 -40.40 -10.60 -42.57
N CYS D 161 -39.25 -11.17 -42.26
CA CYS D 161 -38.29 -11.62 -43.26
C CYS D 161 -38.91 -12.77 -44.06
N ARG D 162 -38.64 -12.87 -45.37
CA ARG D 162 -39.29 -13.95 -46.13
C ARG D 162 -38.41 -14.68 -47.13
N SER D 163 -37.11 -14.43 -47.12
CA SER D 163 -36.24 -15.12 -48.08
C SER D 163 -34.83 -15.26 -47.55
N ALA D 164 -34.04 -16.15 -48.15
CA ALA D 164 -32.64 -16.27 -47.75
C ALA D 164 -31.92 -14.98 -48.06
N GLN D 165 -32.39 -14.28 -49.09
CA GLN D 165 -31.72 -13.06 -49.56
C GLN D 165 -31.95 -11.89 -48.58
N GLU D 166 -33.08 -11.91 -47.89
CA GLU D 166 -33.41 -10.83 -46.96
C GLU D 166 -32.82 -11.11 -45.59
N MET D 167 -32.54 -12.38 -45.30
CA MET D 167 -31.78 -12.73 -44.11
C MET D 167 -30.41 -12.03 -44.16
N PHE D 168 -29.75 -12.23 -45.29
CA PHE D 168 -28.42 -11.71 -45.55
C PHE D 168 -28.35 -10.21 -45.35
N THR D 169 -29.39 -9.52 -45.77
CA THR D 169 -29.51 -8.09 -45.57
C THR D 169 -29.62 -7.78 -44.08
N TYR D 170 -30.41 -8.58 -43.39
CA TYR D 170 -30.64 -8.40 -41.97
C TYR D 170 -29.39 -8.72 -41.13
N ILE D 171 -28.54 -9.60 -41.63
CA ILE D 171 -27.36 -10.04 -40.87
C ILE D 171 -26.24 -9.01 -41.07
N CYS D 172 -25.99 -8.66 -42.33
CA CYS D 172 -25.08 -7.58 -42.70
C CYS D 172 -25.40 -6.28 -41.96
N ASN D 173 -26.68 -6.05 -41.70
CA ASN D 173 -27.05 -4.88 -40.92
C ASN D 173 -26.64 -5.04 -39.46
N HIS D 174 -26.93 -6.22 -38.90
CA HIS D 174 -26.57 -6.56 -37.53
C HIS D 174 -25.08 -6.33 -37.30
N ILE D 175 -24.25 -6.95 -38.15
CA ILE D 175 -22.80 -6.86 -38.05
C ILE D 175 -22.35 -5.41 -38.03
N LYS D 176 -22.94 -4.61 -38.91
CA LYS D 176 -22.56 -3.22 -39.08
C LYS D 176 -22.82 -2.42 -37.81
N TYR D 177 -23.97 -2.64 -37.20
CA TYR D 177 -24.36 -1.93 -35.99
C TYR D 177 -23.53 -2.31 -34.77
N ALA D 178 -23.20 -3.61 -34.68
CA ALA D 178 -22.67 -4.18 -33.46
C ALA D 178 -21.18 -4.05 -33.45
N THR D 179 -20.59 -4.11 -34.63
CA THR D 179 -19.18 -3.79 -34.81
C THR D 179 -18.94 -2.31 -34.51
N ASN D 180 -19.63 -1.46 -35.27
CA ASN D 180 -19.66 -0.02 -35.00
C ASN D 180 -18.24 0.55 -34.98
N ARG D 181 -17.46 0.16 -35.97
CA ARG D 181 -16.09 0.64 -36.14
C ARG D 181 -15.15 0.34 -34.95
N GLY D 182 -15.52 -0.63 -34.11
CA GLY D 182 -14.65 -1.06 -33.04
C GLY D 182 -15.23 -0.85 -31.65
N ASN D 183 -16.23 0.01 -31.53
CA ASN D 183 -16.90 0.17 -30.26
C ASN D 183 -18.14 -0.72 -30.24
N LEU D 184 -17.98 -1.92 -29.71
CA LEU D 184 -18.92 -2.98 -29.97
C LEU D 184 -20.20 -2.78 -29.17
N ARG D 185 -21.30 -3.16 -29.78
CA ARG D 185 -22.61 -2.97 -29.16
C ARG D 185 -23.28 -4.30 -29.17
N SER D 186 -23.67 -4.79 -28.00
CA SER D 186 -24.44 -6.06 -27.97
C SER D 186 -25.74 -5.97 -28.80
N ALA D 187 -26.01 -7.00 -29.59
CA ALA D 187 -27.21 -7.01 -30.42
C ALA D 187 -27.78 -8.41 -30.58
N ILE D 188 -29.08 -8.49 -30.89
CA ILE D 188 -29.71 -9.74 -31.29
C ILE D 188 -30.69 -9.46 -32.46
N THR D 189 -30.68 -10.33 -33.45
CA THR D 189 -31.65 -10.25 -34.51
C THR D 189 -32.55 -11.50 -34.51
N VAL D 190 -33.88 -11.31 -34.49
CA VAL D 190 -34.80 -12.44 -34.35
C VAL D 190 -35.62 -12.66 -35.63
N PHE D 191 -35.30 -13.72 -36.35
CA PHE D 191 -36.04 -14.14 -37.56
C PHE D 191 -37.33 -14.86 -37.19
N PRO D 192 -38.23 -15.13 -38.17
CA PRO D 192 -39.55 -15.69 -37.86
C PRO D 192 -39.59 -16.95 -37.01
N GLN D 193 -40.58 -17.02 -36.12
CA GLN D 193 -40.70 -18.14 -35.19
C GLN D 193 -41.01 -19.44 -35.93
N ARG D 194 -40.71 -20.55 -35.27
CA ARG D 194 -41.09 -21.86 -35.77
C ARG D 194 -42.60 -21.88 -35.88
N CYS D 195 -43.08 -22.54 -36.92
N CYS D 195 -43.11 -22.49 -36.94
CA CYS D 195 -44.50 -22.61 -37.18
CA CYS D 195 -44.55 -22.63 -37.07
C CYS D 195 -44.84 -23.96 -37.84
C CYS D 195 -44.88 -23.89 -37.86
N PRO D 196 -46.03 -24.49 -37.57
CA PRO D 196 -46.46 -25.71 -38.27
C PRO D 196 -46.70 -25.47 -39.75
N GLY D 197 -46.18 -26.38 -40.57
CA GLY D 197 -46.44 -26.33 -42.00
C GLY D 197 -45.43 -25.55 -42.81
N ARG D 198 -44.44 -24.98 -42.13
CA ARG D 198 -43.31 -24.34 -42.79
C ARG D 198 -42.03 -24.75 -42.11
N GLY D 199 -41.00 -25.03 -42.89
CA GLY D 199 -39.68 -25.26 -42.34
C GLY D 199 -39.16 -24.01 -41.64
N ASP D 200 -38.16 -24.19 -40.80
CA ASP D 200 -37.59 -23.11 -40.02
C ASP D 200 -36.68 -22.22 -40.85
N PHE D 201 -36.46 -20.98 -40.39
CA PHE D 201 -35.27 -20.25 -40.81
C PHE D 201 -34.05 -20.83 -40.02
N ARG D 202 -32.92 -21.01 -40.69
CA ARG D 202 -31.70 -21.50 -40.04
C ARG D 202 -30.45 -20.80 -40.56
N ILE D 203 -29.49 -20.55 -39.67
CA ILE D 203 -28.15 -20.14 -40.11
C ILE D 203 -27.22 -21.30 -39.85
N TRP D 204 -26.68 -21.88 -40.91
CA TRP D 204 -25.88 -23.11 -40.79
C TRP D 204 -24.54 -22.91 -40.08
N ASN D 205 -23.93 -21.73 -40.24
CA ASN D 205 -22.69 -21.40 -39.53
C ASN D 205 -22.95 -21.27 -38.03
N SER D 206 -21.97 -21.63 -37.19
CA SER D 206 -22.17 -21.53 -35.74
C SER D 206 -21.93 -20.10 -35.26
N GLN D 207 -21.13 -19.38 -36.03
CA GLN D 207 -20.86 -17.98 -35.74
C GLN D 207 -20.86 -17.24 -37.07
N LEU D 208 -21.28 -15.98 -37.05
CA LEU D 208 -21.35 -15.17 -38.28
C LEU D 208 -19.97 -15.04 -38.91
N VAL D 209 -18.96 -14.88 -38.08
CA VAL D 209 -17.60 -14.85 -38.60
C VAL D 209 -16.83 -16.01 -38.03
N ARG D 210 -16.25 -16.82 -38.92
CA ARG D 210 -15.44 -17.97 -38.55
C ARG D 210 -14.39 -18.17 -39.62
N TYR D 211 -13.23 -18.70 -39.23
CA TYR D 211 -12.20 -18.98 -40.21
C TYR D 211 -12.30 -20.40 -40.74
N ALA D 212 -12.05 -20.52 -42.03
CA ALA D 212 -12.05 -21.80 -42.71
C ALA D 212 -11.00 -22.75 -42.13
N GLY D 213 -11.31 -24.04 -42.19
CA GLY D 213 -10.44 -25.08 -41.68
C GLY D 213 -10.38 -26.26 -42.64
N TYR D 214 -9.27 -26.33 -43.37
CA TYR D 214 -9.07 -27.33 -44.41
C TYR D 214 -8.43 -28.63 -43.90
N ARG D 215 -9.17 -29.73 -43.90
CA ARG D 215 -8.62 -30.99 -43.40
C ARG D 215 -7.54 -31.50 -44.36
N GLN D 216 -6.28 -31.30 -43.96
CA GLN D 216 -5.17 -31.88 -44.69
C GLN D 216 -5.35 -33.39 -44.67
N GLN D 217 -4.94 -34.07 -45.73
CA GLN D 217 -5.15 -35.51 -45.80
C GLN D 217 -4.24 -36.22 -44.81
N ASP D 218 -3.33 -35.44 -44.22
CA ASP D 218 -2.49 -35.90 -43.11
C ASP D 218 -3.33 -36.33 -41.90
N GLY D 219 -4.60 -35.92 -41.86
CA GLY D 219 -5.41 -36.05 -40.66
C GLY D 219 -5.22 -34.80 -39.83
N SER D 220 -4.27 -33.97 -40.27
CA SER D 220 -4.01 -32.63 -39.72
C SER D 220 -4.94 -31.60 -40.36
N VAL D 221 -4.83 -30.34 -39.93
CA VAL D 221 -5.71 -29.28 -40.44
C VAL D 221 -4.99 -27.95 -40.60
N ARG D 222 -5.22 -27.28 -41.73
CA ARG D 222 -4.77 -25.91 -41.91
C ARG D 222 -5.94 -24.91 -41.81
N GLY D 223 -5.77 -23.87 -41.00
CA GLY D 223 -6.86 -22.98 -40.65
C GLY D 223 -7.43 -23.39 -39.31
N ASP D 224 -8.68 -23.05 -39.03
CA ASP D 224 -9.28 -23.41 -37.75
C ASP D 224 -9.93 -24.77 -37.83
N PRO D 225 -9.44 -25.73 -37.02
CA PRO D 225 -9.95 -27.12 -37.02
C PRO D 225 -11.39 -27.26 -36.50
N ALA D 226 -11.82 -26.40 -35.58
CA ALA D 226 -13.20 -26.43 -35.09
C ALA D 226 -14.21 -26.30 -36.23
N ASN D 227 -13.77 -25.66 -37.30
CA ASN D 227 -14.61 -25.38 -38.45
C ASN D 227 -14.26 -26.25 -39.64
N VAL D 228 -13.94 -27.51 -39.38
CA VAL D 228 -13.74 -28.45 -40.46
C VAL D 228 -15.10 -28.79 -41.08
N GLU D 229 -16.05 -29.24 -40.27
CA GLU D 229 -17.33 -29.70 -40.82
C GLU D 229 -18.02 -28.65 -41.67
N ILE D 230 -18.12 -27.43 -41.15
CA ILE D 230 -18.82 -26.34 -41.82
C ILE D 230 -18.08 -25.82 -43.06
N THR D 231 -16.75 -26.02 -43.08
CA THR D 231 -15.95 -25.57 -44.21
C THR D 231 -16.22 -26.39 -45.46
N GLU D 232 -16.31 -27.71 -45.31
CA GLU D 232 -16.57 -28.58 -46.45
C GLU D 232 -18.05 -28.56 -46.83
N LEU D 233 -18.93 -28.32 -45.85
CA LEU D 233 -20.33 -28.08 -46.17
C LEU D 233 -20.44 -26.85 -47.08
N CYS D 234 -19.58 -25.85 -46.86
CA CYS D 234 -19.48 -24.72 -47.79
C CYS D 234 -19.07 -25.23 -49.16
N ILE D 235 -18.13 -26.17 -49.16
CA ILE D 235 -17.58 -26.72 -50.41
C ILE D 235 -18.57 -27.65 -51.11
N GLN D 236 -19.27 -28.49 -50.34
CA GLN D 236 -20.30 -29.37 -50.93
C GLN D 236 -21.35 -28.50 -51.58
N HIS D 237 -21.56 -27.33 -50.98
CA HIS D 237 -22.52 -26.35 -51.46
C HIS D 237 -21.86 -25.28 -52.33
N GLY D 238 -20.72 -25.64 -52.90
CA GLY D 238 -20.17 -24.89 -54.02
C GLY D 238 -19.28 -23.69 -53.74
N TRP D 239 -18.89 -23.46 -52.50
CA TRP D 239 -17.96 -22.37 -52.20
C TRP D 239 -16.60 -22.68 -52.80
N THR D 240 -15.90 -21.65 -53.27
CA THR D 240 -14.52 -21.80 -53.74
C THR D 240 -13.55 -21.48 -52.61
N PRO D 241 -12.77 -22.48 -52.20
CA PRO D 241 -12.00 -22.42 -50.96
C PRO D 241 -10.80 -21.45 -50.99
N GLY D 242 -10.06 -21.45 -49.89
CA GLY D 242 -8.82 -20.70 -49.81
C GLY D 242 -7.73 -21.64 -49.36
N ASN D 243 -6.55 -21.11 -49.07
CA ASN D 243 -5.47 -21.91 -48.51
C ASN D 243 -4.80 -21.17 -47.36
N GLY D 244 -5.48 -20.15 -46.85
CA GLY D 244 -4.93 -19.35 -45.77
C GLY D 244 -5.31 -19.91 -44.42
N ARG D 245 -4.73 -19.35 -43.37
CA ARG D 245 -5.05 -19.78 -42.02
C ARG D 245 -6.15 -18.88 -41.49
N PHE D 246 -6.42 -17.80 -42.20
CA PHE D 246 -7.45 -16.89 -41.76
C PHE D 246 -8.40 -16.43 -42.89
N ASP D 247 -9.00 -17.40 -43.58
CA ASP D 247 -10.04 -17.13 -44.55
C ASP D 247 -11.40 -17.07 -43.88
N VAL D 248 -12.07 -15.93 -44.02
CA VAL D 248 -13.41 -15.78 -43.50
C VAL D 248 -14.42 -16.61 -44.31
N LEU D 249 -15.14 -17.49 -43.62
CA LEU D 249 -16.13 -18.35 -44.28
C LEU D 249 -17.38 -17.61 -44.67
N PRO D 250 -18.00 -18.00 -45.79
CA PRO D 250 -19.26 -17.40 -46.22
C PRO D 250 -20.42 -17.95 -45.40
N LEU D 251 -21.58 -17.35 -45.55
CA LEU D 251 -22.72 -17.77 -44.76
C LEU D 251 -23.61 -18.73 -45.57
N LEU D 252 -24.14 -19.74 -44.90
CA LEU D 252 -25.19 -20.55 -45.50
C LEU D 252 -26.47 -20.19 -44.78
N LEU D 253 -27.33 -19.45 -45.47
CA LEU D 253 -28.62 -19.08 -44.90
C LEU D 253 -29.70 -20.01 -45.43
N GLN D 254 -30.59 -20.44 -44.54
CA GLN D 254 -31.65 -21.33 -44.95
C GLN D 254 -33.01 -20.71 -44.69
N ALA D 255 -33.74 -20.48 -45.77
CA ALA D 255 -35.11 -20.03 -45.71
C ALA D 255 -36.01 -21.27 -45.78
N PRO D 256 -37.23 -21.19 -45.22
CA PRO D 256 -38.17 -22.30 -45.16
C PRO D 256 -38.29 -23.18 -46.42
N ASP D 257 -37.94 -24.45 -46.26
CA ASP D 257 -38.14 -25.53 -47.22
C ASP D 257 -37.35 -25.40 -48.53
N GLU D 258 -36.36 -24.52 -48.53
CA GLU D 258 -35.41 -24.45 -49.63
C GLU D 258 -34.05 -24.97 -49.14
N PRO D 259 -33.17 -25.37 -50.07
CA PRO D 259 -31.80 -25.71 -49.67
C PRO D 259 -31.03 -24.47 -49.18
N PRO D 260 -29.98 -24.67 -48.37
CA PRO D 260 -29.22 -23.51 -47.87
C PRO D 260 -28.56 -22.75 -49.02
N GLU D 261 -28.43 -21.44 -48.86
CA GLU D 261 -27.82 -20.62 -49.91
C GLU D 261 -26.58 -19.88 -49.41
N LEU D 262 -25.57 -19.83 -50.29
CA LEU D 262 -24.28 -19.24 -49.99
C LEU D 262 -24.26 -17.73 -50.21
N PHE D 263 -23.76 -17.01 -49.22
CA PHE D 263 -23.63 -15.57 -49.30
C PHE D 263 -22.26 -15.14 -48.76
N LEU D 264 -21.40 -14.63 -49.65
CA LEU D 264 -20.06 -14.22 -49.27
C LEU D 264 -20.10 -12.94 -48.43
N LEU D 265 -19.42 -12.95 -47.30
CA LEU D 265 -19.40 -11.76 -46.46
C LEU D 265 -18.54 -10.70 -47.12
N PRO D 266 -19.03 -9.46 -47.14
CA PRO D 266 -18.35 -8.28 -47.70
C PRO D 266 -17.13 -7.89 -46.91
N PRO D 267 -15.92 -8.07 -47.48
CA PRO D 267 -14.63 -7.90 -46.81
C PRO D 267 -14.57 -6.72 -45.84
N GLU D 268 -15.14 -5.59 -46.23
CA GLU D 268 -15.00 -4.34 -45.47
C GLU D 268 -15.87 -4.29 -44.22
N LEU D 269 -16.64 -5.35 -44.02
CA LEU D 269 -17.66 -5.41 -42.97
C LEU D 269 -17.24 -6.29 -41.80
N VAL D 270 -16.16 -7.05 -42.00
CA VAL D 270 -15.55 -7.89 -40.94
C VAL D 270 -14.28 -7.25 -40.39
N LEU D 271 -14.35 -6.77 -39.15
CA LEU D 271 -13.23 -6.09 -38.50
C LEU D 271 -12.30 -7.13 -37.90
N GLU D 272 -11.01 -7.01 -38.17
CA GLU D 272 -10.04 -7.98 -37.70
C GLU D 272 -8.87 -7.30 -37.00
N VAL D 273 -8.19 -8.04 -36.14
CA VAL D 273 -7.11 -7.47 -35.41
C VAL D 273 -5.85 -8.27 -35.62
N PRO D 274 -4.82 -7.62 -36.16
CA PRO D 274 -3.51 -8.26 -36.26
C PRO D 274 -2.98 -8.48 -34.85
N LEU D 275 -2.44 -9.66 -34.60
CA LEU D 275 -1.93 -9.92 -33.27
C LEU D 275 -0.46 -9.54 -33.19
N GLU D 276 -0.12 -8.72 -32.19
CA GLU D 276 1.27 -8.50 -31.85
C GLU D 276 1.45 -8.25 -30.36
N HIS D 277 2.70 -8.33 -29.91
CA HIS D 277 3.02 -8.30 -28.49
C HIS D 277 3.68 -6.98 -28.16
N PRO D 278 3.32 -6.37 -27.02
CA PRO D 278 3.81 -5.02 -26.75
C PRO D 278 5.33 -5.00 -26.66
N THR D 279 5.91 -6.06 -26.14
CA THR D 279 7.35 -6.13 -26.03
C THR D 279 7.99 -7.29 -26.81
N LEU D 280 7.28 -8.34 -27.18
CA LEU D 280 7.96 -9.38 -27.97
C LEU D 280 7.76 -9.14 -29.47
N GLU D 281 8.65 -8.35 -30.06
CA GLU D 281 8.45 -7.84 -31.41
C GLU D 281 8.41 -8.96 -32.47
N TRP D 282 8.91 -10.15 -32.14
CA TRP D 282 8.92 -11.26 -33.10
C TRP D 282 7.52 -11.92 -33.16
N PHE D 283 6.71 -11.64 -32.15
CA PHE D 283 5.37 -12.20 -32.11
C PHE D 283 4.59 -11.85 -33.35
N ALA D 284 4.76 -10.61 -33.82
CA ALA D 284 4.01 -10.15 -34.98
C ALA D 284 4.34 -11.01 -36.18
N ALA D 285 5.48 -11.68 -36.13
CA ALA D 285 5.92 -12.49 -37.26
C ALA D 285 5.09 -13.77 -37.36
N LEU D 286 4.45 -14.18 -36.26
CA LEU D 286 3.61 -15.38 -36.26
C LEU D 286 2.44 -15.26 -37.26
N GLY D 287 2.07 -14.02 -37.58
CA GLY D 287 1.08 -13.79 -38.62
C GLY D 287 -0.34 -13.99 -38.11
N LEU D 288 -0.49 -13.89 -36.80
CA LEU D 288 -1.74 -14.14 -36.13
C LEU D 288 -2.69 -12.95 -36.18
N ARG D 289 -3.98 -13.28 -36.23
CA ARG D 289 -5.06 -12.31 -36.25
C ARG D 289 -6.36 -12.96 -35.75
N TRP D 290 -7.29 -12.15 -35.27
CA TRP D 290 -8.59 -12.69 -34.93
C TRP D 290 -9.65 -11.69 -35.35
N TYR D 291 -10.93 -12.09 -35.36
CA TYR D 291 -11.99 -11.17 -35.75
C TYR D 291 -12.49 -10.45 -34.52
N ALA D 292 -13.14 -9.32 -34.74
CA ALA D 292 -13.50 -8.43 -33.65
C ALA D 292 -14.76 -8.87 -32.93
N LEU D 293 -15.67 -9.49 -33.67
CA LEU D 293 -17.05 -9.62 -33.21
C LEU D 293 -17.47 -11.08 -33.11
N PRO D 294 -17.76 -11.53 -31.88
CA PRO D 294 -18.29 -12.86 -31.60
C PRO D 294 -19.82 -12.89 -31.69
N ALA D 295 -20.32 -13.51 -32.75
CA ALA D 295 -21.75 -13.51 -33.03
C ALA D 295 -22.22 -14.94 -33.22
N VAL D 296 -22.83 -15.49 -32.19
CA VAL D 296 -23.27 -16.85 -32.21
C VAL D 296 -24.60 -16.95 -32.92
N SER D 297 -24.64 -17.79 -33.95
CA SER D 297 -25.77 -17.85 -34.84
C SER D 297 -26.57 -19.17 -34.89
N ASN D 298 -26.18 -20.19 -34.13
CA ASN D 298 -26.81 -21.50 -34.32
C ASN D 298 -27.61 -21.99 -33.11
N MET D 299 -27.93 -21.09 -32.20
CA MET D 299 -28.76 -21.47 -31.07
C MET D 299 -30.24 -21.12 -31.30
N LEU D 300 -31.11 -21.75 -30.52
CA LEU D 300 -32.54 -21.47 -30.54
C LEU D 300 -32.93 -20.54 -29.41
N LEU D 301 -33.64 -19.48 -29.75
CA LEU D 301 -34.22 -18.63 -28.73
C LEU D 301 -35.66 -19.10 -28.40
N GLU D 302 -35.92 -19.42 -27.14
CA GLU D 302 -37.25 -19.81 -26.69
C GLU D 302 -37.87 -18.73 -25.82
N ILE D 303 -39.06 -18.26 -26.21
CA ILE D 303 -39.81 -17.26 -25.46
C ILE D 303 -41.30 -17.63 -25.33
N GLY D 304 -41.76 -17.78 -24.09
CA GLY D 304 -43.14 -18.08 -23.81
C GLY D 304 -43.71 -19.24 -24.59
N GLY D 305 -42.88 -20.27 -24.82
CA GLY D 305 -43.29 -21.44 -25.56
C GLY D 305 -43.13 -21.31 -27.07
N LEU D 306 -42.73 -20.13 -27.52
CA LEU D 306 -42.43 -19.96 -28.93
C LEU D 306 -40.94 -20.18 -29.13
N GLU D 307 -40.59 -20.74 -30.28
CA GLU D 307 -39.21 -21.04 -30.60
C GLU D 307 -38.76 -20.32 -31.85
N PHE D 308 -37.60 -19.68 -31.76
CA PHE D 308 -37.00 -19.00 -32.91
C PHE D 308 -35.65 -19.65 -33.21
N PRO D 309 -35.63 -20.60 -34.16
CA PRO D 309 -34.44 -21.33 -34.61
C PRO D 309 -33.34 -20.42 -35.14
N ALA D 310 -33.67 -19.27 -35.70
CA ALA D 310 -32.63 -18.37 -36.20
C ALA D 310 -32.73 -17.02 -35.52
N ALA D 311 -31.78 -16.76 -34.62
CA ALA D 311 -31.77 -15.55 -33.82
C ALA D 311 -30.35 -15.16 -33.40
N PRO D 312 -29.50 -14.75 -34.37
CA PRO D 312 -28.10 -14.48 -34.01
C PRO D 312 -27.93 -13.33 -33.03
N PHE D 313 -27.00 -13.51 -32.10
CA PHE D 313 -26.73 -12.53 -31.06
C PHE D 313 -25.21 -12.38 -30.82
N SER D 314 -24.80 -11.23 -30.30
CA SER D 314 -23.40 -10.94 -30.22
C SER D 314 -23.10 -9.90 -29.17
N GLY D 315 -21.91 -9.99 -28.59
CA GLY D 315 -21.47 -8.98 -27.65
C GLY D 315 -20.05 -8.59 -28.00
N TRP D 316 -19.13 -8.77 -27.06
CA TRP D 316 -17.71 -8.59 -27.36
C TRP D 316 -16.88 -9.65 -26.65
N TYR D 317 -15.60 -9.70 -26.98
CA TYR D 317 -14.76 -10.82 -26.59
C TYR D 317 -14.15 -10.67 -25.22
N MET D 318 -14.01 -11.78 -24.52
CA MET D 318 -13.17 -11.84 -23.34
C MET D 318 -11.83 -12.41 -23.78
N SER D 319 -10.73 -11.69 -23.53
CA SER D 319 -9.41 -12.08 -24.07
C SER D 319 -9.08 -13.56 -23.97
N THR D 320 -9.36 -14.17 -22.84
CA THR D 320 -9.08 -15.60 -22.67
C THR D 320 -9.76 -16.48 -23.73
N GLU D 321 -10.83 -16.02 -24.40
CA GLU D 321 -11.43 -16.92 -25.39
C GLU D 321 -10.56 -16.96 -26.62
N ILE D 322 -10.04 -15.82 -27.01
CA ILE D 322 -9.14 -15.80 -28.16
C ILE D 322 -7.78 -16.41 -27.75
N GLY D 323 -7.19 -15.92 -26.68
CA GLY D 323 -5.82 -16.33 -26.36
C GLY D 323 -5.66 -17.77 -25.91
N THR D 324 -6.27 -18.10 -24.79
CA THR D 324 -6.21 -19.45 -24.27
C THR D 324 -6.95 -20.45 -25.15
N ARG D 325 -8.27 -20.32 -25.29
CA ARG D 325 -9.03 -21.37 -25.98
C ARG D 325 -8.83 -21.37 -27.49
N ASN D 326 -8.91 -20.24 -28.17
CA ASN D 326 -8.85 -20.28 -29.63
C ASN D 326 -7.42 -20.49 -30.17
N LEU D 327 -6.45 -19.94 -29.48
CA LEU D 327 -5.07 -20.09 -29.98
C LEU D 327 -4.24 -21.15 -29.23
N CYS D 328 -4.53 -21.41 -27.96
CA CYS D 328 -3.68 -22.37 -27.23
C CYS D 328 -4.22 -23.80 -27.16
N ASP D 329 -5.54 -24.00 -27.11
CA ASP D 329 -6.12 -25.34 -27.07
C ASP D 329 -5.48 -26.18 -28.15
N PRO D 330 -5.08 -27.41 -27.79
CA PRO D 330 -4.29 -28.24 -28.71
C PRO D 330 -5.12 -28.66 -29.91
N HIS D 331 -6.44 -28.65 -29.75
CA HIS D 331 -7.34 -29.05 -30.83
C HIS D 331 -7.92 -27.83 -31.56
N ARG D 332 -7.26 -26.68 -31.42
CA ARG D 332 -7.54 -25.51 -32.26
C ARG D 332 -6.26 -25.05 -33.01
N TYR D 333 -5.84 -23.81 -32.80
CA TYR D 333 -4.69 -23.27 -33.54
C TYR D 333 -3.32 -23.70 -32.98
N ASN D 334 -3.30 -24.03 -31.69
CA ASN D 334 -2.20 -24.76 -31.10
C ASN D 334 -0.85 -24.09 -31.38
N ILE D 335 -0.66 -22.91 -30.83
CA ILE D 335 0.58 -22.15 -31.06
C ILE D 335 1.48 -22.15 -29.84
N LEU D 336 1.06 -22.84 -28.80
CA LEU D 336 1.58 -22.64 -27.46
C LEU D 336 3.05 -23.03 -27.32
N GLU D 337 3.40 -24.20 -27.85
CA GLU D 337 4.75 -24.73 -27.67
C GLU D 337 5.72 -23.88 -28.48
N ASP D 338 5.16 -23.22 -29.49
CA ASP D 338 5.99 -22.43 -30.40
C ASP D 338 6.32 -21.09 -29.80
N VAL D 339 5.32 -20.44 -29.25
CA VAL D 339 5.56 -19.21 -28.53
C VAL D 339 6.55 -19.45 -27.38
N ALA D 340 6.49 -20.64 -26.77
CA ALA D 340 7.37 -21.00 -25.67
C ALA D 340 8.80 -21.16 -26.16
N VAL D 341 8.95 -21.89 -27.26
CA VAL D 341 10.24 -22.04 -27.89
C VAL D 341 10.82 -20.66 -28.24
N CYS D 342 10.04 -19.83 -28.91
CA CYS D 342 10.50 -18.49 -29.28
C CYS D 342 10.86 -17.64 -28.06
N MET D 343 10.20 -17.88 -26.93
CA MET D 343 10.50 -17.17 -25.70
C MET D 343 11.73 -17.76 -25.00
N ASP D 344 12.34 -18.74 -25.66
CA ASP D 344 13.42 -19.54 -25.10
C ASP D 344 13.11 -20.12 -23.72
N LEU D 345 11.89 -20.62 -23.56
CA LEU D 345 11.53 -21.37 -22.37
C LEU D 345 12.02 -22.81 -22.52
N ASP D 346 12.32 -23.46 -21.39
CA ASP D 346 12.72 -24.86 -21.44
C ASP D 346 11.50 -25.75 -21.64
N THR D 347 11.38 -26.34 -22.82
CA THR D 347 10.13 -26.98 -23.21
C THR D 347 10.03 -28.47 -22.91
N ARG D 348 11.06 -29.09 -22.36
CA ARG D 348 10.94 -30.54 -22.19
C ARG D 348 10.84 -30.97 -20.72
N THR D 349 10.38 -30.06 -19.87
CA THR D 349 9.94 -30.42 -18.52
C THR D 349 8.81 -29.47 -18.10
N THR D 350 7.76 -30.01 -17.49
CA THR D 350 6.59 -29.21 -17.18
C THR D 350 6.85 -28.27 -16.03
N SER D 351 7.75 -28.67 -15.15
CA SER D 351 8.01 -27.92 -13.93
C SER D 351 8.71 -26.57 -14.16
N SER D 352 9.15 -26.30 -15.38
CA SER D 352 9.57 -24.94 -15.71
C SER D 352 8.35 -24.04 -15.93
N LEU D 353 7.17 -24.65 -16.03
CA LEU D 353 5.91 -23.93 -16.21
C LEU D 353 5.93 -23.09 -17.49
N TRP D 354 6.52 -23.63 -18.55
CA TRP D 354 6.59 -22.91 -19.80
C TRP D 354 5.21 -22.67 -20.42
N LYS D 355 4.37 -23.70 -20.41
CA LYS D 355 2.97 -23.60 -20.88
C LYS D 355 2.27 -22.42 -20.28
N ASP D 356 2.37 -22.31 -18.95
CA ASP D 356 1.77 -21.16 -18.28
C ASP D 356 2.43 -19.86 -18.74
N LYS D 357 3.75 -19.84 -18.95
CA LYS D 357 4.40 -18.57 -19.27
C LYS D 357 4.00 -18.13 -20.65
N ALA D 358 4.01 -19.07 -21.60
CA ALA D 358 3.66 -18.72 -22.96
C ALA D 358 2.20 -18.26 -23.01
N ALA D 359 1.34 -18.94 -22.28
CA ALA D 359 -0.09 -18.68 -22.36
C ALA D 359 -0.43 -17.31 -21.80
N VAL D 360 0.30 -16.92 -20.76
CA VAL D 360 0.15 -15.56 -20.26
C VAL D 360 0.55 -14.49 -21.28
N GLU D 361 1.64 -14.70 -21.99
CA GLU D 361 2.06 -13.67 -22.92
C GLU D 361 1.13 -13.59 -24.14
N ILE D 362 0.54 -14.72 -24.52
CA ILE D 362 -0.38 -14.75 -25.67
C ILE D 362 -1.65 -13.98 -25.31
N ASN D 363 -2.04 -14.08 -24.05
CA ASN D 363 -3.15 -13.30 -23.57
C ASN D 363 -2.80 -11.83 -23.46
N VAL D 364 -1.54 -11.54 -23.15
CA VAL D 364 -1.09 -10.15 -23.11
C VAL D 364 -1.13 -9.61 -24.53
N ALA D 365 -0.72 -10.42 -25.51
CA ALA D 365 -0.66 -9.94 -26.89
C ALA D 365 -2.07 -9.66 -27.45
N VAL D 366 -3.01 -10.52 -27.11
CA VAL D 366 -4.40 -10.36 -27.52
C VAL D 366 -4.97 -9.07 -26.99
N LEU D 367 -4.90 -8.88 -25.67
CA LEU D 367 -5.36 -7.65 -25.05
C LEU D 367 -4.68 -6.44 -25.68
N HIS D 368 -3.38 -6.54 -25.91
CA HIS D 368 -2.65 -5.36 -26.38
C HIS D 368 -3.07 -5.00 -27.81
N SER D 369 -3.30 -6.03 -28.62
CA SER D 369 -3.65 -5.79 -30.00
C SER D 369 -5.05 -5.17 -30.13
N TYR D 370 -6.02 -5.65 -29.36
CA TYR D 370 -7.35 -5.07 -29.46
C TYR D 370 -7.33 -3.61 -29.02
N GLN D 371 -6.77 -3.34 -27.84
CA GLN D 371 -6.73 -1.96 -27.37
C GLN D 371 -5.97 -1.08 -28.35
N LEU D 372 -4.94 -1.66 -28.97
CA LEU D 372 -4.17 -0.95 -29.99
C LEU D 372 -5.03 -0.60 -31.19
N ALA D 373 -5.99 -1.46 -31.51
CA ALA D 373 -6.81 -1.29 -32.70
C ALA D 373 -8.10 -0.55 -32.40
N LYS D 374 -8.33 -0.22 -31.13
CA LYS D 374 -9.57 0.41 -30.65
C LYS D 374 -10.80 -0.47 -30.84
N VAL D 375 -10.60 -1.77 -30.65
CA VAL D 375 -11.70 -2.72 -30.62
C VAL D 375 -11.98 -3.11 -29.19
N THR D 376 -13.26 -3.12 -28.82
CA THR D 376 -13.66 -3.46 -27.46
C THR D 376 -13.19 -4.86 -27.13
N ILE D 377 -12.61 -5.02 -25.96
CA ILE D 377 -12.24 -6.36 -25.49
C ILE D 377 -12.30 -6.27 -24.00
N VAL D 378 -12.50 -7.39 -23.31
CA VAL D 378 -12.42 -7.33 -21.87
C VAL D 378 -11.55 -8.48 -21.33
N ASP D 379 -10.74 -8.16 -20.32
CA ASP D 379 -9.88 -9.18 -19.72
C ASP D 379 -10.70 -9.91 -18.63
N HIS D 380 -10.30 -11.15 -18.32
CA HIS D 380 -11.07 -12.02 -17.41
C HIS D 380 -11.16 -11.52 -15.98
N HIS D 381 -10.25 -10.62 -15.58
CA HIS D 381 -10.28 -10.06 -14.23
C HIS D 381 -11.37 -9.02 -14.08
N ALA D 382 -11.57 -8.20 -15.13
CA ALA D 382 -12.63 -7.19 -15.13
C ALA D 382 -13.97 -7.86 -15.39
N ALA D 383 -13.97 -8.79 -16.34
CA ALA D 383 -15.08 -9.67 -16.60
C ALA D 383 -15.69 -10.24 -15.32
N THR D 384 -14.89 -10.97 -14.55
CA THR D 384 -15.40 -11.69 -13.37
C THR D 384 -15.80 -10.75 -12.22
N ALA D 385 -15.06 -9.66 -12.04
CA ALA D 385 -15.46 -8.64 -11.05
C ALA D 385 -16.85 -8.11 -11.35
N SER D 386 -17.14 -7.90 -12.64
CA SER D 386 -18.42 -7.30 -13.00
C SER D 386 -19.52 -8.33 -12.83
N PHE D 387 -19.20 -9.60 -13.12
CA PHE D 387 -20.18 -10.67 -12.86
C PHE D 387 -20.50 -10.79 -11.37
N MET D 388 -19.55 -10.46 -10.51
CA MET D 388 -19.84 -10.44 -9.08
C MET D 388 -20.90 -9.38 -8.78
N LYS D 389 -20.78 -8.22 -9.43
CA LYS D 389 -21.70 -7.12 -9.22
C LYS D 389 -23.11 -7.50 -9.68
N HIS D 390 -23.20 -8.11 -10.86
CA HIS D 390 -24.41 -8.71 -11.39
C HIS D 390 -25.14 -9.60 -10.39
N LEU D 391 -24.36 -10.50 -9.77
CA LEU D 391 -24.87 -11.42 -8.78
C LEU D 391 -25.54 -10.64 -7.65
N GLU D 392 -24.89 -9.58 -7.15
CA GLU D 392 -25.54 -8.80 -6.08
C GLU D 392 -26.71 -7.95 -6.60
N ASN D 393 -26.73 -7.67 -7.90
CA ASN D 393 -27.90 -7.02 -8.53
C ASN D 393 -29.07 -7.98 -8.54
N GLU D 394 -28.78 -9.13 -9.15
CA GLU D 394 -29.72 -10.22 -9.30
C GLU D 394 -30.32 -10.74 -7.99
N GLN D 395 -29.52 -10.72 -6.93
CA GLN D 395 -29.99 -11.25 -5.67
C GLN D 395 -31.07 -10.33 -5.10
N LYS D 396 -30.94 -9.03 -5.35
CA LYS D 396 -31.94 -8.07 -4.85
C LYS D 396 -33.19 -8.18 -5.71
N ALA D 397 -32.98 -8.24 -7.03
CA ALA D 397 -34.05 -8.17 -8.00
C ALA D 397 -34.93 -9.41 -8.04
N ARG D 398 -34.29 -10.58 -7.99
CA ARG D 398 -34.97 -11.85 -8.25
C ARG D 398 -34.79 -12.86 -7.12
N GLY D 399 -33.93 -12.52 -6.17
CA GLY D 399 -33.61 -13.44 -5.09
C GLY D 399 -32.72 -14.56 -5.58
N GLY D 400 -31.96 -14.30 -6.65
CA GLY D 400 -31.04 -15.29 -7.19
C GLY D 400 -30.58 -15.13 -8.63
N CYS D 401 -29.72 -16.05 -9.07
CA CYS D 401 -29.10 -16.02 -10.40
C CYS D 401 -28.57 -17.41 -10.81
N PRO D 402 -29.04 -17.96 -11.95
CA PRO D 402 -28.48 -19.22 -12.47
C PRO D 402 -27.05 -19.08 -12.96
N ALA D 403 -26.12 -19.87 -12.45
CA ALA D 403 -24.73 -19.78 -12.90
C ALA D 403 -24.07 -21.16 -12.93
N ASP D 404 -23.38 -21.42 -14.01
CA ASP D 404 -22.63 -22.66 -14.21
C ASP D 404 -21.16 -22.38 -13.86
N TRP D 405 -20.79 -22.67 -12.61
CA TRP D 405 -19.44 -22.43 -12.06
C TRP D 405 -18.33 -22.85 -13.00
N ALA D 406 -18.40 -24.08 -13.51
CA ALA D 406 -17.40 -24.59 -14.46
C ALA D 406 -17.22 -23.71 -15.71
N TRP D 407 -18.22 -22.89 -16.02
CA TRP D 407 -18.12 -22.05 -17.23
C TRP D 407 -17.92 -20.57 -16.88
N ILE D 408 -18.33 -20.16 -15.68
CA ILE D 408 -18.13 -18.78 -15.22
C ILE D 408 -16.64 -18.50 -14.87
N VAL D 409 -15.95 -19.47 -14.26
CA VAL D 409 -14.54 -19.32 -13.94
C VAL D 409 -13.70 -19.36 -15.22
N PRO D 410 -12.85 -18.34 -15.42
CA PRO D 410 -11.95 -18.26 -16.59
C PRO D 410 -11.09 -19.53 -16.73
N PRO D 411 -10.69 -19.90 -17.96
CA PRO D 411 -9.93 -21.13 -18.19
C PRO D 411 -8.42 -20.98 -17.88
N ILE D 412 -8.00 -19.78 -17.45
CA ILE D 412 -6.72 -19.61 -16.76
C ILE D 412 -6.94 -18.67 -15.58
N SER D 413 -6.10 -18.83 -14.55
CA SER D 413 -6.05 -17.92 -13.41
C SER D 413 -7.31 -17.96 -12.54
N GLY D 414 -7.95 -19.13 -12.50
CA GLY D 414 -9.21 -19.32 -11.81
C GLY D 414 -9.36 -18.69 -10.44
N SER D 415 -8.58 -19.18 -9.48
CA SER D 415 -8.67 -18.70 -8.10
C SER D 415 -8.20 -17.25 -7.94
N LEU D 416 -7.56 -16.71 -8.97
CA LEU D 416 -7.17 -15.30 -8.90
C LEU D 416 -8.37 -14.37 -9.14
N THR D 417 -9.44 -14.90 -9.72
CA THR D 417 -10.68 -14.12 -9.89
C THR D 417 -11.70 -14.44 -8.79
N PRO D 418 -12.56 -13.45 -8.44
CA PRO D 418 -13.49 -13.53 -7.31
C PRO D 418 -14.60 -14.55 -7.46
N VAL D 419 -14.84 -15.03 -8.68
CA VAL D 419 -15.94 -15.96 -8.88
C VAL D 419 -15.53 -17.38 -8.52
N PHE D 420 -14.22 -17.61 -8.41
CA PHE D 420 -13.73 -18.93 -8.06
C PHE D 420 -14.27 -19.31 -6.70
N HIS D 421 -14.27 -18.33 -5.80
CA HIS D 421 -14.58 -18.55 -4.38
C HIS D 421 -16.06 -18.32 -4.09
N GLN D 422 -16.85 -18.22 -5.16
CA GLN D 422 -18.29 -18.00 -5.04
C GLN D 422 -19.06 -19.30 -5.31
N GLU D 423 -19.73 -19.84 -4.29
CA GLU D 423 -20.65 -20.94 -4.54
C GLU D 423 -21.71 -20.46 -5.51
N MET D 424 -22.08 -21.31 -6.45
CA MET D 424 -23.16 -20.97 -7.39
C MET D 424 -24.25 -22.06 -7.47
N VAL D 425 -25.43 -21.68 -7.98
CA VAL D 425 -26.51 -22.64 -8.19
C VAL D 425 -26.87 -22.63 -9.66
N ASN D 426 -26.72 -23.77 -10.32
CA ASN D 426 -27.07 -23.85 -11.74
C ASN D 426 -28.50 -24.41 -11.92
N TYR D 427 -29.27 -23.79 -12.81
CA TYR D 427 -30.63 -24.25 -13.14
C TYR D 427 -31.23 -23.55 -14.38
N PHE D 428 -32.30 -24.10 -14.92
CA PHE D 428 -32.88 -23.60 -16.16
C PHE D 428 -34.10 -22.68 -15.95
N LEU D 429 -33.96 -21.44 -16.40
CA LEU D 429 -35.06 -20.50 -16.42
C LEU D 429 -35.50 -20.20 -17.85
N SER D 430 -36.76 -19.81 -18.02
CA SER D 430 -37.26 -19.41 -19.32
C SER D 430 -37.77 -17.98 -19.24
N PRO D 431 -37.61 -17.20 -20.32
CA PRO D 431 -37.01 -17.42 -21.65
C PRO D 431 -35.53 -17.86 -21.62
N ALA D 432 -35.09 -18.53 -22.69
CA ALA D 432 -33.75 -19.13 -22.69
C ALA D 432 -33.16 -19.33 -24.09
N PHE D 433 -31.83 -19.41 -24.13
CA PHE D 433 -31.10 -19.88 -25.32
C PHE D 433 -30.76 -21.36 -25.17
N ARG D 434 -30.87 -22.10 -26.27
CA ARG D 434 -30.74 -23.55 -26.21
C ARG D 434 -29.92 -23.98 -27.39
N TYR D 435 -29.18 -25.06 -27.23
CA TYR D 435 -28.56 -25.69 -28.39
C TYR D 435 -29.65 -26.40 -29.14
N GLN D 436 -29.41 -26.67 -30.41
CA GLN D 436 -30.35 -27.35 -31.27
C GLN D 436 -29.59 -28.20 -32.27
N PRO D 437 -30.22 -29.22 -32.85
CA PRO D 437 -29.48 -30.10 -33.79
C PRO D 437 -28.96 -29.35 -35.03
N ASP D 438 -27.79 -29.76 -35.52
CA ASP D 438 -27.25 -29.24 -36.78
C ASP D 438 -28.16 -29.63 -37.94
N PRO D 439 -28.58 -28.64 -38.75
CA PRO D 439 -29.66 -28.80 -39.75
C PRO D 439 -29.36 -29.78 -40.87
N TRP D 440 -28.31 -30.58 -40.72
CA TRP D 440 -27.98 -31.61 -41.68
C TRP D 440 -27.83 -32.97 -40.98
CHA HEM E . 5.41 35.32 6.06
CHB HEM E . 4.18 32.63 2.22
CHC HEM E . 2.88 36.65 -0.12
CHD HEM E . 5.52 39.17 3.04
C1A HEM E . 5.11 34.22 5.28
C2A HEM E . 5.06 32.83 5.68
C3A HEM E . 4.73 32.11 4.62
C4A HEM E . 4.54 33.00 3.50
CMA HEM E . 4.56 30.57 4.60
CAA HEM E . 5.33 32.23 7.07
CBA HEM E . 4.48 32.93 8.11
CGA HEM E . 3.90 31.92 9.05
O1A HEM E . 3.88 30.72 8.67
O2A HEM E . 3.45 32.30 10.16
C1B HEM E . 3.74 33.47 1.22
C2B HEM E . 3.33 33.10 -0.11
C3B HEM E . 2.96 34.20 -0.77
C4B HEM E . 3.13 35.33 0.13
CMB HEM E . 3.31 31.66 -0.67
CAB HEM E . 2.45 34.19 -2.24
CBB HEM E . 2.03 35.27 -2.90
C1C HEM E . 3.45 37.71 0.54
C2C HEM E . 3.28 39.12 0.23
C3C HEM E . 4.02 39.83 1.10
C4C HEM E . 4.68 38.88 1.99
CMC HEM E . 2.39 39.63 -0.92
CAC HEM E . 4.19 41.37 1.21
CBC HEM E . 3.55 42.25 0.43
C1D HEM E . 5.66 38.42 4.19
C2D HEM E . 6.12 38.92 5.47
C3D HEM E . 6.08 37.72 6.42
C4D HEM E . 5.61 36.61 5.61
CMD HEM E . 6.56 40.36 5.82
CAD HEM E . 6.48 37.69 7.91
CBD HEM E . 5.23 37.48 8.78
CGD HEM E . 5.65 37.48 10.22
O1D HEM E . 6.84 37.85 10.48
O2D HEM E . 4.82 37.13 11.11
NA HEM E . 4.78 34.28 3.94
NB HEM E . 3.62 34.84 1.34
NC HEM E . 4.32 37.62 1.62
ND HEM E . 5.38 37.07 4.31
FE HEM E . 4.93 35.87 2.64
N1 H4B F . 7.89 29.56 11.17
C2 H4B F . 6.74 30.10 10.69
N2 H4B F . 6.61 30.35 9.35
N3 H4B F . 5.72 30.39 11.54
C4 H4B F . 5.84 30.13 12.87
O4 H4B F . 4.88 30.41 13.63
C4A H4B F . 7.03 29.58 13.36
C8A H4B F . 8.06 29.29 12.49
N5 H4B F . 7.22 29.31 14.68
N8 H4B F . 9.22 28.75 12.93
C6 H4B F . 8.60 29.45 15.12
C7 H4B F . 9.47 28.46 14.34
C9 H4B F . 8.77 29.39 16.64
O9 H4B F . 7.83 28.49 17.25
C10 H4B F . 10.17 28.99 17.05
C11 H4B F . 10.32 29.09 18.57
O10 H4B F . 11.16 29.82 16.42
C14 9OG G . 1.67 35.83 11.51
C12 9OG G . 1.87 34.90 9.33
C11 9OG G . 1.51 37.63 3.31
C10 9OG G . 1.36 34.62 5.59
C15 9OG G . 2.62 34.88 12.25
N28 9OG G . 2.34 36.81 18.69
C27 9OG G . 2.42 36.44 17.60
C24 9OG G . 2.48 36.08 16.37
C23 9OG G . 3.23 35.00 16.00
C22 9OG G . 3.31 34.58 14.68
C25 9OG G . 1.74 36.78 15.41
C26 9OG G . 1.82 36.37 14.08
C21 9OG G . 2.59 35.27 13.72
N13 9OG G . 2.14 36.08 10.14
C08 9OG G . 1.75 35.28 7.86
C07 9OG G . 1.89 36.60 7.45
C09 9OG G . 1.49 34.29 6.93
C05 9OG G . 1.50 35.92 5.17
C06 9OG G . 1.77 36.93 6.09
N01 9OG G . 1.11 33.63 4.71
C02 9OG G . 1.00 33.88 3.40
N02 9OG G . 0.75 32.84 2.56
C03 9OG G . 1.11 35.18 2.93
C04 9OG G . 1.37 36.22 3.81
C1 BTB H . -16.65 62.96 19.33
O1 BTB H . -17.94 62.81 18.71
C2 BTB H . -15.58 62.10 18.67
C3 BTB H . -16.22 60.78 18.23
O3 BTB H . -15.21 59.97 17.63
C4 BTB H . -14.47 61.79 19.68
O4 BTB H . -14.92 62.10 21.01
N BTB H . -14.96 62.80 17.52
C5 BTB H . -15.93 63.34 16.53
C6 BTB H . -15.57 62.99 15.09
O6 BTB H . -14.92 64.10 14.45
C7 BTB H . -14.26 63.95 18.12
C8 BTB H . -13.43 64.60 17.06
O8 BTB H . -12.17 63.96 16.92
C1 BTB I . -4.09 11.47 24.60
O1 BTB I . -3.98 11.20 23.19
C2 BTB I . -5.24 10.67 25.22
C3 BTB I . -6.53 11.03 24.50
O3 BTB I . -6.58 12.45 24.37
C4 BTB I . -5.43 11.20 26.63
O4 BTB I . -5.47 12.61 26.49
N BTB I . -5.01 9.20 25.24
C5 BTB I . -5.80 8.57 24.15
C6 BTB I . -5.42 7.11 23.97
O6 BTB I . -5.70 6.43 25.19
C7 BTB I . -3.60 8.82 25.07
C8 BTB I . -2.81 8.86 26.37
O8 BTB I . -1.82 9.91 26.28
C1 BTB J . -14.63 7.36 13.29
O1 BTB J . -15.79 8.17 13.54
C2 BTB J . -14.93 5.93 12.83
C3 BTB J . -15.93 5.33 13.83
O3 BTB J . -16.18 3.93 13.63
C4 BTB J . -13.60 5.18 12.85
O4 BTB J . -13.70 3.75 13.04
N BTB J . -15.51 5.90 11.45
C5 BTB J . -16.91 6.35 11.38
C6 BTB J . -17.55 5.90 10.06
O6 BTB J . -17.65 4.46 10.04
C7 BTB J . -14.71 6.68 10.50
C8 BTB J . -14.09 5.74 9.48
O8 BTB J . -15.07 4.79 9.08
ZN ZN K . 21.81 33.86 15.43
C1 GOL L . -2.79 58.86 -8.93
O1 GOL L . -2.85 58.49 -7.58
C2 GOL L . -2.74 57.61 -9.80
O2 GOL L . -2.56 56.47 -8.98
C3 GOL L . -1.61 57.70 -10.80
O3 GOL L . -1.11 56.39 -10.97
CL CL M . -3.54 32.00 9.44
GD GD N . -15.56 3.07 11.19
CHA HEM O . 23.60 15.24 18.17
CHB HEM O . 20.26 12.10 19.75
CHC HEM O . 23.36 10.11 22.92
CHD HEM O . 26.25 13.98 22.14
C1A HEM O . 22.47 14.46 18.21
C2A HEM O . 21.41 14.35 17.22
C3A HEM O . 20.50 13.49 17.66
C4A HEM O . 20.92 13.00 18.96
CMA HEM O . 19.20 13.06 16.93
CAA HEM O . 21.34 15.10 15.88
CBA HEM O . 22.46 14.56 15.01
CGA HEM O . 22.00 14.56 13.59
O1A HEM O . 20.78 14.78 13.39
O2A HEM O . 22.81 14.33 12.66
C1B HEM O . 20.80 11.26 20.71
C2B HEM O . 20.12 10.12 21.31
C3B HEM O . 20.93 9.57 22.20
C4B HEM O . 22.21 10.33 22.18
CMB HEM O . 18.67 9.66 21.00
CAB HEM O . 20.52 8.31 23.03
CBB HEM O . 21.23 7.88 24.07
C1C HEM O . 24.47 10.98 22.97
C2C HEM O . 25.72 10.77 23.69
C3C HEM O . 26.51 11.85 23.47
C4C HEM O . 25.80 12.75 22.60
CMC HEM O . 26.01 9.51 24.55
CAC HEM O . 27.94 12.17 23.97
CBC HEM O . 28.69 11.41 24.77
C1D HEM O . 25.88 14.63 20.97
C2D HEM O . 26.66 15.62 20.28
C3D HEM O . 25.84 16.02 19.06
C4D HEM O . 24.63 15.21 19.10
CMD HEM O . 28.03 16.21 20.65
CAD HEM O . 26.26 17.03 18.01
CBD HEM O . 27.13 16.24 17.05
CGD HEM O . 27.54 17.15 15.93
O1D HEM O . 27.27 18.38 16.03
O2D HEM O . 28.14 16.65 14.96
NA HEM O . 22.13 13.62 19.26
NB HEM O . 22.06 11.34 21.26
NC HEM O . 24.56 12.19 22.33
ND HEM O . 24.71 14.43 20.26
FE HEM O . 23.27 12.97 20.84
N1 H4B P . 19.49 18.87 12.29
C2 H4B P . 19.95 17.67 12.72
N2 H4B P . 19.49 17.13 13.87
N3 H4B P . 20.89 17.03 11.97
C4 H4B P . 21.37 17.56 10.81
O4 H4B P . 22.24 16.93 10.16
C4A H4B P . 20.90 18.80 10.38
C8A H4B P . 19.94 19.45 11.15
N5 H4B P . 21.33 19.39 9.23
N8 H4B P . 19.44 20.66 10.76
C6 H4B P . 21.25 20.83 9.20
C7 H4B P . 19.83 21.29 9.51
C9 H4B P . 21.89 21.44 7.94
O9 H4B P . 21.94 20.45 6.89
C10 H4B P . 21.22 22.74 7.48
C11 H4B P . 22.12 23.42 6.44
O10 H4B P . 20.95 23.72 8.52
C14 9OG Q . 27.01 14.10 12.61
C12 9OG Q . 25.41 13.05 14.00
C11 9OG Q . 25.49 10.22 19.98
C10 9OG Q . 23.86 10.89 16.65
C15 9OG Q . 26.40 15.37 12.01
N28 9OG Q . 30.53 17.53 7.17
C27 9OG Q . 29.83 17.17 8.01
C24 9OG Q . 29.05 16.75 8.94
C23 9OG Q . 29.54 15.97 9.97
C22 9OG Q . 28.67 15.52 10.96
C25 9OG Q . 27.69 17.10 8.89
C26 9OG Q . 26.82 16.67 9.88
C21 9OG Q . 27.31 15.87 10.92
N13 9OG Q . 26.59 13.92 14.01
C08 9OG Q . 25.23 12.33 15.32
C07 9OG Q . 26.16 12.38 16.34
C09 9OG Q . 24.08 11.58 15.47
C05 9OG Q . 24.78 10.93 17.68
C06 9OG Q . 25.94 11.68 17.53
N01 9OG Q . 22.73 10.17 16.76
C02 9OG Q . 22.44 9.48 17.88
N02 9OG Q . 21.29 8.78 17.92
C03 9OG Q . 23.35 9.48 18.94
C04 9OG Q . 24.52 10.21 18.84
C1 BTB R . -3.78 -8.07 5.09
O1 BTB R . -5.04 -7.66 4.51
C2 BTB R . -2.63 -7.15 4.72
C3 BTB R . -1.45 -7.51 5.60
O3 BTB R . -0.39 -6.61 5.28
C4 BTB R . -2.96 -5.67 4.92
O4 BTB R . -1.80 -4.87 4.67
N BTB R . -2.15 -7.30 3.31
C5 BTB R . -1.80 -8.68 2.95
C6 BTB R . -0.35 -8.74 2.50
O6 BTB R . -0.11 -7.90 1.36
C7 BTB R . -3.04 -6.63 2.31
C8 BTB R . -2.32 -6.29 1.00
O8 BTB R . -1.82 -4.95 1.03
C1 BTB S . 56.87 1.87 16.76
O1 BTB S . 56.16 3.11 16.80
C2 BTB S . 57.11 1.42 15.32
C3 BTB S . 55.97 0.49 14.88
O3 BTB S . 56.44 -0.75 14.33
C4 BTB S . 58.43 0.68 15.24
O4 BTB S . 58.25 -0.67 14.78
N BTB S . 57.16 2.62 14.45
C5 BTB S . 58.43 3.32 14.68
C6 BTB S . 58.24 4.77 15.12
O6 BTB S . 57.52 5.51 14.12
C7 BTB S . 57.12 2.18 13.05
C8 BTB S . 56.62 3.27 12.10
O8 BTB S . 57.58 4.33 11.96
C1 BTB T . 12.82 10.04 -14.11
O1 BTB T . 11.44 9.75 -14.41
C2 BTB T . 13.10 10.55 -12.68
C3 BTB T . 14.58 10.97 -12.66
O3 BTB T . 14.94 11.66 -11.47
C4 BTB T . 12.87 9.48 -11.62
O4 BTB T . 13.91 8.50 -11.66
N BTB T . 12.26 11.73 -12.34
C5 BTB T . 12.32 12.73 -13.42
C6 BTB T . 12.85 14.05 -12.90
O6 BTB T . 11.88 14.68 -12.06
C7 BTB T . 10.85 11.35 -12.07
C8 BTB T . 10.16 12.33 -11.13
O8 BTB T . 11.05 12.59 -10.03
CL CL U . 24.00 8.09 11.69
GD GD V . 0.06 -5.72 2.90
C1 BTB W . 11.44 -4.00 -4.90
O1 BTB W . 10.28 -3.33 -4.42
C2 BTB W . 12.08 -3.14 -5.97
C3 BTB W . 12.41 -1.76 -5.40
O3 BTB W . 13.60 -1.12 -5.87
C4 BTB W . 11.03 -2.95 -7.08
O4 BTB W . 11.49 -2.93 -8.44
N BTB W . 13.30 -3.92 -6.34
C5 BTB W . 14.21 -4.08 -5.19
C6 BTB W . 15.53 -3.35 -5.45
O6 BTB W . 15.84 -3.34 -6.85
C7 BTB W . 12.92 -5.24 -6.82
C8 BTB W . 13.41 -5.33 -8.25
O8 BTB W . 14.68 -4.67 -8.31
GD GD X . 13.94 -2.00 -8.40
CHA HEM Y . -7.79 -33.36 -1.70
CHB HEM Y . -3.49 -33.94 -3.93
CHC HEM Y . -2.61 -37.67 -1.04
CHD HEM Y . -7.30 -37.86 0.20
C1A HEM Y . -6.68 -33.15 -2.50
C2A HEM Y . -6.41 -32.00 -3.36
C3A HEM Y . -5.22 -32.17 -3.94
C4A HEM Y . -4.69 -33.43 -3.50
CMA HEM Y . -4.53 -31.22 -4.92
CAA HEM Y . -7.26 -30.73 -3.53
CBA HEM Y . -7.30 -30.10 -2.14
CGA HEM Y . -7.38 -28.61 -2.21
O1A HEM Y . -6.87 -28.02 -3.19
O2A HEM Y . -7.93 -27.99 -1.25
C1B HEM Y . -2.85 -35.00 -3.37
C2B HEM Y . -1.56 -35.52 -3.75
C3B HEM Y . -1.29 -36.57 -2.95
C4B HEM Y . -2.42 -36.72 -2.04
CMB HEM Y . -0.65 -34.95 -4.88
CAB HEM Y . 0.03 -37.41 -3.04
CBB HEM Y . 0.27 -38.51 -2.33
C1C HEM Y . -3.79 -38.02 -0.44
C2C HEM Y . -3.94 -39.04 0.59
C3C HEM Y . -5.24 -39.10 0.94
C4C HEM Y . -5.95 -38.12 0.15
CMC HEM Y . -2.74 -39.86 1.10
CAC HEM Y . -5.98 -40.01 1.96
CBC HEM Y . -5.45 -41.05 2.60
C1D HEM Y . -7.88 -36.65 -0.11
C2D HEM Y . -9.20 -36.20 0.29
C3D HEM Y . -9.34 -34.80 -0.31
C4D HEM Y . -8.10 -34.53 -1.00
CMD HEM Y . -10.26 -36.94 1.13
CAD HEM Y . -10.56 -33.87 -0.17
CBD HEM Y . -10.21 -33.05 1.06
CGD HEM Y . -11.27 -32.03 1.32
O1D HEM Y . -12.27 -32.02 0.57
O2D HEM Y . -11.11 -31.23 2.29
NA HEM Y . -5.60 -34.01 -2.63
NB HEM Y . -3.36 -35.75 -2.34
NC HEM Y . -5.04 -37.50 -0.68
ND HEM Y . -7.29 -35.64 -0.86
FE HEM Y . -5.53 -35.90 -1.83
N1 H4B Z . -10.66 -26.71 -5.63
C2 H4B Z . -9.72 -27.05 -4.70
N2 H4B Z . -8.78 -27.99 -5.02
N3 H4B Z . -9.74 -26.47 -3.47
C4 H4B Z . -10.68 -25.54 -3.16
O4 H4B Z . -10.69 -24.99 -2.02
C4A H4B Z . -11.64 -25.20 -4.10
C8A H4B Z . -11.63 -25.80 -5.36
N5 H4B Z . -12.60 -24.29 -3.83
N8 H4B Z . -12.54 -25.49 -6.31
C6 H4B Z . -13.85 -24.46 -4.53
C7 H4B Z . -13.58 -24.49 -6.04
C9 H4B Z . -14.91 -23.47 -4.05
O9 H4B Z . -14.34 -22.19 -3.74
C10 H4B Z . -16.05 -23.30 -5.04
C11 H4B Z . -17.20 -22.53 -4.40
O10 H4B Z . -16.52 -24.58 -5.50
C14 9OG AA . -8.98 -28.44 2.51
C12 9OG AA . -7.03 -29.38 1.48
C11 9OG AA . -3.97 -35.30 1.66
C10 9OG AA . -4.32 -31.77 0.32
C15 9OG AA . -10.25 -27.99 1.76
N28 9OG AA . -14.26 -24.65 6.03
C27 9OG AA . -13.56 -25.29 5.34
C24 9OG AA . -12.78 -25.85 4.46
C23 9OG AA . -11.53 -25.35 4.15
C22 9OG AA . -10.72 -26.07 3.27
C25 9OG AA . -13.20 -27.05 3.96
C26 9OG AA . -12.40 -27.76 3.07
C21 9OG AA . -11.15 -27.27 2.72
N13 9OG AA . -8.42 -29.66 1.89
C08 9OG AA . -6.19 -30.64 1.36
C07 9OG AA . -6.45 -31.80 2.08
C09 9OG AA . -5.11 -30.65 0.47
C05 9OG AA . -4.57 -32.92 1.04
C06 9OG AA . -5.64 -32.93 1.93
N01 9OG AA . -3.29 -31.73 -0.55
C02 9OG AA . -2.49 -32.78 -0.75
N02 9OG AA . -1.48 -32.65 -1.66
C03 9OG AA . -2.69 -33.96 -0.04
C04 9OG AA . -3.73 -34.04 0.88
C1 BTB BA . -4.96 -1.87 -5.23
O1 BTB BA . -3.92 -2.70 -5.72
C2 BTB BA . -4.43 -0.44 -5.13
C3 BTB BA . -3.08 -0.44 -4.45
O3 BTB BA . -3.25 -1.15 -3.23
C4 BTB BA . -5.35 0.31 -4.20
O4 BTB BA . -5.58 -0.61 -3.13
N BTB BA . -4.40 0.25 -6.44
C5 BTB BA . -3.02 0.58 -6.81
C6 BTB BA . -3.10 1.63 -7.90
O6 BTB BA . -3.48 2.86 -7.29
C7 BTB BA . -4.95 -0.56 -7.55
C8 BTB BA . -6.38 -0.15 -7.91
O8 BTB BA . -7.25 -0.55 -6.85
C1 BTB CA . -9.53 -40.53 33.72
O1 BTB CA . -10.23 -41.71 34.17
C2 BTB CA . -9.82 -39.37 34.67
C3 BTB CA . -8.59 -39.11 35.54
O3 BTB CA . -8.24 -40.33 36.21
C4 BTB CA . -11.02 -39.73 35.55
O4 BTB CA . -11.00 -39.07 36.84
N BTB CA . -10.13 -38.14 33.89
C5 BTB CA . -11.27 -38.53 33.02
C6 BTB CA . -12.07 -37.37 32.43
O6 BTB CA . -13.11 -37.01 33.35
C7 BTB CA . -10.44 -37.04 34.81
C8 BTB CA . -9.84 -35.69 34.42
O8 BTB CA . -10.93 -34.83 34.05
C1 GOL DA . -0.59 -55.40 15.26
O1 GOL DA . -1.02 -54.06 15.41
C2 GOL DA . 0.19 -55.45 13.96
O2 GOL DA . 0.14 -54.16 13.44
C3 GOL DA . -0.50 -56.40 12.99
O3 GOL DA . 0.28 -56.42 11.81
CL CL EA . -2.58 -26.53 2.52
ZN ZN FA . -24.86 -31.23 -10.03
CHA HEM GA . -21.46 -17.79 -22.76
CHB HEM GA . -19.07 -13.58 -22.47
CHC HEM GA . -22.62 -11.06 -24.53
CHD HEM GA . -25.34 -15.04 -24.13
C1A HEM GA . -20.43 -16.89 -22.61
C2A HEM GA . -19.03 -17.18 -22.33
C3A HEM GA . -18.39 -16.00 -22.26
C4A HEM GA . -19.34 -14.93 -22.49
CMA HEM GA . -16.89 -15.83 -21.99
CAA HEM GA . -18.35 -18.55 -22.16
CBA HEM GA . -18.39 -19.25 -23.51
CGA HEM GA . -17.14 -20.03 -23.81
O1A HEM GA . -16.12 -19.86 -23.08
O2A HEM GA . -17.13 -20.83 -24.79
C1B HEM GA . -19.80 -12.53 -23.00
C2B HEM GA . -19.38 -11.14 -23.09
C3B HEM GA . -20.36 -10.43 -23.64
C4B HEM GA . -21.43 -11.35 -23.95
CMB HEM GA . -18.05 -10.53 -22.61
CAB HEM GA . -20.29 -8.91 -23.91
CBB HEM GA . -21.37 -8.15 -24.05
C1C HEM GA . -23.66 -11.94 -24.65
C2C HEM GA . -24.90 -11.67 -25.33
C3C HEM GA . -25.67 -12.77 -25.23
C4C HEM GA . -24.92 -13.77 -24.47
CMC HEM GA . -25.17 -10.31 -26.02
CAC HEM GA . -27.11 -12.99 -25.76
CBC HEM GA . -27.94 -11.97 -26.00
C1D HEM GA . -24.57 -16.15 -23.81
C2D HEM GA . -25.03 -17.53 -23.79
C3D HEM GA . -23.83 -18.36 -23.36
C4D HEM GA . -22.74 -17.44 -23.16
CMD HEM GA . -26.39 -18.12 -24.11
CAD HEM GA . -23.85 -19.89 -23.22
CBD HEM GA . -23.49 -20.43 -24.59
CGD HEM GA . -23.54 -21.93 -24.60
O1D HEM GA . -24.19 -22.54 -23.69
O2D HEM GA . -22.92 -22.52 -25.54
NA HEM GA . -20.57 -15.52 -22.68
NB HEM GA . -21.07 -12.62 -23.54
NC HEM GA . -23.71 -13.22 -24.14
ND HEM GA . -23.22 -16.14 -23.42
FE HEM GA . -22.19 -14.37 -23.17
N1 H4B HA . -15.87 -22.93 -19.74
C2 H4B HA . -15.90 -22.05 -20.77
N2 H4B HA . -16.20 -20.76 -20.51
N3 H4B HA . -15.64 -22.47 -22.03
C4 H4B HA . -15.34 -23.78 -22.29
O4 H4B HA . -15.09 -24.13 -23.47
C4A H4B HA . -15.31 -24.69 -21.24
C8A H4B HA . -15.59 -24.23 -19.97
N5 H4B HA . -15.03 -26.01 -21.44
N8 H4B HA . -15.59 -25.06 -18.90
C6 H4B HA . -15.76 -26.84 -20.50
C7 H4B HA . -15.32 -26.48 -19.07
C9 H4B HA . -15.73 -28.32 -20.85
O9 H4B HA . -14.87 -28.55 -21.99
C10 H4B HA . -15.36 -29.21 -19.66
C11 H4B HA . -15.31 -30.68 -20.06
O10 H4B HA . -16.26 -29.06 -18.54
C14 9OG IA . -19.61 -22.17 -27.84
C12 9OG IA . -19.54 -20.04 -26.71
C11 9OG IA . -22.33 -13.98 -27.05
C10 9OG IA . -19.38 -16.29 -26.38
C15 9OG IA . -19.34 -23.22 -26.74
N28 9OG IA . -19.46 -29.25 -29.78
C27 9OG IA . -19.46 -28.22 -29.26
C24 9OG IA . -19.44 -27.07 -28.67
C23 9OG IA . -19.73 -25.91 -29.40
C22 9OG IA . -19.70 -24.68 -28.75
C25 9OG IA . -19.10 -26.98 -27.32
C26 9OG IA . -19.06 -25.74 -26.68
C21 9OG IA . -19.36 -24.59 -27.39
N13 9OG IA . -20.39 -20.99 -27.41
C08 9OG IA . -20.00 -18.60 -26.73
C07 9OG IA . -21.29 -18.19 -27.06
C09 9OG IA . -19.07 -17.64 -26.40
C05 9OG IA . -20.68 -15.87 -26.71
C06 9OG IA . -21.63 -16.83 -27.05
N01 9OG IA . -18.42 -15.40 -26.03
C02 9OG IA . -18.68 -14.07 -26.02
N02 9OG IA . -17.70 -13.21 -25.66
C03 9OG IA . -19.96 -13.60 -26.34
C04 9OG IA . -20.97 -14.51 -26.68
C1 BTB JA . 13.79 -2.39 -25.32
O1 BTB JA . 14.69 -2.77 -24.25
C2 BTB JA . 12.85 -3.54 -25.71
C3 BTB JA . 11.68 -2.97 -26.48
O3 BTB JA . 10.94 -4.06 -27.05
C4 BTB JA . 12.33 -4.25 -24.45
O4 BTB JA . 11.38 -5.30 -24.75
N BTB JA . 13.57 -4.52 -26.59
C5 BTB JA . 14.14 -3.88 -27.80
C6 BTB JA . 13.42 -4.32 -29.07
O6 BTB JA . 13.14 -5.73 -29.06
C7 BTB JA . 14.58 -5.32 -25.87
C8 BTB JA . 14.70 -6.69 -26.52
O8 BTB JA . 13.90 -7.61 -25.78
C1 BTB KA . -37.88 -25.97 -53.94
O1 BTB KA . -38.81 -27.05 -54.15
C2 BTB KA . -38.56 -24.72 -54.49
C3 BTB KA . -39.60 -24.25 -53.47
O3 BTB KA . -39.20 -24.70 -52.18
C4 BTB KA . -39.33 -25.07 -55.75
O4 BTB KA . -40.73 -24.90 -55.51
N BTB KA . -37.52 -23.68 -54.72
C5 BTB KA . -36.49 -24.17 -55.65
C6 BTB KA . -36.56 -23.60 -57.08
O6 BTB KA . -35.74 -22.43 -57.20
C7 BTB KA . -38.17 -22.45 -55.21
C8 BTB KA . -37.36 -21.20 -54.87
O8 BTB KA . -38.27 -20.10 -54.70
CL CL LA . -14.97 -17.78 -30.09
GD GD MA . 11.68 -6.55 -26.95
#